data_1AA2
# 
_entry.id   1AA2 
# 
_audit_conform.dict_name       mmcif_pdbx.dic 
_audit_conform.dict_version    5.385 
_audit_conform.dict_location   http://mmcif.pdb.org/dictionaries/ascii/mmcif_pdbx.dic 
# 
loop_
_database_2.database_id 
_database_2.database_code 
_database_2.pdbx_database_accession 
_database_2.pdbx_DOI 
PDB   1AA2         pdb_00001aa2 10.2210/pdb1aa2/pdb 
WWPDB D_1000170580 ?            ?                   
# 
loop_
_pdbx_audit_revision_history.ordinal 
_pdbx_audit_revision_history.data_content_type 
_pdbx_audit_revision_history.major_revision 
_pdbx_audit_revision_history.minor_revision 
_pdbx_audit_revision_history.revision_date 
1 'Structure model' 1 0 1998-02-04 
2 'Structure model' 1 1 2008-03-03 
3 'Structure model' 1 2 2011-07-13 
4 'Structure model' 1 3 2024-02-07 
# 
_pdbx_audit_revision_details.ordinal             1 
_pdbx_audit_revision_details.revision_ordinal    1 
_pdbx_audit_revision_details.data_content_type   'Structure model' 
_pdbx_audit_revision_details.provider            repository 
_pdbx_audit_revision_details.type                'Initial release' 
_pdbx_audit_revision_details.description         ? 
_pdbx_audit_revision_details.details             ? 
# 
loop_
_pdbx_audit_revision_group.ordinal 
_pdbx_audit_revision_group.revision_ordinal 
_pdbx_audit_revision_group.data_content_type 
_pdbx_audit_revision_group.group 
1 2 'Structure model' 'Version format compliance' 
2 3 'Structure model' 'Version format compliance' 
3 4 'Structure model' 'Data collection'           
4 4 'Structure model' 'Database references'       
# 
loop_
_pdbx_audit_revision_category.ordinal 
_pdbx_audit_revision_category.revision_ordinal 
_pdbx_audit_revision_category.data_content_type 
_pdbx_audit_revision_category.category 
1 4 'Structure model' chem_comp_atom 
2 4 'Structure model' chem_comp_bond 
3 4 'Structure model' database_2     
# 
loop_
_pdbx_audit_revision_item.ordinal 
_pdbx_audit_revision_item.revision_ordinal 
_pdbx_audit_revision_item.data_content_type 
_pdbx_audit_revision_item.item 
1 4 'Structure model' '_database_2.pdbx_DOI'                
2 4 'Structure model' '_database_2.pdbx_database_accession' 
# 
_pdbx_database_status.status_code                     REL 
_pdbx_database_status.entry_id                        1AA2 
_pdbx_database_status.recvd_initial_deposition_date   1997-01-21 
_pdbx_database_status.deposit_site                    ? 
_pdbx_database_status.process_site                    BNL 
_pdbx_database_status.status_code_sf                  REL 
_pdbx_database_status.status_code_mr                  ? 
_pdbx_database_status.SG_entry                        ? 
_pdbx_database_status.pdb_format_compatible           Y 
_pdbx_database_status.status_code_cs                  ? 
_pdbx_database_status.status_code_nmr_data            ? 
_pdbx_database_status.methods_development_category    ? 
# 
loop_
_audit_author.name 
_audit_author.pdbx_ordinal 
'Djinovic Carugo, K.' 1 
'Banuelos, S.'        2 
'Saraste, M.'         3 
# 
loop_
_citation.id 
_citation.title 
_citation.journal_abbrev 
_citation.journal_volume 
_citation.page_first 
_citation.page_last 
_citation.year 
_citation.journal_id_ASTM 
_citation.country 
_citation.journal_id_ISSN 
_citation.journal_id_CSD 
_citation.book_publisher 
_citation.pdbx_database_id_PubMed 
_citation.pdbx_database_id_DOI 
primary 'Crystal structure of a calponin homology domain.'                                                                
Nat.Struct.Biol.  4   175  179 1997 NSBIEW US 1072-8368 2024 ? 9164454 10.1038/nsb0397-175 
1       'Identification of a Phosphatidylinositol 4,5-Bisphosphate-Binding Site in Chicken Skeletal Muscle Alpha-Actinin' 
J.Biol.Chem.      271 2646 ?   1996 JBCHA3 US 0021-9258 0071 ? ?       ?                   
2       'Does Vav Bind to F-Actin Through a Ch Domain?'                                                                   
'FEBS Lett.'      374 149  ?   1995 FEBLAL NE 0014-5793 0165 ? ?       ?                   
3       'Actin-Binding Proteins 1: Spectrin Superfamily'                                                                  
'Protein Profile' 1   706  ?   1994 PPGIEO UK 1070-3667 2126 ? ?       ?                   
# 
loop_
_citation_author.citation_id 
_citation_author.name 
_citation_author.ordinal 
_citation_author.identifier_ORCID 
primary 'Djinovic Carugo, K.' 1  ? 
primary 'Banuelos, S.'        2  ? 
primary 'Saraste, M.'         3  ? 
1       'Fukami, K.'          4  ? 
1       'Sawada, N.'          5  ? 
1       'Endo, T.'            6  ? 
1       'Takenawa, T.'        7  ? 
2       'Castresana, J.'      8  ? 
2       'Saraste, M.'         9  ? 
3       'Hartwig, J.H.'       10 ? 
# 
loop_
_entity.id 
_entity.type 
_entity.src_method 
_entity.pdbx_description 
_entity.formula_weight 
_entity.pdbx_number_of_molecules 
_entity.pdbx_ec 
_entity.pdbx_mutation 
_entity.pdbx_fragment 
_entity.details 
1 polymer man BETA-SPECTRIN 12586.320 1   ? ? 'F-ACTIN BINDING DOMAIN RESIDUES 173 - 281' ? 
2 water   nat water         18.015    130 ? ? ?                                           ? 
# 
_entity_name_com.entity_id   1 
_entity_name_com.name        'CALPONIN HOMOLOGY (CH) DOMAIN' 
# 
_entity_poly.entity_id                      1 
_entity_poly.type                           'polypeptide(L)' 
_entity_poly.nstd_linkage                   no 
_entity_poly.nstd_monomer                   no 
_entity_poly.pdbx_seq_one_letter_code       
;KSAKDALLLWCQMKTAGYPNVNIHNFTTSWRDGMAFNALIHKHRPDLIDFDKLKKSNAHYNLQNAFNLAEQHLGLTKLLD
PEDISVDHPDEKSIITYVVTYYHYFSKM
;
_entity_poly.pdbx_seq_one_letter_code_can   
;KSAKDALLLWCQMKTAGYPNVNIHNFTTSWRDGMAFNALIHKHRPDLIDFDKLKKSNAHYNLQNAFNLAEQHLGLTKLLD
PEDISVDHPDEKSIITYVVTYYHYFSKM
;
_entity_poly.pdbx_strand_id                 A 
_entity_poly.pdbx_target_identifier         ? 
# 
_pdbx_entity_nonpoly.entity_id   2 
_pdbx_entity_nonpoly.name        water 
_pdbx_entity_nonpoly.comp_id     HOH 
# 
loop_
_entity_poly_seq.entity_id 
_entity_poly_seq.num 
_entity_poly_seq.mon_id 
_entity_poly_seq.hetero 
1 1   LYS n 
1 2   SER n 
1 3   ALA n 
1 4   LYS n 
1 5   ASP n 
1 6   ALA n 
1 7   LEU n 
1 8   LEU n 
1 9   LEU n 
1 10  TRP n 
1 11  CYS n 
1 12  GLN n 
1 13  MET n 
1 14  LYS n 
1 15  THR n 
1 16  ALA n 
1 17  GLY n 
1 18  TYR n 
1 19  PRO n 
1 20  ASN n 
1 21  VAL n 
1 22  ASN n 
1 23  ILE n 
1 24  HIS n 
1 25  ASN n 
1 26  PHE n 
1 27  THR n 
1 28  THR n 
1 29  SER n 
1 30  TRP n 
1 31  ARG n 
1 32  ASP n 
1 33  GLY n 
1 34  MET n 
1 35  ALA n 
1 36  PHE n 
1 37  ASN n 
1 38  ALA n 
1 39  LEU n 
1 40  ILE n 
1 41  HIS n 
1 42  LYS n 
1 43  HIS n 
1 44  ARG n 
1 45  PRO n 
1 46  ASP n 
1 47  LEU n 
1 48  ILE n 
1 49  ASP n 
1 50  PHE n 
1 51  ASP n 
1 52  LYS n 
1 53  LEU n 
1 54  LYS n 
1 55  LYS n 
1 56  SER n 
1 57  ASN n 
1 58  ALA n 
1 59  HIS n 
1 60  TYR n 
1 61  ASN n 
1 62  LEU n 
1 63  GLN n 
1 64  ASN n 
1 65  ALA n 
1 66  PHE n 
1 67  ASN n 
1 68  LEU n 
1 69  ALA n 
1 70  GLU n 
1 71  GLN n 
1 72  HIS n 
1 73  LEU n 
1 74  GLY n 
1 75  LEU n 
1 76  THR n 
1 77  LYS n 
1 78  LEU n 
1 79  LEU n 
1 80  ASP n 
1 81  PRO n 
1 82  GLU n 
1 83  ASP n 
1 84  ILE n 
1 85  SER n 
1 86  VAL n 
1 87  ASP n 
1 88  HIS n 
1 89  PRO n 
1 90  ASP n 
1 91  GLU n 
1 92  LYS n 
1 93  SER n 
1 94  ILE n 
1 95  ILE n 
1 96  THR n 
1 97  TYR n 
1 98  VAL n 
1 99  VAL n 
1 100 THR n 
1 101 TYR n 
1 102 TYR n 
1 103 HIS n 
1 104 TYR n 
1 105 PHE n 
1 106 SER n 
1 107 LYS n 
1 108 MET n 
# 
_entity_src_gen.entity_id                          1 
_entity_src_gen.pdbx_src_id                        1 
_entity_src_gen.pdbx_alt_source_flag               sample 
_entity_src_gen.pdbx_seq_type                      ? 
_entity_src_gen.pdbx_beg_seq_num                   ? 
_entity_src_gen.pdbx_end_seq_num                   ? 
_entity_src_gen.gene_src_common_name               human 
_entity_src_gen.gene_src_genus                     Homo 
_entity_src_gen.pdbx_gene_src_gene                 ? 
_entity_src_gen.gene_src_species                   ? 
_entity_src_gen.gene_src_strain                    ? 
_entity_src_gen.gene_src_tissue                    ? 
_entity_src_gen.gene_src_tissue_fraction           ? 
_entity_src_gen.gene_src_details                   ? 
_entity_src_gen.pdbx_gene_src_fragment             ? 
_entity_src_gen.pdbx_gene_src_scientific_name      'Homo sapiens' 
_entity_src_gen.pdbx_gene_src_ncbi_taxonomy_id     9606 
_entity_src_gen.pdbx_gene_src_variant              ? 
_entity_src_gen.pdbx_gene_src_cell_line            ? 
_entity_src_gen.pdbx_gene_src_atcc                 ? 
_entity_src_gen.pdbx_gene_src_organ                ? 
_entity_src_gen.pdbx_gene_src_organelle            NON-ERYTHROCYTE 
_entity_src_gen.pdbx_gene_src_cell                 ? 
_entity_src_gen.pdbx_gene_src_cellular_location    ? 
_entity_src_gen.host_org_common_name               ? 
_entity_src_gen.pdbx_host_org_scientific_name      'Escherichia coli BL21' 
_entity_src_gen.pdbx_host_org_ncbi_taxonomy_id     511693 
_entity_src_gen.host_org_genus                     Escherichia 
_entity_src_gen.pdbx_host_org_gene                 ? 
_entity_src_gen.pdbx_host_org_organ                ? 
_entity_src_gen.host_org_species                   'Escherichia coli' 
_entity_src_gen.pdbx_host_org_tissue               ? 
_entity_src_gen.pdbx_host_org_tissue_fraction      ? 
_entity_src_gen.pdbx_host_org_strain               BL21 
_entity_src_gen.pdbx_host_org_variant              ? 
_entity_src_gen.pdbx_host_org_cell_line            ? 
_entity_src_gen.pdbx_host_org_atcc                 ? 
_entity_src_gen.pdbx_host_org_culture_collection   ? 
_entity_src_gen.pdbx_host_org_cell                 ? 
_entity_src_gen.pdbx_host_org_organelle            ? 
_entity_src_gen.pdbx_host_org_cellular_location    ? 
_entity_src_gen.pdbx_host_org_vector_type          BACTERIUM 
_entity_src_gen.pdbx_host_org_vector               'ESCHERICHIA COLI' 
_entity_src_gen.host_org_details                   ? 
_entity_src_gen.expression_system_id               ? 
_entity_src_gen.plasmid_name                       PBAT4 
_entity_src_gen.plasmid_details                    ? 
_entity_src_gen.pdbx_description                   ? 
# 
loop_
_chem_comp.id 
_chem_comp.type 
_chem_comp.mon_nstd_flag 
_chem_comp.name 
_chem_comp.pdbx_synonyms 
_chem_comp.formula 
_chem_comp.formula_weight 
ALA 'L-peptide linking' y ALANINE         ? 'C3 H7 N O2'     89.093  
ARG 'L-peptide linking' y ARGININE        ? 'C6 H15 N4 O2 1' 175.209 
ASN 'L-peptide linking' y ASPARAGINE      ? 'C4 H8 N2 O3'    132.118 
ASP 'L-peptide linking' y 'ASPARTIC ACID' ? 'C4 H7 N O4'     133.103 
CYS 'L-peptide linking' y CYSTEINE        ? 'C3 H7 N O2 S'   121.158 
GLN 'L-peptide linking' y GLUTAMINE       ? 'C5 H10 N2 O3'   146.144 
GLU 'L-peptide linking' y 'GLUTAMIC ACID' ? 'C5 H9 N O4'     147.129 
GLY 'peptide linking'   y GLYCINE         ? 'C2 H5 N O2'     75.067  
HIS 'L-peptide linking' y HISTIDINE       ? 'C6 H10 N3 O2 1' 156.162 
HOH non-polymer         . WATER           ? 'H2 O'           18.015  
ILE 'L-peptide linking' y ISOLEUCINE      ? 'C6 H13 N O2'    131.173 
LEU 'L-peptide linking' y LEUCINE         ? 'C6 H13 N O2'    131.173 
LYS 'L-peptide linking' y LYSINE          ? 'C6 H15 N2 O2 1' 147.195 
MET 'L-peptide linking' y METHIONINE      ? 'C5 H11 N O2 S'  149.211 
PHE 'L-peptide linking' y PHENYLALANINE   ? 'C9 H11 N O2'    165.189 
PRO 'L-peptide linking' y PROLINE         ? 'C5 H9 N O2'     115.130 
SER 'L-peptide linking' y SERINE          ? 'C3 H7 N O3'     105.093 
THR 'L-peptide linking' y THREONINE       ? 'C4 H9 N O3'     119.119 
TRP 'L-peptide linking' y TRYPTOPHAN      ? 'C11 H12 N2 O2'  204.225 
TYR 'L-peptide linking' y TYROSINE        ? 'C9 H11 N O3'    181.189 
VAL 'L-peptide linking' y VALINE          ? 'C5 H11 N O2'    117.146 
# 
loop_
_pdbx_poly_seq_scheme.asym_id 
_pdbx_poly_seq_scheme.entity_id 
_pdbx_poly_seq_scheme.seq_id 
_pdbx_poly_seq_scheme.mon_id 
_pdbx_poly_seq_scheme.ndb_seq_num 
_pdbx_poly_seq_scheme.pdb_seq_num 
_pdbx_poly_seq_scheme.auth_seq_num 
_pdbx_poly_seq_scheme.pdb_mon_id 
_pdbx_poly_seq_scheme.auth_mon_id 
_pdbx_poly_seq_scheme.pdb_strand_id 
_pdbx_poly_seq_scheme.pdb_ins_code 
_pdbx_poly_seq_scheme.hetero 
A 1 1   LYS 1   2   2   LYS LYS A . n 
A 1 2   SER 2   3   3   SER SER A . n 
A 1 3   ALA 3   4   4   ALA ALA A . n 
A 1 4   LYS 4   5   5   LYS LYS A . n 
A 1 5   ASP 5   6   6   ASP ASP A . n 
A 1 6   ALA 6   7   7   ALA ALA A . n 
A 1 7   LEU 7   8   8   LEU LEU A . n 
A 1 8   LEU 8   9   9   LEU LEU A . n 
A 1 9   LEU 9   10  10  LEU LEU A . n 
A 1 10  TRP 10  11  11  TRP TRP A . n 
A 1 11  CYS 11  12  12  CYS CYS A . n 
A 1 12  GLN 12  13  13  GLN GLN A . n 
A 1 13  MET 13  14  14  MET MET A . n 
A 1 14  LYS 14  15  15  LYS LYS A . n 
A 1 15  THR 15  16  16  THR THR A . n 
A 1 16  ALA 16  17  17  ALA ALA A . n 
A 1 17  GLY 17  18  18  GLY GLY A . n 
A 1 18  TYR 18  19  19  TYR TYR A . n 
A 1 19  PRO 19  20  20  PRO PRO A . n 
A 1 20  ASN 20  21  21  ASN ASN A . n 
A 1 21  VAL 21  22  22  VAL VAL A . n 
A 1 22  ASN 22  23  23  ASN ASN A . n 
A 1 23  ILE 23  24  24  ILE ILE A . n 
A 1 24  HIS 24  25  25  HIS HIS A . n 
A 1 25  ASN 25  26  26  ASN ASN A . n 
A 1 26  PHE 26  27  27  PHE PHE A . n 
A 1 27  THR 27  28  28  THR THR A . n 
A 1 28  THR 28  29  29  THR THR A . n 
A 1 29  SER 29  30  30  SER SER A . n 
A 1 30  TRP 30  31  31  TRP TRP A . n 
A 1 31  ARG 31  32  32  ARG ARG A . n 
A 1 32  ASP 32  33  33  ASP ASP A . n 
A 1 33  GLY 33  34  34  GLY GLY A . n 
A 1 34  MET 34  35  35  MET MET A . n 
A 1 35  ALA 35  36  36  ALA ALA A . n 
A 1 36  PHE 36  37  37  PHE PHE A . n 
A 1 37  ASN 37  38  38  ASN ASN A . n 
A 1 38  ALA 38  39  39  ALA ALA A . n 
A 1 39  LEU 39  40  40  LEU LEU A . n 
A 1 40  ILE 40  41  41  ILE ILE A . n 
A 1 41  HIS 41  42  42  HIS HIS A . n 
A 1 42  LYS 42  43  43  LYS LYS A . n 
A 1 43  HIS 43  44  44  HIS HIS A . n 
A 1 44  ARG 44  45  45  ARG ARG A . n 
A 1 45  PRO 45  46  46  PRO PRO A . n 
A 1 46  ASP 46  47  47  ASP ASP A . n 
A 1 47  LEU 47  48  48  LEU LEU A . n 
A 1 48  ILE 48  49  49  ILE ILE A . n 
A 1 49  ASP 49  50  50  ASP ASP A . n 
A 1 50  PHE 50  51  51  PHE PHE A . n 
A 1 51  ASP 51  52  52  ASP ASP A . n 
A 1 52  LYS 52  53  53  LYS LYS A . n 
A 1 53  LEU 53  54  54  LEU LEU A . n 
A 1 54  LYS 54  55  55  LYS LYS A . n 
A 1 55  LYS 55  56  56  LYS LYS A . n 
A 1 56  SER 56  57  57  SER SER A . n 
A 1 57  ASN 57  58  58  ASN ASN A . n 
A 1 58  ALA 58  59  59  ALA ALA A . n 
A 1 59  HIS 59  60  60  HIS HIS A . n 
A 1 60  TYR 60  61  61  TYR TYR A . n 
A 1 61  ASN 61  62  62  ASN ASN A . n 
A 1 62  LEU 62  63  63  LEU LEU A . n 
A 1 63  GLN 63  64  64  GLN GLN A . n 
A 1 64  ASN 64  65  65  ASN ASN A . n 
A 1 65  ALA 65  66  66  ALA ALA A . n 
A 1 66  PHE 66  67  67  PHE PHE A . n 
A 1 67  ASN 67  68  68  ASN ASN A . n 
A 1 68  LEU 68  69  69  LEU LEU A . n 
A 1 69  ALA 69  70  70  ALA ALA A . n 
A 1 70  GLU 70  71  71  GLU GLU A . n 
A 1 71  GLN 71  72  72  GLN GLN A . n 
A 1 72  HIS 72  73  73  HIS HIS A . n 
A 1 73  LEU 73  74  74  LEU LEU A . n 
A 1 74  GLY 74  75  75  GLY GLY A . n 
A 1 75  LEU 75  76  76  LEU LEU A . n 
A 1 76  THR 76  77  77  THR THR A . n 
A 1 77  LYS 77  78  78  LYS LYS A . n 
A 1 78  LEU 78  79  79  LEU LEU A . n 
A 1 79  LEU 79  80  80  LEU LEU A . n 
A 1 80  ASP 80  81  81  ASP ASP A . n 
A 1 81  PRO 81  82  82  PRO PRO A . n 
A 1 82  GLU 82  83  83  GLU GLU A . n 
A 1 83  ASP 83  84  84  ASP ASP A . n 
A 1 84  ILE 84  85  85  ILE ILE A . n 
A 1 85  SER 85  86  86  SER SER A . n 
A 1 86  VAL 86  87  87  VAL VAL A . n 
A 1 87  ASP 87  88  88  ASP ASP A . n 
A 1 88  HIS 88  89  89  HIS HIS A . n 
A 1 89  PRO 89  90  90  PRO PRO A . n 
A 1 90  ASP 90  91  91  ASP ASP A . n 
A 1 91  GLU 91  92  92  GLU GLU A . n 
A 1 92  LYS 92  93  93  LYS LYS A . n 
A 1 93  SER 93  94  94  SER SER A . n 
A 1 94  ILE 94  95  95  ILE ILE A . n 
A 1 95  ILE 95  96  96  ILE ILE A . n 
A 1 96  THR 96  97  97  THR THR A . n 
A 1 97  TYR 97  98  98  TYR TYR A . n 
A 1 98  VAL 98  99  99  VAL VAL A . n 
A 1 99  VAL 99  100 100 VAL VAL A . n 
A 1 100 THR 100 101 101 THR THR A . n 
A 1 101 TYR 101 102 102 TYR TYR A . n 
A 1 102 TYR 102 103 103 TYR TYR A . n 
A 1 103 HIS 103 104 104 HIS HIS A . n 
A 1 104 TYR 104 105 105 TYR TYR A . n 
A 1 105 PHE 105 106 106 PHE PHE A . n 
A 1 106 SER 106 107 107 SER SER A . n 
A 1 107 LYS 107 108 108 LYS LYS A . n 
A 1 108 MET 108 109 109 MET MET A . n 
# 
loop_
_pdbx_nonpoly_scheme.asym_id 
_pdbx_nonpoly_scheme.entity_id 
_pdbx_nonpoly_scheme.mon_id 
_pdbx_nonpoly_scheme.ndb_seq_num 
_pdbx_nonpoly_scheme.pdb_seq_num 
_pdbx_nonpoly_scheme.auth_seq_num 
_pdbx_nonpoly_scheme.pdb_mon_id 
_pdbx_nonpoly_scheme.auth_mon_id 
_pdbx_nonpoly_scheme.pdb_strand_id 
_pdbx_nonpoly_scheme.pdb_ins_code 
B 2 HOH 1   110 1   HOH HOH A . 
B 2 HOH 2   111 2   HOH HOH A . 
B 2 HOH 3   112 3   HOH HOH A . 
B 2 HOH 4   113 4   HOH HOH A . 
B 2 HOH 5   114 5   HOH HOH A . 
B 2 HOH 6   115 6   HOH HOH A . 
B 2 HOH 7   116 7   HOH HOH A . 
B 2 HOH 8   117 8   HOH HOH A . 
B 2 HOH 9   118 9   HOH HOH A . 
B 2 HOH 10  119 10  HOH HOH A . 
B 2 HOH 11  120 11  HOH HOH A . 
B 2 HOH 12  121 12  HOH HOH A . 
B 2 HOH 13  122 13  HOH HOH A . 
B 2 HOH 14  123 14  HOH HOH A . 
B 2 HOH 15  124 15  HOH HOH A . 
B 2 HOH 16  125 16  HOH HOH A . 
B 2 HOH 17  126 17  HOH HOH A . 
B 2 HOH 18  127 18  HOH HOH A . 
B 2 HOH 19  128 19  HOH HOH A . 
B 2 HOH 20  129 20  HOH HOH A . 
B 2 HOH 21  130 21  HOH HOH A . 
B 2 HOH 22  131 22  HOH HOH A . 
B 2 HOH 23  132 23  HOH HOH A . 
B 2 HOH 24  133 24  HOH HOH A . 
B 2 HOH 25  134 25  HOH HOH A . 
B 2 HOH 26  135 26  HOH HOH A . 
B 2 HOH 27  136 27  HOH HOH A . 
B 2 HOH 28  137 28  HOH HOH A . 
B 2 HOH 29  138 29  HOH HOH A . 
B 2 HOH 30  139 30  HOH HOH A . 
B 2 HOH 31  140 31  HOH HOH A . 
B 2 HOH 32  141 32  HOH HOH A . 
B 2 HOH 33  142 33  HOH HOH A . 
B 2 HOH 34  143 34  HOH HOH A . 
B 2 HOH 35  144 35  HOH HOH A . 
B 2 HOH 36  145 36  HOH HOH A . 
B 2 HOH 37  146 37  HOH HOH A . 
B 2 HOH 38  147 38  HOH HOH A . 
B 2 HOH 39  148 39  HOH HOH A . 
B 2 HOH 40  149 40  HOH HOH A . 
B 2 HOH 41  150 41  HOH HOH A . 
B 2 HOH 42  151 42  HOH HOH A . 
B 2 HOH 43  152 43  HOH HOH A . 
B 2 HOH 44  153 44  HOH HOH A . 
B 2 HOH 45  154 45  HOH HOH A . 
B 2 HOH 46  155 46  HOH HOH A . 
B 2 HOH 47  156 47  HOH HOH A . 
B 2 HOH 48  157 48  HOH HOH A . 
B 2 HOH 49  158 49  HOH HOH A . 
B 2 HOH 50  159 50  HOH HOH A . 
B 2 HOH 51  160 51  HOH HOH A . 
B 2 HOH 52  161 52  HOH HOH A . 
B 2 HOH 53  162 53  HOH HOH A . 
B 2 HOH 54  163 54  HOH HOH A . 
B 2 HOH 55  164 55  HOH HOH A . 
B 2 HOH 56  165 56  HOH HOH A . 
B 2 HOH 57  166 57  HOH HOH A . 
B 2 HOH 58  167 58  HOH HOH A . 
B 2 HOH 59  168 59  HOH HOH A . 
B 2 HOH 60  169 60  HOH HOH A . 
B 2 HOH 61  170 61  HOH HOH A . 
B 2 HOH 62  171 62  HOH HOH A . 
B 2 HOH 63  172 63  HOH HOH A . 
B 2 HOH 64  173 64  HOH HOH A . 
B 2 HOH 65  174 65  HOH HOH A . 
B 2 HOH 66  175 66  HOH HOH A . 
B 2 HOH 67  176 67  HOH HOH A . 
B 2 HOH 68  177 68  HOH HOH A . 
B 2 HOH 69  178 69  HOH HOH A . 
B 2 HOH 70  179 70  HOH HOH A . 
B 2 HOH 71  180 71  HOH HOH A . 
B 2 HOH 72  181 72  HOH HOH A . 
B 2 HOH 73  182 73  HOH HOH A . 
B 2 HOH 74  183 74  HOH HOH A . 
B 2 HOH 75  184 75  HOH HOH A . 
B 2 HOH 76  185 76  HOH HOH A . 
B 2 HOH 77  186 77  HOH HOH A . 
B 2 HOH 78  187 78  HOH HOH A . 
B 2 HOH 79  188 79  HOH HOH A . 
B 2 HOH 80  189 80  HOH HOH A . 
B 2 HOH 81  190 81  HOH HOH A . 
B 2 HOH 82  191 82  HOH HOH A . 
B 2 HOH 83  192 83  HOH HOH A . 
B 2 HOH 84  193 84  HOH HOH A . 
B 2 HOH 85  194 85  HOH HOH A . 
B 2 HOH 86  195 86  HOH HOH A . 
B 2 HOH 87  196 87  HOH HOH A . 
B 2 HOH 88  197 88  HOH HOH A . 
B 2 HOH 89  198 89  HOH HOH A . 
B 2 HOH 90  199 90  HOH HOH A . 
B 2 HOH 91  200 91  HOH HOH A . 
B 2 HOH 92  201 92  HOH HOH A . 
B 2 HOH 93  202 93  HOH HOH A . 
B 2 HOH 94  203 94  HOH HOH A . 
B 2 HOH 95  204 95  HOH HOH A . 
B 2 HOH 96  205 96  HOH HOH A . 
B 2 HOH 97  206 97  HOH HOH A . 
B 2 HOH 98  207 98  HOH HOH A . 
B 2 HOH 99  208 99  HOH HOH A . 
B 2 HOH 100 209 100 HOH HOH A . 
B 2 HOH 101 210 101 HOH HOH A . 
B 2 HOH 102 211 102 HOH HOH A . 
B 2 HOH 103 212 103 HOH HOH A . 
B 2 HOH 104 213 104 HOH HOH A . 
B 2 HOH 105 214 105 HOH HOH A . 
B 2 HOH 106 215 106 HOH HOH A . 
B 2 HOH 107 216 107 HOH HOH A . 
B 2 HOH 108 217 108 HOH HOH A . 
B 2 HOH 109 218 109 HOH HOH A . 
B 2 HOH 110 219 110 HOH HOH A . 
B 2 HOH 111 220 111 HOH HOH A . 
B 2 HOH 112 221 112 HOH HOH A . 
B 2 HOH 113 222 113 HOH HOH A . 
B 2 HOH 114 223 114 HOH HOH A . 
B 2 HOH 115 224 115 HOH HOH A . 
B 2 HOH 116 225 116 HOH HOH A . 
B 2 HOH 117 226 117 HOH HOH A . 
B 2 HOH 118 227 118 HOH HOH A . 
B 2 HOH 119 228 119 HOH HOH A . 
B 2 HOH 120 229 120 HOH HOH A . 
B 2 HOH 121 230 121 HOH HOH A . 
B 2 HOH 122 231 122 HOH HOH A . 
B 2 HOH 123 232 123 HOH HOH A . 
B 2 HOH 124 233 124 HOH HOH A . 
B 2 HOH 125 234 125 HOH HOH A . 
B 2 HOH 126 235 126 HOH HOH A . 
B 2 HOH 127 236 127 HOH HOH A . 
B 2 HOH 128 237 128 HOH HOH A . 
B 2 HOH 129 238 130 HOH HOH A . 
B 2 HOH 130 239 131 HOH HOH A . 
# 
loop_
_pdbx_unobs_or_zero_occ_atoms.id 
_pdbx_unobs_or_zero_occ_atoms.PDB_model_num 
_pdbx_unobs_or_zero_occ_atoms.polymer_flag 
_pdbx_unobs_or_zero_occ_atoms.occupancy_flag 
_pdbx_unobs_or_zero_occ_atoms.auth_asym_id 
_pdbx_unobs_or_zero_occ_atoms.auth_comp_id 
_pdbx_unobs_or_zero_occ_atoms.auth_seq_id 
_pdbx_unobs_or_zero_occ_atoms.PDB_ins_code 
_pdbx_unobs_or_zero_occ_atoms.auth_atom_id 
_pdbx_unobs_or_zero_occ_atoms.label_alt_id 
_pdbx_unobs_or_zero_occ_atoms.label_asym_id 
_pdbx_unobs_or_zero_occ_atoms.label_comp_id 
_pdbx_unobs_or_zero_occ_atoms.label_seq_id 
_pdbx_unobs_or_zero_occ_atoms.label_atom_id 
1  1 Y 0 A LYS 5   ? CG  ? A LYS 4   CG  
2  1 Y 0 A LYS 5   ? NZ  ? A LYS 4   NZ  
3  1 Y 0 A PRO 20  ? CG  ? A PRO 19  CG  
4  1 Y 0 A ARG 32  ? NH1 ? A ARG 31  NH1 
5  1 Y 0 A ARG 32  ? NH2 ? A ARG 31  NH2 
6  1 Y 0 A GLN 64  ? CD  ? A GLN 63  CD  
7  1 Y 0 A GLN 64  ? OE1 ? A GLN 63  OE1 
8  1 Y 0 A GLN 64  ? NE2 ? A GLN 63  NE2 
9  1 Y 0 A LYS 78  ? CD  ? A LYS 77  CD  
10 1 Y 0 A LYS 78  ? NZ  ? A LYS 77  NZ  
11 1 Y 0 A LYS 93  ? NZ  ? A LYS 92  NZ  
12 1 Y 0 A LYS 108 ? CE  ? A LYS 107 CE  
13 1 Y 0 A LYS 108 ? NZ  ? A LYS 107 NZ  
# 
loop_
_software.name 
_software.classification 
_software.version 
_software.citation_id 
_software.pdbx_ordinal 
PHASES    phasing          .  ? 1 
TNT       refinement       5E ? 2 
DENZO     'data reduction' .  ? 3 
SCALEPACK 'data scaling'   .  ? 4 
# 
_cell.entry_id           1AA2 
_cell.length_a           31.471 
_cell.length_b           53.685 
_cell.length_c           32.197 
_cell.angle_alpha        90.00 
_cell.angle_beta         106.25 
_cell.angle_gamma        90.00 
_cell.Z_PDB              2 
_cell.pdbx_unique_axis   ? 
# 
_symmetry.entry_id                         1AA2 
_symmetry.space_group_name_H-M             'P 1 21 1' 
_symmetry.pdbx_full_space_group_name_H-M   ? 
_symmetry.cell_setting                     ? 
_symmetry.Int_Tables_number                4 
# 
_exptl.entry_id          1AA2 
_exptl.method            'X-RAY DIFFRACTION' 
_exptl.crystals_number   1 
# 
_exptl_crystal.id                    1 
_exptl_crystal.density_meas          ? 
_exptl_crystal.density_Matthews      2.04 
_exptl_crystal.density_percent_sol   39.8 
_exptl_crystal.description           ? 
# 
_exptl_crystal_grow.crystal_id      1 
_exptl_crystal_grow.method          ? 
_exptl_crystal_grow.temp            ? 
_exptl_crystal_grow.temp_details    ? 
_exptl_crystal_grow.pH              6.6 
_exptl_crystal_grow.pdbx_pH_range   ? 
_exptl_crystal_grow.pdbx_details    'PROTEIN WAS CRYSTALLIZED FROM 30% PEG 8000, 100 MM SODIUM CACODYLATE, PH 6.6' 
# 
_diffrn.id                     1 
_diffrn.ambient_temp           100 
_diffrn.ambient_temp_details   ? 
_diffrn.crystal_id             1 
# 
_diffrn_detector.diffrn_id              1 
_diffrn_detector.detector               'IMAGE PLATE' 
_diffrn_detector.type                   MARRESEARCH 
_diffrn_detector.pdbx_collection_date   1996-02 
_diffrn_detector.details                'NO OPTICS' 
# 
_diffrn_radiation.diffrn_id                        1 
_diffrn_radiation.wavelength_id                    1 
_diffrn_radiation.pdbx_monochromatic_or_laue_m_l   M 
_diffrn_radiation.monochromator                    'GRAPHITE(002)' 
_diffrn_radiation.pdbx_diffrn_protocol             ? 
_diffrn_radiation.pdbx_scattering_type             x-ray 
# 
_diffrn_radiation_wavelength.id           1 
_diffrn_radiation_wavelength.wavelength   1.5418 
_diffrn_radiation_wavelength.wt           1.0 
# 
_diffrn_source.diffrn_id                   1 
_diffrn_source.source                      'ROTATING ANODE' 
_diffrn_source.type                        'ENRAF-NONIUS FR571' 
_diffrn_source.pdbx_synchrotron_site       ? 
_diffrn_source.pdbx_synchrotron_beamline   ? 
_diffrn_source.pdbx_wavelength             1.5418 
_diffrn_source.pdbx_wavelength_list        ? 
# 
_reflns.entry_id                     1AA2 
_reflns.observed_criterion_sigma_I   0. 
_reflns.observed_criterion_sigma_F   ? 
_reflns.d_resolution_low             14.0 
_reflns.d_resolution_high            2.0 
_reflns.number_obs                   6859 
_reflns.number_all                   ? 
_reflns.percent_possible_obs         99.1 
_reflns.pdbx_Rmerge_I_obs            0.0740000 
_reflns.pdbx_Rsym_value              0.0800000 
_reflns.pdbx_netI_over_sigmaI        12.0 
_reflns.B_iso_Wilson_estimate        21.5 
_reflns.pdbx_redundancy              5.5 
_reflns.pdbx_diffrn_id               1 
_reflns.pdbx_ordinal                 1 
# 
_reflns_shell.d_res_high             2.01 
_reflns_shell.d_res_low              2.04 
_reflns_shell.percent_possible_all   97.2 
_reflns_shell.Rmerge_I_obs           0.2650000 
_reflns_shell.pdbx_Rsym_value        0.3110000 
_reflns_shell.meanI_over_sigI_obs    3.0 
_reflns_shell.pdbx_redundancy        3. 
_reflns_shell.pdbx_diffrn_id         ? 
_reflns_shell.pdbx_ordinal           1 
# 
_refine.entry_id                                 1AA2 
_refine.ls_number_reflns_obs                     6831 
_refine.ls_number_reflns_all                     6831 
_refine.pdbx_ls_sigma_I                          ? 
_refine.pdbx_ls_sigma_F                          0.0 
_refine.pdbx_data_cutoff_high_absF               ? 
_refine.pdbx_data_cutoff_low_absF                ? 
_refine.pdbx_data_cutoff_high_rms_absF           ? 
_refine.ls_d_res_low                             14.0 
_refine.ls_d_res_high                            2.0 
_refine.ls_percent_reflns_obs                    99.1 
_refine.ls_R_factor_obs                          0.1600000 
_refine.ls_R_factor_all                          0.1600000 
_refine.ls_R_factor_R_work                       ? 
_refine.ls_R_factor_R_free                       0.2100000 
_refine.ls_R_factor_R_free_error                 ? 
_refine.ls_R_factor_R_free_error_details         ? 
_refine.ls_percent_reflns_R_free                 7.5 
_refine.ls_number_reflns_R_free                  506 
_refine.ls_number_parameters                     ? 
_refine.ls_number_restraints                     ? 
_refine.occupancy_min                            ? 
_refine.occupancy_max                            ? 
_refine.B_iso_mean                               ? 
_refine.aniso_B[1][1]                            ? 
_refine.aniso_B[2][2]                            ? 
_refine.aniso_B[3][3]                            ? 
_refine.aniso_B[1][2]                            ? 
_refine.aniso_B[1][3]                            ? 
_refine.aniso_B[2][3]                            ? 
_refine.solvent_model_details                    'MOEWS & KRETSINGER (1975) J. MOL. BIOL. 91, 201-228.' 
_refine.solvent_model_param_ksol                 0.754 
_refine.solvent_model_param_bsol                 83.74 
_refine.pdbx_ls_cross_valid_method               'A POSTERIORI' 
_refine.details                                  'THE REPORTED RMS VALUES ARE UNWEIGHTED' 
_refine.pdbx_starting_model                      ? 
_refine.pdbx_method_to_determine_struct          MIR 
_refine.pdbx_isotropic_thermal_model             'TNT BCORREL' 
_refine.pdbx_stereochemistry_target_values       'TNT PROTGEO' 
_refine.pdbx_stereochem_target_val_spec_case     ? 
_refine.pdbx_R_Free_selection_details            RANDOM 
_refine.pdbx_overall_ESU_R                       ? 
_refine.pdbx_overall_ESU_R_Free                  ? 
_refine.overall_SU_ML                            ? 
_refine.overall_SU_B                             ? 
_refine.pdbx_refine_id                           'X-RAY DIFFRACTION' 
_refine.pdbx_diffrn_id                           1 
_refine.pdbx_TLS_residual_ADP_flag               ? 
_refine.correlation_coeff_Fo_to_Fc               ? 
_refine.correlation_coeff_Fo_to_Fc_free          ? 
_refine.pdbx_solvent_vdw_probe_radii             ? 
_refine.pdbx_solvent_ion_probe_radii             ? 
_refine.pdbx_solvent_shrinkage_radii             ? 
_refine.pdbx_overall_phase_error                 ? 
_refine.overall_SU_R_Cruickshank_DPI             ? 
_refine.pdbx_overall_SU_R_free_Cruickshank_DPI   ? 
_refine.pdbx_overall_SU_R_Blow_DPI               ? 
_refine.pdbx_overall_SU_R_free_Blow_DPI          ? 
# 
_refine_hist.pdbx_refine_id                   'X-RAY DIFFRACTION' 
_refine_hist.cycle_id                         LAST 
_refine_hist.pdbx_number_atoms_protein        887 
_refine_hist.pdbx_number_atoms_nucleic_acid   0 
_refine_hist.pdbx_number_atoms_ligand         0 
_refine_hist.number_atoms_solvent             130 
_refine_hist.number_atoms_total               1017 
_refine_hist.d_res_high                       2.0 
_refine_hist.d_res_low                        14.0 
# 
loop_
_refine_ls_restr.type 
_refine_ls_restr.dev_ideal 
_refine_ls_restr.dev_ideal_target 
_refine_ls_restr.weight 
_refine_ls_restr.number 
_refine_ls_restr.pdbx_refine_id 
_refine_ls_restr.pdbx_restraint_function 
t_bond_d           0.019  ? 2.4 1824 'X-RAY DIFFRACTION' ? 
t_angle_deg        2.059  ? 2.3 2464 'X-RAY DIFFRACTION' ? 
t_dihedral_angle_d 24.114 ? 0   1050 'X-RAY DIFFRACTION' ? 
t_incorr_chiral_ct 0      ? ?   ?    'X-RAY DIFFRACTION' ? 
t_pseud_angle      ?      ? ?   ?    'X-RAY DIFFRACTION' ? 
t_trig_c_planes    0.009  ? 6   46   'X-RAY DIFFRACTION' ? 
t_gen_planes       0.016  ? 8   258  'X-RAY DIFFRACTION' ? 
t_it               7.609  ? 4   912  'X-RAY DIFFRACTION' ? 
t_nbd              0.045  ? 20  28   'X-RAY DIFFRACTION' ? 
# 
_pdbx_refine.entry_id                                    1AA2 
_pdbx_refine.R_factor_all_no_cutoff                      0.1600000 
_pdbx_refine.R_factor_obs_no_cutoff                      0.1600000 
_pdbx_refine.free_R_factor_no_cutoff                     0.2130000 
_pdbx_refine.free_R_val_test_set_size_perc_no_cutoff     7.5 
_pdbx_refine.free_R_val_test_set_ct_no_cutoff            506 
_pdbx_refine.R_factor_all_4sig_cutoff                    ? 
_pdbx_refine.R_factor_obs_4sig_cutoff                    ? 
_pdbx_refine.free_R_factor_4sig_cutoff                   ? 
_pdbx_refine.free_R_val_test_set_size_perc_4sig_cutoff   ? 
_pdbx_refine.free_R_val_test_set_ct_4sig_cutoff          ? 
_pdbx_refine.number_reflns_obs_4sig_cutoff               ? 
_pdbx_refine.pdbx_refine_id                              'X-RAY DIFFRACTION' 
_pdbx_refine.free_R_error_no_cutoff                      ? 
# 
_struct.entry_id                  1AA2 
_struct.title                     'CALPONIN HOMOLOGY (CH) DOMAIN FROM HUMAN BETA-SPECTRIN' 
_struct.pdbx_model_details        ? 
_struct.pdbx_CASP_flag            ? 
_struct.pdbx_model_type_details   ? 
# 
_struct_keywords.entry_id        1AA2 
_struct_keywords.pdbx_keywords   CYTOSKELETON 
_struct_keywords.text            'SPECTRIN, CYTOSKELETON, F-ACTIN CROSS-LINKING' 
# 
loop_
_struct_asym.id 
_struct_asym.pdbx_blank_PDB_chainid_flag 
_struct_asym.pdbx_modified 
_struct_asym.entity_id 
_struct_asym.details 
A N N 1 ? 
B N N 2 ? 
# 
_struct_ref.id                         1 
_struct_ref.db_name                    UNP 
_struct_ref.db_code                    SPTB2_HUMAN 
_struct_ref.entity_id                  1 
_struct_ref.pdbx_db_accession          Q01082 
_struct_ref.pdbx_align_begin           1 
_struct_ref.pdbx_seq_one_letter_code   
;MTTTVATDYDNIEIQQQYSDVNNRWDVDDWDNENSSARLFERSRIKALADEREAVQKKTFTKWVNSHLARVSCRITDLYT
DLRDGRMLIKLLEVLSGERLPKPTKGRMRIHCLENVDKALQFLKEQRVHLENMGSHDIVDGNHRLTLGLIWTIILRFQIQ
DISVETEDNKEKKSAKDALLLWCQMKTAGYPNVNIHNFTTSWRDGMAFNALIHKHRPDLIDFDKLKKSNAHYNLQNAFNL
AEQHLGLTKLLDPEDISVDHPDEKSIITYVVTYYHYFSKMKALAVEGKRIGKVLDNAIETEKMIEKYESLASDLLEWIEQ
TIIILNNRKFANSLVGVQQQLQAFNTYRTVEKPPKFTEKGNLEVLLFTIQSKMRANNQKVYMPREGKLISDINKAWERLE
KAEHERELALRNELIRQEKLEQLARRFDRKAAMRETWLSENQRLVSQDNFGFDLPAVEAATKKHEAIETDIAAYEERVQA
VVAVARELEAENYHDIKRITARKDNVIRLWEYLLELLRARRQRLEMNLGLQKIFQEMLYIMDWMDEMKVLVLSQDYGKHL
LGVEDLLQKHTLVEADIGIQAERVRGVNASAQKFATDGEGYKPCDPQVIRDRVAHMEFCYQELCQLAAERRARLEESRRL
WKFFWEMAEEEGWIREKEKILSSDDYGKDLTSVMRLLSKHRAFEDEMSGRSGHFEQAIKEGEDMIAEEHFGSEKIRERII
YIREQWANLEQLSAIRKKRLEEASLLHQFQADADDIDAWMLDILKIVSSSDVGHDEYSTQSLVKKHKDVAEEIANYRPTL
DTLHEQASALPQEHAESPDVRGRLSGIEERYKEVAELTRLRKQALQDTLALYKMFSEADACELWIDEKEQWLNNMQIPEK
LEDLEVIQHRFESLEPEMNNQASRVAVVNQIARQLMHSGHPSEKEIKAQQDKLNTRWSQFRELVDRKKDALLSALSIQNY
HLECNETKSWIREKTKVIESTQDLGNDLAGVMALQRKLTGMERDLVAIEAKLSDLQKEAEKLESEHPDQAQAILSRLAEI
SDVWEEMKTTLKNREASLGEASKLQQFLRDLDDFQSWLSRTQTAIASEDMPNTLTEAEKLLTQHENIKNEIDNYEEDYQK
MRDMGEMVTQGQTDAQYMFLRQRLQALDTGWNELHKMWENRQNLLSQSHAYQQFLRDTKQAEAFLNNQEYVLAHTEMPTT
LEGAEAAIKKQEDFMTTMDANEEKINAVVETGRRLVSDGNINSDRIQEKVDSIDDRHRKNRETASELLMRLKDNRDLQKF
LQDCQELSLWINEKMLTAQDMSYDEARNLHSKWLKHQAFMAELASNKEWLDKIEKEGMQLISEKPETEAVVKEKLTGLHK
MWEVLESTTQTKAQRLFDANKAELFTQSCADLDKWLHGLESQIQSDDYGKHLTSVNILLKKQQMLENQMEVRKKEIEELQ
SQAQALSQEGKSTDEVDSKRLTVQTKFMELLEPLNERKHNLLASKEIHQFNRDVEDEILWVGERMPLATSTDHGHNLQTV
QLLIKKNQTLQKEIQGHQPRIDDIFERSQNIVTDSSSLSAEAIRQRLADLKQLWGLLIEETEKRHRRLEEAHRAQQYYFD
AAEAEAWMSEQELYMMSEEKAKDEQSAVSMLKKHQILEQAVEDYAETVHQLSKTSRALVADSHPESERISMRQSKVDKLY
AGLKDLAEERRGKLDERHRLFQLNREVDDLEQWIAEREVVAGSHELGQDYEHVTMLQERFREFARDTGNIGQERVDTVNH
LADELINSGHSDAATIAEWKDGLNEAWADLLELIDTRTQILAASYELHKFYHDAKEIFGRIQDKHKKLPEELGRDQNTVE
TLQRMHTTFEHDIQALGTQVRQLQEDAARLQAAYAGDKADDIQKRENEVLEAWKSLLDACESRRVRLVDTGDKFRFFSMV
RDLMLWMEDVIRQIEAQEKPRDVSSVELLMNNHQGIKAEIDARNDSFTTCIELGKSLLARKHYASEEIKEKLLQLTEKRK
EMIDKWEDRWEWLRLILEVHQFSRDASVAEAWLLGQEPYLSSREIGQSVDEVEKLIKRHEAFEKSAATWDERFSALERLT
TLELLEVRRQQEEEERKRRPPSPEPSTKVSEEAESQQQWDTSKGEQVSQNGLPAEQGSPRMAETVDTSEMVNGATEQRTS
SKESSPIPSPTSDRKAKTALPAQSAATLPARTQETPSAQMEGFLNRKHEWEAHNKKASSRSWHNVYCVINNQEMGFYKDA
KTAASGIPYHSEVPVSLKEAVCEVALDYKKKKHVFKLRLNDGNEYLFQAKDDEEMNTWIQAISSAISSDKHEVSASTQST
PASSRAQTLPTSVVTITSESSPGKREKDKEKDKEKRFSLFGKKK
;
_struct_ref.pdbx_db_isoform            ? 
# 
_struct_ref_seq.align_id                      1 
_struct_ref_seq.ref_id                        1 
_struct_ref_seq.pdbx_PDB_id_code              1AA2 
_struct_ref_seq.pdbx_strand_id                A 
_struct_ref_seq.seq_align_beg                 1 
_struct_ref_seq.pdbx_seq_align_beg_ins_code   ? 
_struct_ref_seq.seq_align_end                 108 
_struct_ref_seq.pdbx_seq_align_end_ins_code   ? 
_struct_ref_seq.pdbx_db_accession             Q01082 
_struct_ref_seq.db_align_beg                  173 
_struct_ref_seq.pdbx_db_align_beg_ins_code    ? 
_struct_ref_seq.db_align_end                  280 
_struct_ref_seq.pdbx_db_align_end_ins_code    ? 
_struct_ref_seq.pdbx_auth_seq_align_beg       2 
_struct_ref_seq.pdbx_auth_seq_align_end       109 
# 
_pdbx_struct_assembly.id                   1 
_pdbx_struct_assembly.details              author_defined_assembly 
_pdbx_struct_assembly.method_details       ? 
_pdbx_struct_assembly.oligomeric_details   monomeric 
_pdbx_struct_assembly.oligomeric_count     1 
# 
_pdbx_struct_assembly_gen.assembly_id       1 
_pdbx_struct_assembly_gen.oper_expression   1 
_pdbx_struct_assembly_gen.asym_id_list      A,B 
# 
_pdbx_struct_oper_list.id                   1 
_pdbx_struct_oper_list.type                 'identity operation' 
_pdbx_struct_oper_list.name                 1_555 
_pdbx_struct_oper_list.symmetry_operation   x,y,z 
_pdbx_struct_oper_list.matrix[1][1]         1.0000000000 
_pdbx_struct_oper_list.matrix[1][2]         0.0000000000 
_pdbx_struct_oper_list.matrix[1][3]         0.0000000000 
_pdbx_struct_oper_list.vector[1]            0.0000000000 
_pdbx_struct_oper_list.matrix[2][1]         0.0000000000 
_pdbx_struct_oper_list.matrix[2][2]         1.0000000000 
_pdbx_struct_oper_list.matrix[2][3]         0.0000000000 
_pdbx_struct_oper_list.vector[2]            0.0000000000 
_pdbx_struct_oper_list.matrix[3][1]         0.0000000000 
_pdbx_struct_oper_list.matrix[3][2]         0.0000000000 
_pdbx_struct_oper_list.matrix[3][3]         1.0000000000 
_pdbx_struct_oper_list.vector[3]            0.0000000000 
# 
_struct_biol.id   1 
# 
loop_
_struct_conf.conf_type_id 
_struct_conf.id 
_struct_conf.pdbx_PDB_helix_id 
_struct_conf.beg_label_comp_id 
_struct_conf.beg_label_asym_id 
_struct_conf.beg_label_seq_id 
_struct_conf.pdbx_beg_PDB_ins_code 
_struct_conf.end_label_comp_id 
_struct_conf.end_label_asym_id 
_struct_conf.end_label_seq_id 
_struct_conf.pdbx_end_PDB_ins_code 
_struct_conf.beg_auth_comp_id 
_struct_conf.beg_auth_asym_id 
_struct_conf.beg_auth_seq_id 
_struct_conf.end_auth_comp_id 
_struct_conf.end_auth_asym_id 
_struct_conf.end_auth_seq_id 
_struct_conf.pdbx_PDB_helix_class 
_struct_conf.details 
_struct_conf.pdbx_PDB_helix_length 
HELX_P HELX_P1 1 SER A 2  ? LYS A 14  ? SER A 3  LYS A 15  1 ? 13 
HELX_P HELX_P2 2 MET A 34 ? HIS A 43  ? MET A 35 HIS A 44  1 ? 10 
HELX_P HELX_P3 3 PRO A 45 ? LEU A 47  ? PRO A 46 LEU A 48  5 ? 3  
HELX_P HELX_P4 4 PHE A 50 ? LYS A 52  ? PHE A 51 LYS A 53  5 ? 3  
HELX_P HELX_P5 5 ALA A 58 ? LEU A 73  ? ALA A 59 LEU A 74  1 ? 16 
HELX_P HELX_P6 6 PRO A 81 ? ILE A 84  ? PRO A 82 ILE A 85  1 ? 4  
HELX_P HELX_P7 7 GLU A 91 ? SER A 106 ? GLU A 92 SER A 107 1 ? 16 
# 
_struct_conf_type.id          HELX_P 
_struct_conf_type.criteria    ? 
_struct_conf_type.reference   ? 
# 
loop_
_pdbx_validate_rmsd_angle.id 
_pdbx_validate_rmsd_angle.PDB_model_num 
_pdbx_validate_rmsd_angle.auth_atom_id_1 
_pdbx_validate_rmsd_angle.auth_asym_id_1 
_pdbx_validate_rmsd_angle.auth_comp_id_1 
_pdbx_validate_rmsd_angle.auth_seq_id_1 
_pdbx_validate_rmsd_angle.PDB_ins_code_1 
_pdbx_validate_rmsd_angle.label_alt_id_1 
_pdbx_validate_rmsd_angle.auth_atom_id_2 
_pdbx_validate_rmsd_angle.auth_asym_id_2 
_pdbx_validate_rmsd_angle.auth_comp_id_2 
_pdbx_validate_rmsd_angle.auth_seq_id_2 
_pdbx_validate_rmsd_angle.PDB_ins_code_2 
_pdbx_validate_rmsd_angle.label_alt_id_2 
_pdbx_validate_rmsd_angle.auth_atom_id_3 
_pdbx_validate_rmsd_angle.auth_asym_id_3 
_pdbx_validate_rmsd_angle.auth_comp_id_3 
_pdbx_validate_rmsd_angle.auth_seq_id_3 
_pdbx_validate_rmsd_angle.PDB_ins_code_3 
_pdbx_validate_rmsd_angle.label_alt_id_3 
_pdbx_validate_rmsd_angle.angle_value 
_pdbx_validate_rmsd_angle.angle_target_value 
_pdbx_validate_rmsd_angle.angle_deviation 
_pdbx_validate_rmsd_angle.angle_standard_deviation 
_pdbx_validate_rmsd_angle.linker_flag 
1 1 NE A ARG 32  ? ? CZ A ARG 32  ? ? NH2 A ARG 32  ? ? 123.61 120.30 3.31 0.50 N 
2 1 CG A MET 109 ? ? SD A MET 109 ? ? CE  A MET 109 ? ? 109.98 100.20 9.78 1.60 N 
# 
loop_
_pdbx_validate_torsion.id 
_pdbx_validate_torsion.PDB_model_num 
_pdbx_validate_torsion.auth_comp_id 
_pdbx_validate_torsion.auth_asym_id 
_pdbx_validate_torsion.auth_seq_id 
_pdbx_validate_torsion.PDB_ins_code 
_pdbx_validate_torsion.label_alt_id 
_pdbx_validate_torsion.phi 
_pdbx_validate_torsion.psi 
1 1 ASN A 26 ? ? -171.77 -176.46 
2 1 THR A 28 ? ? -135.74 -92.32  
3 1 ASP A 50 ? ? -103.53 74.14   
# 
loop_
_chem_comp_atom.comp_id 
_chem_comp_atom.atom_id 
_chem_comp_atom.type_symbol 
_chem_comp_atom.pdbx_aromatic_flag 
_chem_comp_atom.pdbx_stereo_config 
_chem_comp_atom.pdbx_ordinal 
ALA N    N N N 1   
ALA CA   C N S 2   
ALA C    C N N 3   
ALA O    O N N 4   
ALA CB   C N N 5   
ALA OXT  O N N 6   
ALA H    H N N 7   
ALA H2   H N N 8   
ALA HA   H N N 9   
ALA HB1  H N N 10  
ALA HB2  H N N 11  
ALA HB3  H N N 12  
ALA HXT  H N N 13  
ARG N    N N N 14  
ARG CA   C N S 15  
ARG C    C N N 16  
ARG O    O N N 17  
ARG CB   C N N 18  
ARG CG   C N N 19  
ARG CD   C N N 20  
ARG NE   N N N 21  
ARG CZ   C N N 22  
ARG NH1  N N N 23  
ARG NH2  N N N 24  
ARG OXT  O N N 25  
ARG H    H N N 26  
ARG H2   H N N 27  
ARG HA   H N N 28  
ARG HB2  H N N 29  
ARG HB3  H N N 30  
ARG HG2  H N N 31  
ARG HG3  H N N 32  
ARG HD2  H N N 33  
ARG HD3  H N N 34  
ARG HE   H N N 35  
ARG HH11 H N N 36  
ARG HH12 H N N 37  
ARG HH21 H N N 38  
ARG HH22 H N N 39  
ARG HXT  H N N 40  
ASN N    N N N 41  
ASN CA   C N S 42  
ASN C    C N N 43  
ASN O    O N N 44  
ASN CB   C N N 45  
ASN CG   C N N 46  
ASN OD1  O N N 47  
ASN ND2  N N N 48  
ASN OXT  O N N 49  
ASN H    H N N 50  
ASN H2   H N N 51  
ASN HA   H N N 52  
ASN HB2  H N N 53  
ASN HB3  H N N 54  
ASN HD21 H N N 55  
ASN HD22 H N N 56  
ASN HXT  H N N 57  
ASP N    N N N 58  
ASP CA   C N S 59  
ASP C    C N N 60  
ASP O    O N N 61  
ASP CB   C N N 62  
ASP CG   C N N 63  
ASP OD1  O N N 64  
ASP OD2  O N N 65  
ASP OXT  O N N 66  
ASP H    H N N 67  
ASP H2   H N N 68  
ASP HA   H N N 69  
ASP HB2  H N N 70  
ASP HB3  H N N 71  
ASP HD2  H N N 72  
ASP HXT  H N N 73  
CYS N    N N N 74  
CYS CA   C N R 75  
CYS C    C N N 76  
CYS O    O N N 77  
CYS CB   C N N 78  
CYS SG   S N N 79  
CYS OXT  O N N 80  
CYS H    H N N 81  
CYS H2   H N N 82  
CYS HA   H N N 83  
CYS HB2  H N N 84  
CYS HB3  H N N 85  
CYS HG   H N N 86  
CYS HXT  H N N 87  
GLN N    N N N 88  
GLN CA   C N S 89  
GLN C    C N N 90  
GLN O    O N N 91  
GLN CB   C N N 92  
GLN CG   C N N 93  
GLN CD   C N N 94  
GLN OE1  O N N 95  
GLN NE2  N N N 96  
GLN OXT  O N N 97  
GLN H    H N N 98  
GLN H2   H N N 99  
GLN HA   H N N 100 
GLN HB2  H N N 101 
GLN HB3  H N N 102 
GLN HG2  H N N 103 
GLN HG3  H N N 104 
GLN HE21 H N N 105 
GLN HE22 H N N 106 
GLN HXT  H N N 107 
GLU N    N N N 108 
GLU CA   C N S 109 
GLU C    C N N 110 
GLU O    O N N 111 
GLU CB   C N N 112 
GLU CG   C N N 113 
GLU CD   C N N 114 
GLU OE1  O N N 115 
GLU OE2  O N N 116 
GLU OXT  O N N 117 
GLU H    H N N 118 
GLU H2   H N N 119 
GLU HA   H N N 120 
GLU HB2  H N N 121 
GLU HB3  H N N 122 
GLU HG2  H N N 123 
GLU HG3  H N N 124 
GLU HE2  H N N 125 
GLU HXT  H N N 126 
GLY N    N N N 127 
GLY CA   C N N 128 
GLY C    C N N 129 
GLY O    O N N 130 
GLY OXT  O N N 131 
GLY H    H N N 132 
GLY H2   H N N 133 
GLY HA2  H N N 134 
GLY HA3  H N N 135 
GLY HXT  H N N 136 
HIS N    N N N 137 
HIS CA   C N S 138 
HIS C    C N N 139 
HIS O    O N N 140 
HIS CB   C N N 141 
HIS CG   C Y N 142 
HIS ND1  N Y N 143 
HIS CD2  C Y N 144 
HIS CE1  C Y N 145 
HIS NE2  N Y N 146 
HIS OXT  O N N 147 
HIS H    H N N 148 
HIS H2   H N N 149 
HIS HA   H N N 150 
HIS HB2  H N N 151 
HIS HB3  H N N 152 
HIS HD1  H N N 153 
HIS HD2  H N N 154 
HIS HE1  H N N 155 
HIS HE2  H N N 156 
HIS HXT  H N N 157 
HOH O    O N N 158 
HOH H1   H N N 159 
HOH H2   H N N 160 
ILE N    N N N 161 
ILE CA   C N S 162 
ILE C    C N N 163 
ILE O    O N N 164 
ILE CB   C N S 165 
ILE CG1  C N N 166 
ILE CG2  C N N 167 
ILE CD1  C N N 168 
ILE OXT  O N N 169 
ILE H    H N N 170 
ILE H2   H N N 171 
ILE HA   H N N 172 
ILE HB   H N N 173 
ILE HG12 H N N 174 
ILE HG13 H N N 175 
ILE HG21 H N N 176 
ILE HG22 H N N 177 
ILE HG23 H N N 178 
ILE HD11 H N N 179 
ILE HD12 H N N 180 
ILE HD13 H N N 181 
ILE HXT  H N N 182 
LEU N    N N N 183 
LEU CA   C N S 184 
LEU C    C N N 185 
LEU O    O N N 186 
LEU CB   C N N 187 
LEU CG   C N N 188 
LEU CD1  C N N 189 
LEU CD2  C N N 190 
LEU OXT  O N N 191 
LEU H    H N N 192 
LEU H2   H N N 193 
LEU HA   H N N 194 
LEU HB2  H N N 195 
LEU HB3  H N N 196 
LEU HG   H N N 197 
LEU HD11 H N N 198 
LEU HD12 H N N 199 
LEU HD13 H N N 200 
LEU HD21 H N N 201 
LEU HD22 H N N 202 
LEU HD23 H N N 203 
LEU HXT  H N N 204 
LYS N    N N N 205 
LYS CA   C N S 206 
LYS C    C N N 207 
LYS O    O N N 208 
LYS CB   C N N 209 
LYS CG   C N N 210 
LYS CD   C N N 211 
LYS CE   C N N 212 
LYS NZ   N N N 213 
LYS OXT  O N N 214 
LYS H    H N N 215 
LYS H2   H N N 216 
LYS HA   H N N 217 
LYS HB2  H N N 218 
LYS HB3  H N N 219 
LYS HG2  H N N 220 
LYS HG3  H N N 221 
LYS HD2  H N N 222 
LYS HD3  H N N 223 
LYS HE2  H N N 224 
LYS HE3  H N N 225 
LYS HZ1  H N N 226 
LYS HZ2  H N N 227 
LYS HZ3  H N N 228 
LYS HXT  H N N 229 
MET N    N N N 230 
MET CA   C N S 231 
MET C    C N N 232 
MET O    O N N 233 
MET CB   C N N 234 
MET CG   C N N 235 
MET SD   S N N 236 
MET CE   C N N 237 
MET OXT  O N N 238 
MET H    H N N 239 
MET H2   H N N 240 
MET HA   H N N 241 
MET HB2  H N N 242 
MET HB3  H N N 243 
MET HG2  H N N 244 
MET HG3  H N N 245 
MET HE1  H N N 246 
MET HE2  H N N 247 
MET HE3  H N N 248 
MET HXT  H N N 249 
PHE N    N N N 250 
PHE CA   C N S 251 
PHE C    C N N 252 
PHE O    O N N 253 
PHE CB   C N N 254 
PHE CG   C Y N 255 
PHE CD1  C Y N 256 
PHE CD2  C Y N 257 
PHE CE1  C Y N 258 
PHE CE2  C Y N 259 
PHE CZ   C Y N 260 
PHE OXT  O N N 261 
PHE H    H N N 262 
PHE H2   H N N 263 
PHE HA   H N N 264 
PHE HB2  H N N 265 
PHE HB3  H N N 266 
PHE HD1  H N N 267 
PHE HD2  H N N 268 
PHE HE1  H N N 269 
PHE HE2  H N N 270 
PHE HZ   H N N 271 
PHE HXT  H N N 272 
PRO N    N N N 273 
PRO CA   C N S 274 
PRO C    C N N 275 
PRO O    O N N 276 
PRO CB   C N N 277 
PRO CG   C N N 278 
PRO CD   C N N 279 
PRO OXT  O N N 280 
PRO H    H N N 281 
PRO HA   H N N 282 
PRO HB2  H N N 283 
PRO HB3  H N N 284 
PRO HG2  H N N 285 
PRO HG3  H N N 286 
PRO HD2  H N N 287 
PRO HD3  H N N 288 
PRO HXT  H N N 289 
SER N    N N N 290 
SER CA   C N S 291 
SER C    C N N 292 
SER O    O N N 293 
SER CB   C N N 294 
SER OG   O N N 295 
SER OXT  O N N 296 
SER H    H N N 297 
SER H2   H N N 298 
SER HA   H N N 299 
SER HB2  H N N 300 
SER HB3  H N N 301 
SER HG   H N N 302 
SER HXT  H N N 303 
THR N    N N N 304 
THR CA   C N S 305 
THR C    C N N 306 
THR O    O N N 307 
THR CB   C N R 308 
THR OG1  O N N 309 
THR CG2  C N N 310 
THR OXT  O N N 311 
THR H    H N N 312 
THR H2   H N N 313 
THR HA   H N N 314 
THR HB   H N N 315 
THR HG1  H N N 316 
THR HG21 H N N 317 
THR HG22 H N N 318 
THR HG23 H N N 319 
THR HXT  H N N 320 
TRP N    N N N 321 
TRP CA   C N S 322 
TRP C    C N N 323 
TRP O    O N N 324 
TRP CB   C N N 325 
TRP CG   C Y N 326 
TRP CD1  C Y N 327 
TRP CD2  C Y N 328 
TRP NE1  N Y N 329 
TRP CE2  C Y N 330 
TRP CE3  C Y N 331 
TRP CZ2  C Y N 332 
TRP CZ3  C Y N 333 
TRP CH2  C Y N 334 
TRP OXT  O N N 335 
TRP H    H N N 336 
TRP H2   H N N 337 
TRP HA   H N N 338 
TRP HB2  H N N 339 
TRP HB3  H N N 340 
TRP HD1  H N N 341 
TRP HE1  H N N 342 
TRP HE3  H N N 343 
TRP HZ2  H N N 344 
TRP HZ3  H N N 345 
TRP HH2  H N N 346 
TRP HXT  H N N 347 
TYR N    N N N 348 
TYR CA   C N S 349 
TYR C    C N N 350 
TYR O    O N N 351 
TYR CB   C N N 352 
TYR CG   C Y N 353 
TYR CD1  C Y N 354 
TYR CD2  C Y N 355 
TYR CE1  C Y N 356 
TYR CE2  C Y N 357 
TYR CZ   C Y N 358 
TYR OH   O N N 359 
TYR OXT  O N N 360 
TYR H    H N N 361 
TYR H2   H N N 362 
TYR HA   H N N 363 
TYR HB2  H N N 364 
TYR HB3  H N N 365 
TYR HD1  H N N 366 
TYR HD2  H N N 367 
TYR HE1  H N N 368 
TYR HE2  H N N 369 
TYR HH   H N N 370 
TYR HXT  H N N 371 
VAL N    N N N 372 
VAL CA   C N S 373 
VAL C    C N N 374 
VAL O    O N N 375 
VAL CB   C N N 376 
VAL CG1  C N N 377 
VAL CG2  C N N 378 
VAL OXT  O N N 379 
VAL H    H N N 380 
VAL H2   H N N 381 
VAL HA   H N N 382 
VAL HB   H N N 383 
VAL HG11 H N N 384 
VAL HG12 H N N 385 
VAL HG13 H N N 386 
VAL HG21 H N N 387 
VAL HG22 H N N 388 
VAL HG23 H N N 389 
VAL HXT  H N N 390 
# 
loop_
_chem_comp_bond.comp_id 
_chem_comp_bond.atom_id_1 
_chem_comp_bond.atom_id_2 
_chem_comp_bond.value_order 
_chem_comp_bond.pdbx_aromatic_flag 
_chem_comp_bond.pdbx_stereo_config 
_chem_comp_bond.pdbx_ordinal 
ALA N   CA   sing N N 1   
ALA N   H    sing N N 2   
ALA N   H2   sing N N 3   
ALA CA  C    sing N N 4   
ALA CA  CB   sing N N 5   
ALA CA  HA   sing N N 6   
ALA C   O    doub N N 7   
ALA C   OXT  sing N N 8   
ALA CB  HB1  sing N N 9   
ALA CB  HB2  sing N N 10  
ALA CB  HB3  sing N N 11  
ALA OXT HXT  sing N N 12  
ARG N   CA   sing N N 13  
ARG N   H    sing N N 14  
ARG N   H2   sing N N 15  
ARG CA  C    sing N N 16  
ARG CA  CB   sing N N 17  
ARG CA  HA   sing N N 18  
ARG C   O    doub N N 19  
ARG C   OXT  sing N N 20  
ARG CB  CG   sing N N 21  
ARG CB  HB2  sing N N 22  
ARG CB  HB3  sing N N 23  
ARG CG  CD   sing N N 24  
ARG CG  HG2  sing N N 25  
ARG CG  HG3  sing N N 26  
ARG CD  NE   sing N N 27  
ARG CD  HD2  sing N N 28  
ARG CD  HD3  sing N N 29  
ARG NE  CZ   sing N N 30  
ARG NE  HE   sing N N 31  
ARG CZ  NH1  sing N N 32  
ARG CZ  NH2  doub N N 33  
ARG NH1 HH11 sing N N 34  
ARG NH1 HH12 sing N N 35  
ARG NH2 HH21 sing N N 36  
ARG NH2 HH22 sing N N 37  
ARG OXT HXT  sing N N 38  
ASN N   CA   sing N N 39  
ASN N   H    sing N N 40  
ASN N   H2   sing N N 41  
ASN CA  C    sing N N 42  
ASN CA  CB   sing N N 43  
ASN CA  HA   sing N N 44  
ASN C   O    doub N N 45  
ASN C   OXT  sing N N 46  
ASN CB  CG   sing N N 47  
ASN CB  HB2  sing N N 48  
ASN CB  HB3  sing N N 49  
ASN CG  OD1  doub N N 50  
ASN CG  ND2  sing N N 51  
ASN ND2 HD21 sing N N 52  
ASN ND2 HD22 sing N N 53  
ASN OXT HXT  sing N N 54  
ASP N   CA   sing N N 55  
ASP N   H    sing N N 56  
ASP N   H2   sing N N 57  
ASP CA  C    sing N N 58  
ASP CA  CB   sing N N 59  
ASP CA  HA   sing N N 60  
ASP C   O    doub N N 61  
ASP C   OXT  sing N N 62  
ASP CB  CG   sing N N 63  
ASP CB  HB2  sing N N 64  
ASP CB  HB3  sing N N 65  
ASP CG  OD1  doub N N 66  
ASP CG  OD2  sing N N 67  
ASP OD2 HD2  sing N N 68  
ASP OXT HXT  sing N N 69  
CYS N   CA   sing N N 70  
CYS N   H    sing N N 71  
CYS N   H2   sing N N 72  
CYS CA  C    sing N N 73  
CYS CA  CB   sing N N 74  
CYS CA  HA   sing N N 75  
CYS C   O    doub N N 76  
CYS C   OXT  sing N N 77  
CYS CB  SG   sing N N 78  
CYS CB  HB2  sing N N 79  
CYS CB  HB3  sing N N 80  
CYS SG  HG   sing N N 81  
CYS OXT HXT  sing N N 82  
GLN N   CA   sing N N 83  
GLN N   H    sing N N 84  
GLN N   H2   sing N N 85  
GLN CA  C    sing N N 86  
GLN CA  CB   sing N N 87  
GLN CA  HA   sing N N 88  
GLN C   O    doub N N 89  
GLN C   OXT  sing N N 90  
GLN CB  CG   sing N N 91  
GLN CB  HB2  sing N N 92  
GLN CB  HB3  sing N N 93  
GLN CG  CD   sing N N 94  
GLN CG  HG2  sing N N 95  
GLN CG  HG3  sing N N 96  
GLN CD  OE1  doub N N 97  
GLN CD  NE2  sing N N 98  
GLN NE2 HE21 sing N N 99  
GLN NE2 HE22 sing N N 100 
GLN OXT HXT  sing N N 101 
GLU N   CA   sing N N 102 
GLU N   H    sing N N 103 
GLU N   H2   sing N N 104 
GLU CA  C    sing N N 105 
GLU CA  CB   sing N N 106 
GLU CA  HA   sing N N 107 
GLU C   O    doub N N 108 
GLU C   OXT  sing N N 109 
GLU CB  CG   sing N N 110 
GLU CB  HB2  sing N N 111 
GLU CB  HB3  sing N N 112 
GLU CG  CD   sing N N 113 
GLU CG  HG2  sing N N 114 
GLU CG  HG3  sing N N 115 
GLU CD  OE1  doub N N 116 
GLU CD  OE2  sing N N 117 
GLU OE2 HE2  sing N N 118 
GLU OXT HXT  sing N N 119 
GLY N   CA   sing N N 120 
GLY N   H    sing N N 121 
GLY N   H2   sing N N 122 
GLY CA  C    sing N N 123 
GLY CA  HA2  sing N N 124 
GLY CA  HA3  sing N N 125 
GLY C   O    doub N N 126 
GLY C   OXT  sing N N 127 
GLY OXT HXT  sing N N 128 
HIS N   CA   sing N N 129 
HIS N   H    sing N N 130 
HIS N   H2   sing N N 131 
HIS CA  C    sing N N 132 
HIS CA  CB   sing N N 133 
HIS CA  HA   sing N N 134 
HIS C   O    doub N N 135 
HIS C   OXT  sing N N 136 
HIS CB  CG   sing N N 137 
HIS CB  HB2  sing N N 138 
HIS CB  HB3  sing N N 139 
HIS CG  ND1  sing Y N 140 
HIS CG  CD2  doub Y N 141 
HIS ND1 CE1  doub Y N 142 
HIS ND1 HD1  sing N N 143 
HIS CD2 NE2  sing Y N 144 
HIS CD2 HD2  sing N N 145 
HIS CE1 NE2  sing Y N 146 
HIS CE1 HE1  sing N N 147 
HIS NE2 HE2  sing N N 148 
HIS OXT HXT  sing N N 149 
HOH O   H1   sing N N 150 
HOH O   H2   sing N N 151 
ILE N   CA   sing N N 152 
ILE N   H    sing N N 153 
ILE N   H2   sing N N 154 
ILE CA  C    sing N N 155 
ILE CA  CB   sing N N 156 
ILE CA  HA   sing N N 157 
ILE C   O    doub N N 158 
ILE C   OXT  sing N N 159 
ILE CB  CG1  sing N N 160 
ILE CB  CG2  sing N N 161 
ILE CB  HB   sing N N 162 
ILE CG1 CD1  sing N N 163 
ILE CG1 HG12 sing N N 164 
ILE CG1 HG13 sing N N 165 
ILE CG2 HG21 sing N N 166 
ILE CG2 HG22 sing N N 167 
ILE CG2 HG23 sing N N 168 
ILE CD1 HD11 sing N N 169 
ILE CD1 HD12 sing N N 170 
ILE CD1 HD13 sing N N 171 
ILE OXT HXT  sing N N 172 
LEU N   CA   sing N N 173 
LEU N   H    sing N N 174 
LEU N   H2   sing N N 175 
LEU CA  C    sing N N 176 
LEU CA  CB   sing N N 177 
LEU CA  HA   sing N N 178 
LEU C   O    doub N N 179 
LEU C   OXT  sing N N 180 
LEU CB  CG   sing N N 181 
LEU CB  HB2  sing N N 182 
LEU CB  HB3  sing N N 183 
LEU CG  CD1  sing N N 184 
LEU CG  CD2  sing N N 185 
LEU CG  HG   sing N N 186 
LEU CD1 HD11 sing N N 187 
LEU CD1 HD12 sing N N 188 
LEU CD1 HD13 sing N N 189 
LEU CD2 HD21 sing N N 190 
LEU CD2 HD22 sing N N 191 
LEU CD2 HD23 sing N N 192 
LEU OXT HXT  sing N N 193 
LYS N   CA   sing N N 194 
LYS N   H    sing N N 195 
LYS N   H2   sing N N 196 
LYS CA  C    sing N N 197 
LYS CA  CB   sing N N 198 
LYS CA  HA   sing N N 199 
LYS C   O    doub N N 200 
LYS C   OXT  sing N N 201 
LYS CB  CG   sing N N 202 
LYS CB  HB2  sing N N 203 
LYS CB  HB3  sing N N 204 
LYS CG  CD   sing N N 205 
LYS CG  HG2  sing N N 206 
LYS CG  HG3  sing N N 207 
LYS CD  CE   sing N N 208 
LYS CD  HD2  sing N N 209 
LYS CD  HD3  sing N N 210 
LYS CE  NZ   sing N N 211 
LYS CE  HE2  sing N N 212 
LYS CE  HE3  sing N N 213 
LYS NZ  HZ1  sing N N 214 
LYS NZ  HZ2  sing N N 215 
LYS NZ  HZ3  sing N N 216 
LYS OXT HXT  sing N N 217 
MET N   CA   sing N N 218 
MET N   H    sing N N 219 
MET N   H2   sing N N 220 
MET CA  C    sing N N 221 
MET CA  CB   sing N N 222 
MET CA  HA   sing N N 223 
MET C   O    doub N N 224 
MET C   OXT  sing N N 225 
MET CB  CG   sing N N 226 
MET CB  HB2  sing N N 227 
MET CB  HB3  sing N N 228 
MET CG  SD   sing N N 229 
MET CG  HG2  sing N N 230 
MET CG  HG3  sing N N 231 
MET SD  CE   sing N N 232 
MET CE  HE1  sing N N 233 
MET CE  HE2  sing N N 234 
MET CE  HE3  sing N N 235 
MET OXT HXT  sing N N 236 
PHE N   CA   sing N N 237 
PHE N   H    sing N N 238 
PHE N   H2   sing N N 239 
PHE CA  C    sing N N 240 
PHE CA  CB   sing N N 241 
PHE CA  HA   sing N N 242 
PHE C   O    doub N N 243 
PHE C   OXT  sing N N 244 
PHE CB  CG   sing N N 245 
PHE CB  HB2  sing N N 246 
PHE CB  HB3  sing N N 247 
PHE CG  CD1  doub Y N 248 
PHE CG  CD2  sing Y N 249 
PHE CD1 CE1  sing Y N 250 
PHE CD1 HD1  sing N N 251 
PHE CD2 CE2  doub Y N 252 
PHE CD2 HD2  sing N N 253 
PHE CE1 CZ   doub Y N 254 
PHE CE1 HE1  sing N N 255 
PHE CE2 CZ   sing Y N 256 
PHE CE2 HE2  sing N N 257 
PHE CZ  HZ   sing N N 258 
PHE OXT HXT  sing N N 259 
PRO N   CA   sing N N 260 
PRO N   CD   sing N N 261 
PRO N   H    sing N N 262 
PRO CA  C    sing N N 263 
PRO CA  CB   sing N N 264 
PRO CA  HA   sing N N 265 
PRO C   O    doub N N 266 
PRO C   OXT  sing N N 267 
PRO CB  CG   sing N N 268 
PRO CB  HB2  sing N N 269 
PRO CB  HB3  sing N N 270 
PRO CG  CD   sing N N 271 
PRO CG  HG2  sing N N 272 
PRO CG  HG3  sing N N 273 
PRO CD  HD2  sing N N 274 
PRO CD  HD3  sing N N 275 
PRO OXT HXT  sing N N 276 
SER N   CA   sing N N 277 
SER N   H    sing N N 278 
SER N   H2   sing N N 279 
SER CA  C    sing N N 280 
SER CA  CB   sing N N 281 
SER CA  HA   sing N N 282 
SER C   O    doub N N 283 
SER C   OXT  sing N N 284 
SER CB  OG   sing N N 285 
SER CB  HB2  sing N N 286 
SER CB  HB3  sing N N 287 
SER OG  HG   sing N N 288 
SER OXT HXT  sing N N 289 
THR N   CA   sing N N 290 
THR N   H    sing N N 291 
THR N   H2   sing N N 292 
THR CA  C    sing N N 293 
THR CA  CB   sing N N 294 
THR CA  HA   sing N N 295 
THR C   O    doub N N 296 
THR C   OXT  sing N N 297 
THR CB  OG1  sing N N 298 
THR CB  CG2  sing N N 299 
THR CB  HB   sing N N 300 
THR OG1 HG1  sing N N 301 
THR CG2 HG21 sing N N 302 
THR CG2 HG22 sing N N 303 
THR CG2 HG23 sing N N 304 
THR OXT HXT  sing N N 305 
TRP N   CA   sing N N 306 
TRP N   H    sing N N 307 
TRP N   H2   sing N N 308 
TRP CA  C    sing N N 309 
TRP CA  CB   sing N N 310 
TRP CA  HA   sing N N 311 
TRP C   O    doub N N 312 
TRP C   OXT  sing N N 313 
TRP CB  CG   sing N N 314 
TRP CB  HB2  sing N N 315 
TRP CB  HB3  sing N N 316 
TRP CG  CD1  doub Y N 317 
TRP CG  CD2  sing Y N 318 
TRP CD1 NE1  sing Y N 319 
TRP CD1 HD1  sing N N 320 
TRP CD2 CE2  doub Y N 321 
TRP CD2 CE3  sing Y N 322 
TRP NE1 CE2  sing Y N 323 
TRP NE1 HE1  sing N N 324 
TRP CE2 CZ2  sing Y N 325 
TRP CE3 CZ3  doub Y N 326 
TRP CE3 HE3  sing N N 327 
TRP CZ2 CH2  doub Y N 328 
TRP CZ2 HZ2  sing N N 329 
TRP CZ3 CH2  sing Y N 330 
TRP CZ3 HZ3  sing N N 331 
TRP CH2 HH2  sing N N 332 
TRP OXT HXT  sing N N 333 
TYR N   CA   sing N N 334 
TYR N   H    sing N N 335 
TYR N   H2   sing N N 336 
TYR CA  C    sing N N 337 
TYR CA  CB   sing N N 338 
TYR CA  HA   sing N N 339 
TYR C   O    doub N N 340 
TYR C   OXT  sing N N 341 
TYR CB  CG   sing N N 342 
TYR CB  HB2  sing N N 343 
TYR CB  HB3  sing N N 344 
TYR CG  CD1  doub Y N 345 
TYR CG  CD2  sing Y N 346 
TYR CD1 CE1  sing Y N 347 
TYR CD1 HD1  sing N N 348 
TYR CD2 CE2  doub Y N 349 
TYR CD2 HD2  sing N N 350 
TYR CE1 CZ   doub Y N 351 
TYR CE1 HE1  sing N N 352 
TYR CE2 CZ   sing Y N 353 
TYR CE2 HE2  sing N N 354 
TYR CZ  OH   sing N N 355 
TYR OH  HH   sing N N 356 
TYR OXT HXT  sing N N 357 
VAL N   CA   sing N N 358 
VAL N   H    sing N N 359 
VAL N   H2   sing N N 360 
VAL CA  C    sing N N 361 
VAL CA  CB   sing N N 362 
VAL CA  HA   sing N N 363 
VAL C   O    doub N N 364 
VAL C   OXT  sing N N 365 
VAL CB  CG1  sing N N 366 
VAL CB  CG2  sing N N 367 
VAL CB  HB   sing N N 368 
VAL CG1 HG11 sing N N 369 
VAL CG1 HG12 sing N N 370 
VAL CG1 HG13 sing N N 371 
VAL CG2 HG21 sing N N 372 
VAL CG2 HG22 sing N N 373 
VAL CG2 HG23 sing N N 374 
VAL OXT HXT  sing N N 375 
# 
_atom_sites.entry_id                    1AA2 
_atom_sites.fract_transf_matrix[1][1]   -0.00848377 
_atom_sites.fract_transf_matrix[1][2]   0.02210118 
_atom_sites.fract_transf_matrix[1][3]   -0.02313004 
_atom_sites.fract_transf_matrix[2][1]   0.01743995 
_atom_sites.fract_transf_matrix[2][2]   -0.00015144 
_atom_sites.fract_transf_matrix[2][3]   -0.00654144 
_atom_sites.fract_transf_matrix[3][1]   -0.00978041 
_atom_sites.fract_transf_matrix[3][2]   -0.01707240 
_atom_sites.fract_transf_matrix[3][3]   -0.02568003 
_atom_sites.fract_transf_vector[1]      0.218387 
_atom_sites.fract_transf_vector[2]      0.363072 
_atom_sites.fract_transf_vector[3]      0.125085 
# 
loop_
_atom_type.symbol 
C 
N 
O 
S 
# 
loop_
_atom_site.group_PDB 
_atom_site.id 
_atom_site.type_symbol 
_atom_site.label_atom_id 
_atom_site.label_alt_id 
_atom_site.label_comp_id 
_atom_site.label_asym_id 
_atom_site.label_entity_id 
_atom_site.label_seq_id 
_atom_site.pdbx_PDB_ins_code 
_atom_site.Cartn_x 
_atom_site.Cartn_y 
_atom_site.Cartn_z 
_atom_site.occupancy 
_atom_site.B_iso_or_equiv 
_atom_site.pdbx_formal_charge 
_atom_site.auth_seq_id 
_atom_site.auth_comp_id 
_atom_site.auth_asym_id 
_atom_site.auth_atom_id 
_atom_site.pdbx_PDB_model_num 
ATOM   1    N N   . LYS A 1 1   ? 6.164   -5.005  -18.736 1.00 32.29 ? 2   LYS A N   1 
ATOM   2    C CA  . LYS A 1 1   ? 6.536   -5.909  -17.678 1.00 40.77 ? 2   LYS A CA  1 
ATOM   3    C C   . LYS A 1 1   ? 7.707   -5.326  -16.887 1.00 48.30 ? 2   LYS A C   1 
ATOM   4    O O   . LYS A 1 1   ? 7.932   -5.681  -15.721 1.00 38.18 ? 2   LYS A O   1 
ATOM   5    C CB  . LYS A 1 1   ? 6.895   -7.315  -18.226 1.00 33.26 ? 2   LYS A CB  1 
ATOM   6    C CG  . LYS A 1 1   ? 8.236   -7.835  -17.706 1.00 49.24 ? 2   LYS A CG  1 
ATOM   7    C CD  . LYS A 1 1   ? 9.421   -7.408  -18.575 1.00 60.00 ? 2   LYS A CD  1 
ATOM   8    C CE  . LYS A 1 1   ? 10.772  -7.610  -17.885 1.00 60.00 ? 2   LYS A CE  1 
ATOM   9    N NZ  . LYS A 1 1   ? 10.829  -8.842  -17.084 1.00 60.00 ? 2   LYS A NZ  1 
ATOM   10   N N   . SER A 1 2   ? 8.416   -4.428  -17.544 1.00 36.05 ? 3   SER A N   1 
ATOM   11   C CA  . SER A 1 2   ? 9.578   -3.755  -16.950 1.00 34.67 ? 3   SER A CA  1 
ATOM   12   C C   . SER A 1 2   ? 9.125   -2.744  -15.891 1.00 31.21 ? 3   SER A C   1 
ATOM   13   O O   . SER A 1 2   ? 9.594   -2.787  -14.755 1.00 28.91 ? 3   SER A O   1 
ATOM   14   C CB  . SER A 1 2   ? 10.373  -3.016  -18.027 1.00 38.72 ? 3   SER A CB  1 
ATOM   15   O OG  . SER A 1 2   ? 11.686  -2.743  -17.556 1.00 60.00 ? 3   SER A OG  1 
ATOM   16   N N   . ALA A 1 3   ? 8.240   -1.817  -16.290 1.00 29.29 ? 4   ALA A N   1 
ATOM   17   C CA  . ALA A 1 3   ? 7.680   -0.796  -15.366 1.00 28.36 ? 4   ALA A CA  1 
ATOM   18   C C   . ALA A 1 3   ? 6.924   -1.445  -14.208 1.00 29.28 ? 4   ALA A C   1 
ATOM   19   O O   . ALA A 1 3   ? 7.038   -1.047  -13.051 1.00 32.52 ? 4   ALA A O   1 
ATOM   20   C CB  . ALA A 1 3   ? 6.765   0.186   -16.107 1.00 24.28 ? 4   ALA A CB  1 
ATOM   21   N N   . LYS A 1 4   ? 6.152   -2.476  -14.535 1.00 30.30 ? 5   LYS A N   1 
ATOM   22   C CA  . LYS A 1 4   ? 5.429   -3.178  -13.497 1.00 29.38 ? 5   LYS A CA  1 
ATOM   23   C C   . LYS A 1 4   ? 6.462   -3.877  -12.638 1.00 30.23 ? 5   LYS A C   1 
ATOM   24   O O   . LYS A 1 4   ? 6.488   -3.726  -11.424 1.00 29.94 ? 5   LYS A O   1 
ATOM   25   C CB  . LYS A 1 4   ? 4.439   -4.182  -14.072 1.00 28.54 ? 5   LYS A CB  1 
ATOM   26   C CG  . LYS A 1 4   ? 2.989   -3.783  -13.892 0.00 40.47 ? 5   LYS A CG  1 
ATOM   27   C CD  . LYS A 1 4   ? 2.057   -4.919  -14.267 1.00 50.01 ? 5   LYS A CD  1 
ATOM   28   C CE  . LYS A 1 4   ? 2.441   -6.223  -13.581 1.00 29.04 ? 5   LYS A CE  1 
ATOM   29   N NZ  . LYS A 1 4   ? 1.347   -7.211  -13.598 0.00 37.13 ? 5   LYS A NZ  1 
ATOM   30   N N   . ASP A 1 5   ? 7.339   -4.648  -13.276 1.00 25.41 ? 6   ASP A N   1 
ATOM   31   C CA  . ASP A 1 5   ? 8.319   -5.324  -12.493 1.00 23.83 ? 6   ASP A CA  1 
ATOM   32   C C   . ASP A 1 5   ? 9.154   -4.430  -11.625 1.00 20.75 ? 6   ASP A C   1 
ATOM   33   O O   . ASP A 1 5   ? 9.497   -4.856  -10.522 1.00 20.56 ? 6   ASP A O   1 
ATOM   34   C CB  . ASP A 1 5   ? 9.199   -6.242  -13.334 1.00 31.97 ? 6   ASP A CB  1 
ATOM   35   C CG  . ASP A 1 5   ? 8.462   -7.439  -13.802 1.00 29.01 ? 6   ASP A CG  1 
ATOM   36   O OD1 . ASP A 1 5   ? 7.388   -7.740  -13.164 1.00 46.04 ? 6   ASP A OD1 1 
ATOM   37   O OD2 . ASP A 1 5   ? 8.835   -8.004  -14.830 1.00 60.00 ? 6   ASP A OD2 1 
ATOM   38   N N   . ALA A 1 6   ? 9.578   -3.255  -12.129 1.00 22.28 ? 7   ALA A N   1 
ATOM   39   C CA  . ALA A 1 6   ? 10.420  -2.351  -11.288 1.00 27.57 ? 7   ALA A CA  1 
ATOM   40   C C   . ALA A 1 6   ? 9.566   -1.766  -10.161 1.00 30.02 ? 7   ALA A C   1 
ATOM   41   O O   . ALA A 1 6   ? 10.037  -1.500  -9.033  1.00 28.89 ? 7   ALA A O   1 
ATOM   42   C CB  . ALA A 1 6   ? 10.987  -1.208  -12.110 1.00 24.39 ? 7   ALA A CB  1 
ATOM   43   N N   . LEU A 1 7   ? 8.303   -1.533  -10.492 1.00 24.15 ? 8   LEU A N   1 
ATOM   44   C CA  . LEU A 1 7   ? 7.397   -1.010  -9.500  1.00 28.00 ? 8   LEU A CA  1 
ATOM   45   C C   . LEU A 1 7   ? 7.268   -2.051  -8.392  1.00 26.22 ? 8   LEU A C   1 
ATOM   46   O O   . LEU A 1 7   ? 7.395   -1.733  -7.200  1.00 20.18 ? 8   LEU A O   1 
ATOM   47   C CB  . LEU A 1 7   ? 6.054   -0.637  -10.107 1.00 26.46 ? 8   LEU A CB  1 
ATOM   48   C CG  . LEU A 1 7   ? 5.089   0.018   -9.083  1.00 23.64 ? 8   LEU A CG  1 
ATOM   49   C CD1 . LEU A 1 7   ? 5.481   1.465   -8.825  1.00 25.16 ? 8   LEU A CD1 1 
ATOM   50   C CD2 . LEU A 1 7   ? 3.639   -0.010  -9.543  1.00 12.43 ? 8   LEU A CD2 1 
ATOM   51   N N   . LEU A 1 8   ? 7.078   -3.312  -8.766  1.00 16.43 ? 9   LEU A N   1 
ATOM   52   C CA  . LEU A 1 8   ? 7.010   -4.385  -7.744  1.00 15.83 ? 9   LEU A CA  1 
ATOM   53   C C   . LEU A 1 8   ? 8.279   -4.488  -6.893  1.00 19.45 ? 9   LEU A C   1 
ATOM   54   O O   . LEU A 1 8   ? 8.248   -4.617  -5.661  1.00 22.54 ? 9   LEU A O   1 
ATOM   55   C CB  . LEU A 1 8   ? 6.792   -5.750  -8.441  1.00 18.52 ? 9   LEU A CB  1 
ATOM   56   C CG  . LEU A 1 8   ? 6.586   -6.939  -7.491  1.00 26.16 ? 9   LEU A CG  1 
ATOM   57   C CD1 . LEU A 1 8   ? 5.313   -6.783  -6.627  1.00 27.35 ? 9   LEU A CD1 1 
ATOM   58   C CD2 . LEU A 1 8   ? 6.470   -8.210  -8.372  1.00 25.64 ? 9   LEU A CD2 1 
ATOM   59   N N   . LEU A 1 9   ? 9.435   -4.474  -7.542  1.00 25.59 ? 10  LEU A N   1 
ATOM   60   C CA  . LEU A 1 9   ? 10.679  -4.579  -6.778  1.00 20.95 ? 10  LEU A CA  1 
ATOM   61   C C   . LEU A 1 9   ? 10.784  -3.406  -5.808  1.00 15.14 ? 10  LEU A C   1 
ATOM   62   O O   . LEU A 1 9   ? 11.128  -3.573  -4.615  1.00 25.36 ? 10  LEU A O   1 
ATOM   63   C CB  . LEU A 1 9   ? 11.872  -4.565  -7.726  1.00 21.93 ? 10  LEU A CB  1 
ATOM   64   C CG  . LEU A 1 9   ? 13.243  -4.602  -7.050  1.00 16.79 ? 10  LEU A CG  1 
ATOM   65   C CD1 . LEU A 1 9   ? 13.464  -5.980  -6.450  1.00 19.67 ? 10  LEU A CD1 1 
ATOM   66   C CD2 . LEU A 1 9   ? 14.251  -4.358  -8.141  1.00 30.90 ? 10  LEU A CD2 1 
ATOM   67   N N   . TRP A 1 10  ? 10.461  -2.219  -6.336  1.00 20.25 ? 11  TRP A N   1 
ATOM   68   C CA  . TRP A 1 10  ? 10.465  -0.970  -5.531  1.00 26.13 ? 11  TRP A CA  1 
ATOM   69   C C   . TRP A 1 10  ? 9.663   -1.179  -4.251  1.00 24.51 ? 11  TRP A C   1 
ATOM   70   O O   . TRP A 1 10  ? 10.167  -0.987  -3.138  1.00 23.83 ? 11  TRP A O   1 
ATOM   71   C CB  . TRP A 1 10  ? 9.923   0.219   -6.353  1.00 21.32 ? 11  TRP A CB  1 
ATOM   72   C CG  . TRP A 1 10  ? 9.981   1.536   -5.618  1.00 27.44 ? 11  TRP A CG  1 
ATOM   73   C CD1 . TRP A 1 10  ? 10.997  2.450   -5.633  1.00 27.15 ? 11  TRP A CD1 1 
ATOM   74   C CD2 . TRP A 1 10  ? 8.921   2.123   -4.813  1.00 21.97 ? 11  TRP A CD2 1 
ATOM   75   N NE1 . TRP A 1 10  ? 10.642  3.514   -4.852  1.00 28.60 ? 11  TRP A NE1 1 
ATOM   76   C CE2 . TRP A 1 10  ? 9.367   3.346   -4.377  1.00 22.50 ? 11  TRP A CE2 1 
ATOM   77   C CE3 . TRP A 1 10  ? 7.640   1.707   -4.464  1.00 21.81 ? 11  TRP A CE3 1 
ATOM   78   C CZ2 . TRP A 1 10  ? 8.575   4.183   -3.581  1.00 32.85 ? 11  TRP A CZ2 1 
ATOM   79   C CZ3 . TRP A 1 10  ? 6.860   2.516   -3.689  1.00 19.17 ? 11  TRP A CZ3 1 
ATOM   80   C CH2 . TRP A 1 10  ? 7.317   3.730   -3.239  1.00 21.73 ? 11  TRP A CH2 1 
ATOM   81   N N   . CYS A 1 11  ? 8.422   -1.623  -4.415  1.00 19.85 ? 12  CYS A N   1 
ATOM   82   C CA  . CYS A 1 11  ? 7.599   -1.937  -3.288  1.00 20.16 ? 12  CYS A CA  1 
ATOM   83   C C   . CYS A 1 11  ? 8.255   -2.990  -2.415  1.00 22.71 ? 12  CYS A C   1 
ATOM   84   O O   . CYS A 1 11  ? 8.185   -2.939  -1.185  1.00 26.10 ? 12  CYS A O   1 
ATOM   85   C CB  . CYS A 1 11  ? 6.340   -2.583  -3.787  1.00 18.81 ? 12  CYS A CB  1 
ATOM   86   S SG  . CYS A 1 11  ? 5.330   -1.360  -4.562  1.00 23.20 ? 12  CYS A SG  1 
ATOM   87   N N   . GLN A 1 12  ? 8.853   -3.995  -3.032  1.00 16.53 ? 13  GLN A N   1 
ATOM   88   C CA  . GLN A 1 12  ? 9.444   -5.059  -2.224  1.00 14.26 ? 13  GLN A CA  1 
ATOM   89   C C   . GLN A 1 12  ? 10.584  -4.541  -1.457  1.00 24.11 ? 13  GLN A C   1 
ATOM   90   O O   . GLN A 1 12  ? 10.787  -4.860  -0.291  1.00 22.99 ? 13  GLN A O   1 
ATOM   91   C CB  . GLN A 1 12  ? 9.938   -6.224  -3.083  1.00 20.22 ? 13  GLN A CB  1 
ATOM   92   C CG  . GLN A 1 12  ? 8.753   -7.042  -3.599  1.00 24.70 ? 13  GLN A CG  1 
ATOM   93   C CD  . GLN A 1 12  ? 9.146   -7.916  -4.780  1.00 30.23 ? 13  GLN A CD  1 
ATOM   94   O OE1 . GLN A 1 12  ? 10.106  -7.628  -5.490  1.00 34.06 ? 13  GLN A OE1 1 
ATOM   95   N NE2 . GLN A 1 12  ? 8.418   -8.992  -4.981  1.00 19.20 ? 13  GLN A NE2 1 
ATOM   96   N N   . MET A 1 13  ? 11.346  -3.737  -2.131  1.00 19.86 ? 14  MET A N   1 
ATOM   97   C CA  . MET A 1 13  ? 12.523  -3.200  -1.482  1.00 30.35 ? 14  MET A CA  1 
ATOM   98   C C   . MET A 1 13  ? 12.202  -2.202  -0.363  1.00 29.74 ? 14  MET A C   1 
ATOM   99   O O   . MET A 1 13  ? 12.826  -2.197  0.657   1.00 33.94 ? 14  MET A O   1 
ATOM   100  C CB  . MET A 1 13  ? 13.440  -2.594  -2.540  1.00 27.64 ? 14  MET A CB  1 
ATOM   101  C CG  . MET A 1 13  ? 13.955  -3.679  -3.420  1.00 28.16 ? 14  MET A CG  1 
ATOM   102  S SD  . MET A 1 13  ? 15.359  -3.174  -4.437  1.00 32.37 ? 14  MET A SD  1 
ATOM   103  C CE  . MET A 1 13  ? 14.753  -1.813  -5.369  1.00 22.52 ? 14  MET A CE  1 
ATOM   104  N N   . LYS A 1 14  ? 11.222  -1.366  -0.584  1.00 26.23 ? 15  LYS A N   1 
ATOM   105  C CA  . LYS A 1 14  ? 10.837  -0.382  0.397   1.00 33.10 ? 15  LYS A CA  1 
ATOM   106  C C   . LYS A 1 14  ? 10.332  -1.084  1.597   1.00 25.90 ? 15  LYS A C   1 
ATOM   107  O O   . LYS A 1 14  ? 10.434  -0.590  2.716   1.00 23.60 ? 15  LYS A O   1 
ATOM   108  C CB  . LYS A 1 14  ? 9.664   0.449   -0.130  1.00 31.33 ? 15  LYS A CB  1 
ATOM   109  C CG  . LYS A 1 14  ? 9.991   1.801   -0.721  1.00 21.41 ? 15  LYS A CG  1 
ATOM   110  C CD  . LYS A 1 14  ? 11.416  2.287   -0.554  1.00 16.21 ? 15  LYS A CD  1 
ATOM   111  C CE  . LYS A 1 14  ? 11.820  3.055   -1.800  1.00 29.38 ? 15  LYS A CE  1 
ATOM   112  N NZ  . LYS A 1 14  ? 13.216  3.549   -1.769  1.00 30.59 ? 15  LYS A NZ  1 
ATOM   113  N N   . THR A 1 15  ? 9.693   -2.216  1.393   1.00 17.79 ? 16  THR A N   1 
ATOM   114  C CA  . THR A 1 15  ? 9.135   -2.806  2.598   1.00 24.79 ? 16  THR A CA  1 
ATOM   115  C C   . THR A 1 15  ? 9.901   -3.986  3.170   1.00 36.16 ? 16  THR A C   1 
ATOM   116  O O   . THR A 1 15  ? 9.321   -4.834  3.875   1.00 28.44 ? 16  THR A O   1 
ATOM   117  C CB  . THR A 1 15  ? 7.712   -3.211  2.379   1.00 37.27 ? 16  THR A CB  1 
ATOM   118  O OG1 . THR A 1 15  ? 7.722   -4.105  1.298   1.00 22.54 ? 16  THR A OG1 1 
ATOM   119  C CG2 . THR A 1 15  ? 6.856   -1.995  2.044   1.00 26.55 ? 16  THR A CG2 1 
ATOM   120  N N   . ALA A 1 16  ? 11.213  -3.980  2.920   1.00 17.80 ? 17  ALA A N   1 
ATOM   121  C CA  . ALA A 1 16  ? 12.071  -5.038  3.352   1.00 20.55 ? 17  ALA A CA  1 
ATOM   122  C C   . ALA A 1 16  ? 11.957  -5.048  4.802   1.00 23.69 ? 17  ALA A C   1 
ATOM   123  O O   . ALA A 1 16  ? 11.918  -3.999  5.396   1.00 28.13 ? 17  ALA A O   1 
ATOM   124  C CB  . ALA A 1 16  ? 13.549  -4.807  2.904   1.00 20.11 ? 17  ALA A CB  1 
ATOM   125  N N   . GLY A 1 17  ? 11.821  -6.246  5.357   1.00 28.14 ? 18  GLY A N   1 
ATOM   126  C CA  . GLY A 1 17  ? 11.718  -6.430  6.779   1.00 25.42 ? 18  GLY A CA  1 
ATOM   127  C C   . GLY A 1 17  ? 10.339  -6.196  7.425   1.00 34.53 ? 18  GLY A C   1 
ATOM   128  O O   . GLY A 1 17  ? 10.165  -6.453  8.588   1.00 36.39 ? 18  GLY A O   1 
ATOM   129  N N   . TYR A 1 18  ? 9.349   -5.690  6.736   1.00 29.19 ? 19  TYR A N   1 
ATOM   130  C CA  . TYR A 1 18  ? 8.105   -5.526  7.474   1.00 21.70 ? 19  TYR A CA  1 
ATOM   131  C C   . TYR A 1 18  ? 7.415   -6.865  7.740   1.00 29.01 ? 19  TYR A C   1 
ATOM   132  O O   . TYR A 1 18  ? 7.154   -7.640  6.827   1.00 31.13 ? 19  TYR A O   1 
ATOM   133  C CB  . TYR A 1 18  ? 7.159   -4.573  6.761   1.00 26.17 ? 19  TYR A CB  1 
ATOM   134  C CG  . TYR A 1 18  ? 7.601   -3.160  6.936   1.00 20.44 ? 19  TYR A CG  1 
ATOM   135  C CD1 . TYR A 1 18  ? 8.732   -2.679  6.283   1.00 26.45 ? 19  TYR A CD1 1 
ATOM   136  C CD2 . TYR A 1 18  ? 6.846   -2.289  7.729   1.00 27.26 ? 19  TYR A CD2 1 
ATOM   137  C CE1 . TYR A 1 18  ? 9.147   -1.355  6.484   1.00 32.98 ? 19  TYR A CE1 1 
ATOM   138  C CE2 . TYR A 1 18  ? 7.211   -0.955  7.911   1.00 17.71 ? 19  TYR A CE2 1 
ATOM   139  C CZ  . TYR A 1 18  ? 8.402   -0.519  7.325   1.00 25.02 ? 19  TYR A CZ  1 
ATOM   140  O OH  . TYR A 1 18  ? 8.758   0.784   7.487   1.00 24.62 ? 19  TYR A OH  1 
ATOM   141  N N   . PRO A 1 19  ? 7.100   -7.127  9.004   1.00 30.70 ? 20  PRO A N   1 
ATOM   142  C CA  . PRO A 1 19  ? 6.387   -8.362  9.357   1.00 21.71 ? 20  PRO A CA  1 
ATOM   143  C C   . PRO A 1 19  ? 5.036   -8.347  8.667   1.00 29.10 ? 20  PRO A C   1 
ATOM   144  O O   . PRO A 1 19  ? 4.403   -7.282  8.479   1.00 27.99 ? 20  PRO A O   1 
ATOM   145  C CB  . PRO A 1 19  ? 6.178   -8.286  10.889  1.00 24.95 ? 20  PRO A CB  1 
ATOM   146  C CG  . PRO A 1 19  ? 6.645   -6.903  11.330  0.00 31.88 ? 20  PRO A CG  1 
ATOM   147  C CD  . PRO A 1 19  ? 7.412   -6.261  10.189  1.00 28.70 ? 20  PRO A CD  1 
ATOM   148  N N   . ASN A 1 20  ? 4.594   -9.528  8.271   1.00 25.76 ? 21  ASN A N   1 
ATOM   149  C CA  . ASN A 1 20  ? 3.283   -9.668  7.695   1.00 15.84 ? 21  ASN A CA  1 
ATOM   150  C C   . ASN A 1 20  ? 3.044   -8.876  6.455   1.00 19.45 ? 21  ASN A C   1 
ATOM   151  O O   . ASN A 1 20  ? 1.928   -8.622  6.069   1.00 21.66 ? 21  ASN A O   1 
ATOM   152  C CB  . ASN A 1 20  ? 2.199   -9.500  8.783   1.00 30.92 ? 21  ASN A CB  1 
ATOM   153  C CG  . ASN A 1 20  ? 2.237   -10.670 9.791   1.00 50.72 ? 21  ASN A CG  1 
ATOM   154  O OD1 . ASN A 1 20  ? 2.158   -11.823 9.397   1.00 32.19 ? 21  ASN A OD1 1 
ATOM   155  N ND2 . ASN A 1 20  ? 2.451   -10.375 11.068  1.00 22.51 ? 21  ASN A ND2 1 
ATOM   156  N N   . VAL A 1 21  ? 4.117   -8.541  5.774   1.00 21.50 ? 22  VAL A N   1 
ATOM   157  C CA  . VAL A 1 21  ? 3.981   -7.903  4.507   1.00 21.24 ? 22  VAL A CA  1 
ATOM   158  C C   . VAL A 1 21  ? 4.704   -8.805  3.522   1.00 23.96 ? 22  VAL A C   1 
ATOM   159  O O   . VAL A 1 21  ? 5.826   -9.239  3.781   1.00 31.94 ? 22  VAL A O   1 
ATOM   160  C CB  . VAL A 1 21  ? 4.607   -6.518  4.510   1.00 19.47 ? 22  VAL A CB  1 
ATOM   161  C CG1 . VAL A 1 21  ? 4.677   -6.041  3.069   1.00 12.13 ? 22  VAL A CG1 1 
ATOM   162  C CG2 . VAL A 1 21  ? 3.713   -5.573  5.350   1.00 17.42 ? 22  VAL A CG2 1 
ATOM   163  N N   . ASN A 1 22  ? 4.070   -9.121  2.407   1.00 16.67 ? 23  ASN A N   1 
ATOM   164  C CA  . ASN A 1 22  ? 4.674   -10.033 1.459   1.00 23.43 ? 23  ASN A CA  1 
ATOM   165  C C   . ASN A 1 22  ? 4.193   -9.712  0.121   1.00 17.90 ? 23  ASN A C   1 
ATOM   166  O O   . ASN A 1 22  ? 3.099   -10.140 -0.204  1.00 25.34 ? 23  ASN A O   1 
ATOM   167  C CB  . ASN A 1 22  ? 4.149   -11.448 1.739   1.00 26.36 ? 23  ASN A CB  1 
ATOM   168  C CG  . ASN A 1 22  ? 5.226   -12.325 2.196   1.00 60.00 ? 23  ASN A CG  1 
ATOM   169  O OD1 . ASN A 1 22  ? 5.697   -13.185 1.443   1.00 60.00 ? 23  ASN A OD1 1 
ATOM   170  N ND2 . ASN A 1 22  ? 5.730   -12.052 3.392   1.00 33.24 ? 23  ASN A ND2 1 
ATOM   171  N N   . ILE A 1 23  ? 4.952   -8.892  -0.589  1.00 16.47 ? 24  ILE A N   1 
ATOM   172  C CA  . ILE A 1 23  ? 4.546   -8.410  -1.894  1.00 19.86 ? 24  ILE A CA  1 
ATOM   173  C C   . ILE A 1 23  ? 5.074   -9.250  -3.046  1.00 32.14 ? 24  ILE A C   1 
ATOM   174  O O   . ILE A 1 23  ? 6.290   -9.262  -3.329  1.00 19.21 ? 24  ILE A O   1 
ATOM   175  C CB  . ILE A 1 23  ? 4.897   -6.953  -2.077  1.00 17.98 ? 24  ILE A CB  1 
ATOM   176  C CG1 . ILE A 1 23  ? 4.498   -6.281  -0.777  1.00 15.51 ? 24  ILE A CG1 1 
ATOM   177  C CG2 . ILE A 1 23  ? 4.185   -6.403  -3.351  1.00 17.49 ? 24  ILE A CG2 1 
ATOM   178  C CD1 . ILE A 1 23  ? 4.593   -4.787  -0.793  1.00 20.42 ? 24  ILE A CD1 1 
ATOM   179  N N   . HIS A 1 24  ? 4.138   -9.973  -3.678  1.00 27.53 ? 25  HIS A N   1 
ATOM   180  C CA  . HIS A 1 24  ? 4.485   -10.864 -4.776  1.00 29.71 ? 25  HIS A CA  1 
ATOM   181  C C   . HIS A 1 24  ? 3.734   -10.566 -6.036  1.00 28.92 ? 25  HIS A C   1 
ATOM   182  O O   . HIS A 1 24  ? 3.956   -11.213 -7.044  1.00 26.82 ? 25  HIS A O   1 
ATOM   183  C CB  . HIS A 1 24  ? 4.324   -12.328 -4.339  1.00 34.70 ? 25  HIS A CB  1 
ATOM   184  C CG  . HIS A 1 24  ? 5.361   -12.746 -3.356  1.00 44.68 ? 25  HIS A CG  1 
ATOM   185  N ND1 . HIS A 1 24  ? 5.055   -13.513 -2.244  1.00 49.31 ? 25  HIS A ND1 1 
ATOM   186  C CD2 . HIS A 1 24  ? 6.700   -12.543 -3.324  1.00 54.36 ? 25  HIS A CD2 1 
ATOM   187  C CE1 . HIS A 1 24  ? 6.170   -13.769 -1.580  1.00 52.52 ? 25  HIS A CE1 1 
ATOM   188  N NE2 . HIS A 1 24  ? 7.178   -13.172 -2.200  1.00 54.67 ? 25  HIS A NE2 1 
ATOM   189  N N   . ASN A 1 25  ? 2.861   -9.559  -5.977  1.00 25.11 ? 26  ASN A N   1 
ATOM   190  C CA  . ASN A 1 25  ? 2.015   -9.195  -7.098  1.00 19.78 ? 26  ASN A CA  1 
ATOM   191  C C   . ASN A 1 25  ? 1.286   -7.873  -6.761  1.00 25.85 ? 26  ASN A C   1 
ATOM   192  O O   . ASN A 1 25  ? 1.479   -7.342  -5.703  1.00 22.35 ? 26  ASN A O   1 
ATOM   193  C CB  . ASN A 1 25  ? 0.982   -10.315 -7.268  1.00 14.51 ? 26  ASN A CB  1 
ATOM   194  C CG  . ASN A 1 25  ? 0.084   -10.456 -6.067  1.00 21.39 ? 26  ASN A CG  1 
ATOM   195  O OD1 . ASN A 1 25  ? -0.648  -9.532  -5.698  1.00 23.94 ? 26  ASN A OD1 1 
ATOM   196  N ND2 . ASN A 1 25  ? 0.065   -11.655 -5.488  1.00 31.05 ? 26  ASN A ND2 1 
ATOM   197  N N   . PHE A 1 26  ? 0.397   -7.393  -7.633  1.00 18.50 ? 27  PHE A N   1 
ATOM   198  C CA  . PHE A 1 26  ? -0.363  -6.210  -7.362  1.00 17.07 ? 27  PHE A CA  1 
ATOM   199  C C   . PHE A 1 26  ? -1.819  -6.550  -7.181  1.00 22.53 ? 27  PHE A C   1 
ATOM   200  O O   . PHE A 1 26  ? -2.658  -5.842  -7.615  1.00 21.04 ? 27  PHE A O   1 
ATOM   201  C CB  . PHE A 1 26  ? -0.190  -5.164  -8.450  1.00 16.24 ? 27  PHE A CB  1 
ATOM   202  C CG  . PHE A 1 26  ? 1.195   -4.507  -8.420  1.00 18.37 ? 27  PHE A CG  1 
ATOM   203  C CD1 . PHE A 1 26  ? 1.550   -3.631  -7.385  1.00 17.96 ? 27  PHE A CD1 1 
ATOM   204  C CD2 . PHE A 1 26  ? 2.141   -4.799  -9.415  1.00 22.97 ? 27  PHE A CD2 1 
ATOM   205  C CE1 . PHE A 1 26  ? 2.816   -3.044  -7.339  1.00 21.00 ? 27  PHE A CE1 1 
ATOM   206  C CE2 . PHE A 1 26  ? 3.412   -4.208  -9.387  1.00 27.74 ? 27  PHE A CE2 1 
ATOM   207  C CZ  . PHE A 1 26  ? 3.738   -3.339  -8.337  1.00 25.06 ? 27  PHE A CZ  1 
ATOM   208  N N   . THR A 1 27  ? -2.124  -7.644  -6.534  1.00 18.50 ? 28  THR A N   1 
ATOM   209  C CA  . THR A 1 27  ? -3.515  -7.942  -6.314  1.00 25.93 ? 28  THR A CA  1 
ATOM   210  C C   . THR A 1 27  ? -3.667  -8.400  -4.870  1.00 29.74 ? 28  THR A C   1 
ATOM   211  O O   . THR A 1 27  ? -3.785  -7.570  -3.945  1.00 27.53 ? 28  THR A O   1 
ATOM   212  C CB  . THR A 1 27  ? -4.081  -9.018  -7.295  1.00 34.93 ? 28  THR A CB  1 
ATOM   213  O OG1 . THR A 1 27  ? -3.280  -10.195 -7.275  1.00 21.18 ? 28  THR A OG1 1 
ATOM   214  C CG2 . THR A 1 27  ? -4.193  -8.482  -8.696  1.00 22.39 ? 28  THR A CG2 1 
ATOM   215  N N   . THR A 1 28  ? -3.584  -9.718  -4.664  1.00 16.24 ? 29  THR A N   1 
ATOM   216  C CA  . THR A 1 28  ? -3.741  -10.330 -3.306  1.00 18.65 ? 29  THR A CA  1 
ATOM   217  C C   . THR A 1 28  ? -2.680  -9.888  -2.299  1.00 23.39 ? 29  THR A C   1 
ATOM   218  O O   . THR A 1 28  ? -2.932  -9.938  -1.118  1.00 22.80 ? 29  THR A O   1 
ATOM   219  C CB  . THR A 1 28  ? -3.737  -11.873 -3.399  1.00 30.90 ? 29  THR A CB  1 
ATOM   220  O OG1 . THR A 1 28  ? -2.482  -12.316 -3.954  1.00 27.10 ? 29  THR A OG1 1 
ATOM   221  C CG2 . THR A 1 28  ? -4.860  -12.308 -4.349  1.00 17.45 ? 29  THR A CG2 1 
ATOM   222  N N   . SER A 1 29  ? -1.493  -9.476  -2.751  1.00 23.09 ? 30  SER A N   1 
ATOM   223  C CA  . SER A 1 29  ? -0.460  -8.981  -1.815  1.00 26.58 ? 30  SER A CA  1 
ATOM   224  C C   . SER A 1 29  ? -0.883  -7.690  -1.131  1.00 16.89 ? 30  SER A C   1 
ATOM   225  O O   . SER A 1 29  ? -0.239  -7.269  -0.177  1.00 24.83 ? 30  SER A O   1 
ATOM   226  C CB  . SER A 1 29  ? 0.848   -8.667  -2.544  1.00 20.46 ? 30  SER A CB  1 
ATOM   227  O OG  . SER A 1 29  ? 1.559   -9.872  -2.865  1.00 26.89 ? 30  SER A OG  1 
ATOM   228  N N   . TRP A 1 30  ? -1.907  -7.046  -1.650  1.00 23.87 ? 31  TRP A N   1 
ATOM   229  C CA  . TRP A 1 30  ? -2.366  -5.752  -1.130  1.00 23.73 ? 31  TRP A CA  1 
ATOM   230  C C   . TRP A 1 30  ? -3.764  -5.797  -0.514  1.00 27.31 ? 31  TRP A C   1 
ATOM   231  O O   . TRP A 1 30  ? -4.218  -4.835  0.112   1.00 24.80 ? 31  TRP A O   1 
ATOM   232  C CB  . TRP A 1 30  ? -2.431  -4.721  -2.298  1.00 23.44 ? 31  TRP A CB  1 
ATOM   233  C CG  . TRP A 1 30  ? -1.078  -4.619  -2.971  1.00 24.74 ? 31  TRP A CG  1 
ATOM   234  C CD1 . TRP A 1 30  ? -0.593  -5.429  -3.914  1.00 27.16 ? 31  TRP A CD1 1 
ATOM   235  C CD2 . TRP A 1 30  ? -0.109  -3.637  -2.678  1.00 22.49 ? 31  TRP A CD2 1 
ATOM   236  N NE1 . TRP A 1 30  ? 0.728   -4.978  -4.207  1.00 22.77 ? 31  TRP A NE1 1 
ATOM   237  C CE2 . TRP A 1 30  ? 0.999   -3.931  -3.461  1.00 25.53 ? 31  TRP A CE2 1 
ATOM   238  C CE3 . TRP A 1 30  ? -0.061  -2.545  -1.804  1.00 23.28 ? 31  TRP A CE3 1 
ATOM   239  C CZ2 . TRP A 1 30  ? 2.187   -3.198  -3.405  1.00 20.01 ? 31  TRP A CZ2 1 
ATOM   240  C CZ3 . TRP A 1 30  ? 1.139   -1.809  -1.759  1.00 25.87 ? 31  TRP A CZ3 1 
ATOM   241  C CH2 . TRP A 1 30  ? 2.211   -2.124  -2.520  1.00 24.09 ? 31  TRP A CH2 1 
ATOM   242  N N   . ARG A 1 31  ? -4.453  -6.906  -0.653  1.00 24.72 ? 32  ARG A N   1 
ATOM   243  C CA  . ARG A 1 31  ? -5.870  -6.939  -0.251  1.00 28.14 ? 32  ARG A CA  1 
ATOM   244  C C   . ARG A 1 31  ? -6.114  -6.819  1.286   1.00 23.31 ? 32  ARG A C   1 
ATOM   245  O O   . ARG A 1 31  ? -7.242  -6.542  1.724   1.00 21.11 ? 32  ARG A O   1 
ATOM   246  C CB  . ARG A 1 31  ? -6.585  -8.153  -0.880  1.00 27.07 ? 32  ARG A CB  1 
ATOM   247  C CG  . ARG A 1 31  ? -6.427  -9.470  -0.142  1.00 51.96 ? 32  ARG A CG  1 
ATOM   248  C CD  . ARG A 1 31  ? -7.730  -10.275 -0.085  1.00 40.15 ? 32  ARG A CD  1 
ATOM   249  N NE  . ARG A 1 31  ? -7.876  -10.941 1.204   1.00 59.14 ? 32  ARG A NE  1 
ATOM   250  C CZ  . ARG A 1 31  ? -8.471  -10.389 2.262   1.00 23.41 ? 32  ARG A CZ  1 
ATOM   251  N NH1 . ARG A 1 31  ? -9.019  -9.170  2.188   0.00 10.43 ? 32  ARG A NH1 1 
ATOM   252  N NH2 . ARG A 1 31  ? -8.556  -10.983 3.457   0.00 9.84  ? 32  ARG A NH2 1 
ATOM   253  N N   . ASP A 1 32  ? -5.092  -6.976  2.138   1.00 20.63 ? 33  ASP A N   1 
ATOM   254  C CA  . ASP A 1 32  ? -5.320  -6.857  3.616   1.00 19.88 ? 33  ASP A CA  1 
ATOM   255  C C   . ASP A 1 32  ? -4.867  -5.459  4.186   1.00 20.25 ? 33  ASP A C   1 
ATOM   256  O O   . ASP A 1 32  ? -4.913  -5.234  5.411   1.00 17.46 ? 33  ASP A O   1 
ATOM   257  C CB  . ASP A 1 32  ? -4.665  -8.001  4.394   1.00 21.39 ? 33  ASP A CB  1 
ATOM   258  C CG  . ASP A 1 32  ? -3.154  -8.068  4.273   1.00 30.20 ? 33  ASP A CG  1 
ATOM   259  O OD1 . ASP A 1 32  ? -2.489  -7.029  3.910   1.00 23.02 ? 33  ASP A OD1 1 
ATOM   260  O OD2 . ASP A 1 32  ? -2.549  -9.173  4.538   1.00 27.90 ? 33  ASP A OD2 1 
ATOM   261  N N   . GLY A 1 33  ? -4.440  -4.549  3.297   1.00 20.77 ? 34  GLY A N   1 
ATOM   262  C CA  . GLY A 1 33  ? -4.016  -3.197  3.655   1.00 17.16 ? 34  GLY A CA  1 
ATOM   263  C C   . GLY A 1 33  ? -2.609  -3.131  4.288   1.00 24.94 ? 34  GLY A C   1 
ATOM   264  O O   . GLY A 1 33  ? -2.086  -2.058  4.449   1.00 23.97 ? 34  GLY A O   1 
ATOM   265  N N   . MET A 1 34  ? -1.962  -4.254  4.648   1.00 23.35 ? 35  MET A N   1 
ATOM   266  C CA  . MET A 1 34  ? -0.623  -4.106  5.253   1.00 21.30 ? 35  MET A CA  1 
ATOM   267  C C   . MET A 1 34  ? 0.390   -3.458  4.366   1.00 28.84 ? 35  MET A C   1 
ATOM   268  O O   . MET A 1 34  ? 1.100   -2.543  4.800   1.00 27.42 ? 35  MET A O   1 
ATOM   269  C CB  . MET A 1 34  ? 0.003   -5.397  5.802   1.00 17.98 ? 35  MET A CB  1 
ATOM   270  C CG  . MET A 1 34  ? -0.879  -6.190  6.712   1.00 17.08 ? 35  MET A CG  1 
ATOM   271  S SD  . MET A 1 34  ? -0.976  -5.460  8.378   1.00 22.88 ? 35  MET A SD  1 
ATOM   272  C CE  . MET A 1 34  ? 0.467   -6.162  9.213   1.00 24.06 ? 35  MET A CE  1 
ATOM   273  N N   . ALA A 1 35  ? 0.526   -3.958  3.150   1.00 19.98 ? 36  ALA A N   1 
ATOM   274  C CA  . ALA A 1 35  ? 1.561   -3.391  2.293   1.00 21.40 ? 36  ALA A CA  1 
ATOM   275  C C   . ALA A 1 35  ? 1.419   -1.882  2.176   1.00 20.97 ? 36  ALA A C   1 
ATOM   276  O O   . ALA A 1 35  ? 2.387   -1.154  2.111   1.00 19.23 ? 36  ALA A O   1 
ATOM   277  C CB  . ALA A 1 35  ? 1.540   -4.012  0.898   1.00 19.70 ? 36  ALA A CB  1 
ATOM   278  N N   . PHE A 1 36  ? 0.211   -1.409  2.017   1.00 21.17 ? 37  PHE A N   1 
ATOM   279  C CA  . PHE A 1 36  ? 0.039   0.037   1.850   1.00 22.33 ? 37  PHE A CA  1 
ATOM   280  C C   . PHE A 1 36  ? 0.586   0.821   3.058   1.00 16.38 ? 37  PHE A C   1 
ATOM   281  O O   . PHE A 1 36  ? 1.273   1.853   2.938   1.00 21.75 ? 37  PHE A O   1 
ATOM   282  C CB  . PHE A 1 36  ? -1.447  0.362   1.662   1.00 24.44 ? 37  PHE A CB  1 
ATOM   283  C CG  . PHE A 1 36  ? -2.000  0.017   0.274   1.00 26.79 ? 37  PHE A CG  1 
ATOM   284  C CD1 . PHE A 1 36  ? -1.592  0.726   -0.868  1.00 26.49 ? 37  PHE A CD1 1 
ATOM   285  C CD2 . PHE A 1 36  ? -3.002  -0.947  0.128   1.00 28.04 ? 37  PHE A CD2 1 
ATOM   286  C CE1 . PHE A 1 36  ? -2.111  0.458   -2.150  1.00 20.29 ? 37  PHE A CE1 1 
ATOM   287  C CE2 . PHE A 1 36  ? -3.521  -1.229  -1.141  1.00 35.19 ? 37  PHE A CE2 1 
ATOM   288  C CZ  . PHE A 1 36  ? -3.075  -0.537  -2.277  1.00 23.72 ? 37  PHE A CZ  1 
ATOM   289  N N   . ASN A 1 37  ? 0.275   0.305   4.229   1.00 16.16 ? 38  ASN A N   1 
ATOM   290  C CA  . ASN A 1 37  ? 0.707   0.940   5.473   1.00 19.84 ? 38  ASN A CA  1 
ATOM   291  C C   . ASN A 1 37  ? 2.224   0.876   5.612   1.00 24.99 ? 38  ASN A C   1 
ATOM   292  O O   . ASN A 1 37  ? 2.850   1.823   6.082   1.00 25.59 ? 38  ASN A O   1 
ATOM   293  C CB  . ASN A 1 37  ? 0.018   0.249   6.641   1.00 15.93 ? 38  ASN A CB  1 
ATOM   294  C CG  . ASN A 1 37  ? -1.377  0.775   6.856   1.00 30.40 ? 38  ASN A CG  1 
ATOM   295  O OD1 . ASN A 1 37  ? -1.527  1.845   7.392   1.00 23.29 ? 38  ASN A OD1 1 
ATOM   296  N ND2 . ASN A 1 37  ? -2.381  0.078   6.360   1.00 23.08 ? 38  ASN A ND2 1 
ATOM   297  N N   . ALA A 1 38  ? 2.823   -0.259  5.229   1.00 16.99 ? 39  ALA A N   1 
ATOM   298  C CA  . ALA A 1 38  ? 4.280   -0.401  5.270   1.00 14.76 ? 39  ALA A CA  1 
ATOM   299  C C   . ALA A 1 38  ? 4.908   0.648   4.368   1.00 25.75 ? 39  ALA A C   1 
ATOM   300  O O   . ALA A 1 38  ? 5.908   1.248   4.724   1.00 23.69 ? 39  ALA A O   1 
ATOM   301  C CB  . ALA A 1 38  ? 4.720   -1.785  4.788   1.00 12.95 ? 39  ALA A CB  1 
ATOM   302  N N   . LEU A 1 39  ? 4.304   0.895   3.209   1.00 16.94 ? 40  LEU A N   1 
ATOM   303  C CA  . LEU A 1 39  ? 4.895   1.852   2.321   1.00 23.96 ? 40  LEU A CA  1 
ATOM   304  C C   . LEU A 1 39  ? 4.921   3.210   2.947   1.00 26.13 ? 40  LEU A C   1 
ATOM   305  O O   . LEU A 1 39  ? 5.875   4.013   2.736   1.00 25.01 ? 40  LEU A O   1 
ATOM   306  C CB  . LEU A 1 39  ? 4.107   1.956   1.001   1.00 27.18 ? 40  LEU A CB  1 
ATOM   307  C CG  . LEU A 1 39  ? 4.568   0.970   -0.061  1.00 34.49 ? 40  LEU A CG  1 
ATOM   308  C CD1 . LEU A 1 39  ? 3.917   1.244   -1.414  1.00 30.72 ? 40  LEU A CD1 1 
ATOM   309  C CD2 . LEU A 1 39  ? 6.090   0.848   -0.135  1.00 31.86 ? 40  LEU A CD2 1 
ATOM   310  N N   . ILE A 1 40  ? 3.803   3.530   3.591   1.00 19.57 ? 41  ILE A N   1 
ATOM   311  C CA  . ILE A 1 40  ? 3.705   4.836   4.249   1.00 16.46 ? 41  ILE A CA  1 
ATOM   312  C C   . ILE A 1 40  ? 4.677   5.004   5.425   1.00 27.07 ? 41  ILE A C   1 
ATOM   313  O O   . ILE A 1 40  ? 5.466   5.965   5.534   1.00 25.95 ? 41  ILE A O   1 
ATOM   314  C CB  . ILE A 1 40  ? 2.287   5.156   4.674   1.00 20.87 ? 41  ILE A CB  1 
ATOM   315  C CG1 . ILE A 1 40  ? 1.436   5.318   3.432   1.00 20.63 ? 41  ILE A CG1 1 
ATOM   316  C CG2 . ILE A 1 40  ? 2.278   6.540   5.402   1.00 19.79 ? 41  ILE A CG2 1 
ATOM   317  C CD1 . ILE A 1 40  ? -0.046  5.130   3.648   1.00 15.96 ? 41  ILE A CD1 1 
ATOM   318  N N   . HIS A 1 41  ? 4.633   4.033   6.295   1.00 21.43 ? 42  HIS A N   1 
ATOM   319  C CA  . HIS A 1 41  ? 5.471   4.026   7.429   1.00 20.46 ? 42  HIS A CA  1 
ATOM   320  C C   . HIS A 1 41  ? 6.940   4.192   7.059   1.00 27.31 ? 42  HIS A C   1 
ATOM   321  O O   . HIS A 1 41  ? 7.740   4.787   7.770   1.00 22.44 ? 42  HIS A O   1 
ATOM   322  C CB  . HIS A 1 41  ? 5.273   2.676   8.098   1.00 26.70 ? 42  HIS A CB  1 
ATOM   323  C CG  . HIS A 1 41  ? 6.032   2.556   9.371   1.00 33.67 ? 42  HIS A CG  1 
ATOM   324  N ND1 . HIS A 1 41  ? 5.461   2.840   10.596  1.00 34.74 ? 42  HIS A ND1 1 
ATOM   325  C CD2 . HIS A 1 41  ? 7.342   2.263   9.605   1.00 32.80 ? 42  HIS A CD2 1 
ATOM   326  C CE1 . HIS A 1 41  ? 6.386   2.698   11.534  1.00 33.06 ? 42  HIS A CE1 1 
ATOM   327  N NE2 . HIS A 1 41  ? 7.527   2.337   10.966  1.00 32.32 ? 42  HIS A NE2 1 
ATOM   328  N N   . LYS A 1 42  ? 7.310   3.571   5.962   1.00 20.77 ? 43  LYS A N   1 
ATOM   329  C CA  . LYS A 1 42  ? 8.675   3.588   5.542   1.00 21.42 ? 43  LYS A CA  1 
ATOM   330  C C   . LYS A 1 42  ? 9.113   5.010   5.331   1.00 28.06 ? 43  LYS A C   1 
ATOM   331  O O   . LYS A 1 42  ? 10.233  5.382   5.649   1.00 39.86 ? 43  LYS A O   1 
ATOM   332  C CB  . LYS A 1 42  ? 8.865   2.816   4.246   1.00 23.80 ? 43  LYS A CB  1 
ATOM   333  C CG  . LYS A 1 42  ? 10.309  2.784   3.800   1.00 32.86 ? 43  LYS A CG  1 
ATOM   334  C CD  . LYS A 1 42  ? 11.149  1.981   4.792   1.00 42.02 ? 43  LYS A CD  1 
ATOM   335  C CE  . LYS A 1 42  ? 12.476  1.552   4.215   1.00 29.82 ? 43  LYS A CE  1 
ATOM   336  N NZ  . LYS A 1 42  ? 13.203  0.737   5.203   1.00 45.82 ? 43  LYS A NZ  1 
ATOM   337  N N   . HIS A 1 43  ? 8.226   5.798   4.792   1.00 21.09 ? 44  HIS A N   1 
ATOM   338  C CA  . HIS A 1 43  ? 8.512   7.196   4.510   1.00 22.16 ? 44  HIS A CA  1 
ATOM   339  C C   . HIS A 1 43  ? 8.134   8.153   5.595   1.00 27.63 ? 44  HIS A C   1 
ATOM   340  O O   . HIS A 1 43  ? 8.823   9.193   5.796   1.00 28.26 ? 44  HIS A O   1 
ATOM   341  C CB  . HIS A 1 43  ? 7.844   7.540   3.234   1.00 28.25 ? 44  HIS A CB  1 
ATOM   342  C CG  . HIS A 1 43  ? 8.316   6.647   2.143   1.00 39.23 ? 44  HIS A CG  1 
ATOM   343  N ND1 . HIS A 1 43  ? 7.652   5.487   1.802   1.00 39.36 ? 44  HIS A ND1 1 
ATOM   344  C CD2 . HIS A 1 43  ? 9.451   6.690   1.395   1.00 37.82 ? 44  HIS A CD2 1 
ATOM   345  C CE1 . HIS A 1 43  ? 8.330   4.894   0.825   1.00 37.81 ? 44  HIS A CE1 1 
ATOM   346  N NE2 . HIS A 1 43  ? 9.408   5.615   0.547   1.00 37.43 ? 44  HIS A NE2 1 
ATOM   347  N N   . ARG A 1 44  ? 7.108   7.748   6.348   1.00 24.27 ? 45  ARG A N   1 
ATOM   348  C CA  . ARG A 1 44  ? 6.589   8.548   7.437   1.00 22.93 ? 45  ARG A CA  1 
ATOM   349  C C   . ARG A 1 44  ? 6.144   7.691   8.567   1.00 27.40 ? 45  ARG A C   1 
ATOM   350  O O   . ARG A 1 44  ? 4.956   7.553   8.796   1.00 31.12 ? 45  ARG A O   1 
ATOM   351  C CB  . ARG A 1 44  ? 5.416   9.378   6.933   1.00 22.18 ? 45  ARG A CB  1 
ATOM   352  C CG  . ARG A 1 44  ? 5.848   10.641  6.118   1.00 31.31 ? 45  ARG A CG  1 
ATOM   353  C CD  . ARG A 1 44  ? 5.878   11.954  6.974   1.00 19.10 ? 45  ARG A CD  1 
ATOM   354  N NE  . ARG A 1 44  ? 4.942   12.979  6.481   1.00 44.85 ? 45  ARG A NE  1 
ATOM   355  C CZ  . ARG A 1 44  ? 4.002   13.567  7.219   1.00 26.57 ? 45  ARG A CZ  1 
ATOM   356  N NH1 . ARG A 1 44  ? 3.873   13.269  8.496   1.00 22.73 ? 45  ARG A NH1 1 
ATOM   357  N NH2 . ARG A 1 44  ? 3.196   14.502  6.690   1.00 60.00 ? 45  ARG A NH2 1 
ATOM   358  N N   . PRO A 1 45  ? 7.110   7.154   9.295   1.00 24.92 ? 46  PRO A N   1 
ATOM   359  C CA  . PRO A 1 45  ? 6.857   6.313   10.435  1.00 18.81 ? 46  PRO A CA  1 
ATOM   360  C C   . PRO A 1 45  ? 6.049   7.078   11.425  1.00 18.08 ? 46  PRO A C   1 
ATOM   361  O O   . PRO A 1 45  ? 5.406   6.522   12.278  1.00 28.26 ? 46  PRO A O   1 
ATOM   362  C CB  . PRO A 1 45  ? 8.251   6.082   11.020  1.00 22.10 ? 46  PRO A CB  1 
ATOM   363  C CG  . PRO A 1 45  ? 9.060   7.236   10.587  1.00 22.75 ? 46  PRO A CG  1 
ATOM   364  C CD  . PRO A 1 45  ? 8.532   7.521   9.193   1.00 25.41 ? 46  PRO A CD  1 
ATOM   365  N N   . ASP A 1 46  ? 6.042   8.374   11.281  1.00 25.18 ? 47  ASP A N   1 
ATOM   366  C CA  . ASP A 1 46  ? 5.246   9.178   12.202  1.00 32.38 ? 47  ASP A CA  1 
ATOM   367  C C   . ASP A 1 46  ? 3.725   8.991   12.054  1.00 44.31 ? 47  ASP A C   1 
ATOM   368  O O   . ASP A 1 46  ? 2.937   9.242   12.983  1.00 40.44 ? 47  ASP A O   1 
ATOM   369  C CB  . ASP A 1 46  ? 5.606   10.674  12.078  1.00 31.89 ? 47  ASP A CB  1 
ATOM   370  C CG  . ASP A 1 46  ? 5.299   11.242  10.743  1.00 29.84 ? 47  ASP A CG  1 
ATOM   371  O OD1 . ASP A 1 46  ? 5.939   10.882  9.747   1.00 23.23 ? 47  ASP A OD1 1 
ATOM   372  O OD2 . ASP A 1 46  ? 4.394   12.149  10.729  1.00 32.74 ? 47  ASP A OD2 1 
ATOM   373  N N   . LEU A 1 47  ? 3.302   8.563   10.882  1.00 30.61 ? 48  LEU A N   1 
ATOM   374  C CA  . LEU A 1 47  ? 1.888   8.445   10.643  1.00 24.28 ? 48  LEU A CA  1 
ATOM   375  C C   . LEU A 1 47  ? 1.280   7.094   11.024  1.00 32.54 ? 48  LEU A C   1 
ATOM   376  O O   . LEU A 1 47  ? 0.059   6.999   11.106  1.00 23.97 ? 48  LEU A O   1 
ATOM   377  C CB  . LEU A 1 47  ? 1.528   8.760   9.166   1.00 20.49 ? 48  LEU A CB  1 
ATOM   378  C CG  . LEU A 1 47  ? 1.667   10.149  8.640   1.00 21.97 ? 48  LEU A CG  1 
ATOM   379  C CD1 . LEU A 1 47  ? 1.425   10.230  7.101   1.00 22.53 ? 48  LEU A CD1 1 
ATOM   380  C CD2 . LEU A 1 47  ? 0.806   11.120  9.426   1.00 20.43 ? 48  LEU A CD2 1 
ATOM   381  N N   . ILE A 1 48  ? 2.099   6.058   11.217  1.00 23.44 ? 49  ILE A N   1 
ATOM   382  C CA  . ILE A 1 48  ? 1.526   4.766   11.502  1.00 21.96 ? 49  ILE A CA  1 
ATOM   383  C C   . ILE A 1 48  ? 2.288   4.045   12.553  1.00 31.42 ? 49  ILE A C   1 
ATOM   384  O O   . ILE A 1 48  ? 3.508   4.149   12.601  1.00 22.85 ? 49  ILE A O   1 
ATOM   385  C CB  . ILE A 1 48  ? 1.627   3.938   10.230  1.00 33.04 ? 49  ILE A CB  1 
ATOM   386  C CG1 . ILE A 1 48  ? 0.840   4.606   9.113   1.00 35.87 ? 49  ILE A CG1 1 
ATOM   387  C CG2 . ILE A 1 48  ? 1.171   2.509   10.457  1.00 39.92 ? 49  ILE A CG2 1 
ATOM   388  C CD1 . ILE A 1 48  ? 1.581   4.587   7.796   1.00 46.97 ? 49  ILE A CD1 1 
ATOM   389  N N   . ASP A 1 49  ? 1.551   3.306   13.400  1.00 32.14 ? 50  ASP A N   1 
ATOM   390  C CA  . ASP A 1 49  ? 2.119   2.437   14.425  1.00 30.27 ? 50  ASP A CA  1 
ATOM   391  C C   . ASP A 1 49  ? 1.971   1.048   13.870  1.00 35.24 ? 50  ASP A C   1 
ATOM   392  O O   . ASP A 1 49  ? 1.097   0.287   14.239  1.00 30.51 ? 50  ASP A O   1 
ATOM   393  C CB  . ASP A 1 49  ? 1.372   2.484   15.722  1.00 33.27 ? 50  ASP A CB  1 
ATOM   394  C CG  . ASP A 1 49  ? 2.134   1.814   16.765  1.00 60.00 ? 50  ASP A CG  1 
ATOM   395  O OD1 . ASP A 1 49  ? 3.241   1.293   16.481  1.00 60.00 ? 50  ASP A OD1 1 
ATOM   396  O OD2 . ASP A 1 49  ? 1.565   1.790   17.901  1.00 41.54 ? 50  ASP A OD2 1 
ATOM   397  N N   . PHE A 1 50  ? 2.812   0.763   12.906  1.00 29.02 ? 51  PHE A N   1 
ATOM   398  C CA  . PHE A 1 50  ? 2.700   -0.427  12.166  1.00 17.75 ? 51  PHE A CA  1 
ATOM   399  C C   . PHE A 1 50  ? 2.547   -1.624  12.985  1.00 21.78 ? 51  PHE A C   1 
ATOM   400  O O   . PHE A 1 50  ? 1.913   -2.577  12.583  1.00 20.72 ? 51  PHE A O   1 
ATOM   401  C CB  . PHE A 1 50  ? 3.897   -0.579  11.275  1.00 23.67 ? 51  PHE A CB  1 
ATOM   402  C CG  . PHE A 1 50  ? 3.724   -1.662  10.278  1.00 22.09 ? 51  PHE A CG  1 
ATOM   403  C CD1 . PHE A 1 50  ? 4.064   -2.976  10.593  1.00 22.90 ? 51  PHE A CD1 1 
ATOM   404  C CD2 . PHE A 1 50  ? 3.151   -1.377  9.051   1.00 20.35 ? 51  PHE A CD2 1 
ATOM   405  C CE1 . PHE A 1 50  ? 3.946   -3.973  9.640   1.00 26.69 ? 51  PHE A CE1 1 
ATOM   406  C CE2 . PHE A 1 50  ? 3.018   -2.377  8.094   1.00 17.26 ? 51  PHE A CE2 1 
ATOM   407  C CZ  . PHE A 1 50  ? 3.389   -3.677  8.398   1.00 21.05 ? 51  PHE A CZ  1 
ATOM   408  N N   . ASP A 1 51  ? 3.153   -1.608  14.148  1.00 24.58 ? 52  ASP A N   1 
ATOM   409  C CA  . ASP A 1 51  ? 3.117   -2.826  14.984  1.00 26.68 ? 52  ASP A CA  1 
ATOM   410  C C   . ASP A 1 51  ? 1.727   -3.207  15.437  1.00 27.39 ? 52  ASP A C   1 
ATOM   411  O O   . ASP A 1 51  ? 1.503   -4.351  15.841  1.00 27.03 ? 52  ASP A O   1 
ATOM   412  C CB  . ASP A 1 51  ? 3.987   -2.712  16.251  1.00 29.48 ? 52  ASP A CB  1 
ATOM   413  C CG  . ASP A 1 51  ? 4.837   -1.442  16.328  1.00 60.00 ? 52  ASP A CG  1 
ATOM   414  O OD1 . ASP A 1 51  ? 4.691   -0.469  15.532  1.00 60.00 ? 52  ASP A OD1 1 
ATOM   415  O OD2 . ASP A 1 51  ? 5.683   -1.426  17.308  1.00 60.00 ? 52  ASP A OD2 1 
ATOM   416  N N   . LYS A 1 52  ? 0.811   -2.247  15.374  1.00 19.93 ? 53  LYS A N   1 
ATOM   417  C CA  . LYS A 1 52  ? -0.531  -2.460  15.886  1.00 26.38 ? 53  LYS A CA  1 
ATOM   418  C C   . LYS A 1 52  ? -1.416  -3.169  14.906  1.00 34.15 ? 53  LYS A C   1 
ATOM   419  O O   . LYS A 1 52  ? -2.460  -3.718  15.296  1.00 27.66 ? 53  LYS A O   1 
ATOM   420  C CB  . LYS A 1 52  ? -1.192  -1.128  16.183  1.00 27.63 ? 53  LYS A CB  1 
ATOM   421  C CG  . LYS A 1 52  ? -0.615  -0.345  17.363  1.00 33.68 ? 53  LYS A CG  1 
ATOM   422  C CD  . LYS A 1 52  ? -0.495  -1.196  18.614  1.00 34.16 ? 53  LYS A CD  1 
ATOM   423  C CE  . LYS A 1 52  ? 0.041   -0.397  19.828  1.00 57.58 ? 53  LYS A CE  1 
ATOM   424  N NZ  . LYS A 1 52  ? 1.307   -0.952  20.347  1.00 51.85 ? 53  LYS A NZ  1 
ATOM   425  N N   . LEU A 1 53  ? -1.019  -3.086  13.627  1.00 32.23 ? 54  LEU A N   1 
ATOM   426  C CA  . LEU A 1 53  ? -1.765  -3.641  12.489  1.00 19.63 ? 54  LEU A CA  1 
ATOM   427  C C   . LEU A 1 53  ? -1.662  -5.167  12.445  1.00 20.17 ? 54  LEU A C   1 
ATOM   428  O O   . LEU A 1 53  ? -0.606  -5.753  12.702  1.00 30.01 ? 54  LEU A O   1 
ATOM   429  C CB  . LEU A 1 53  ? -1.211  -3.005  11.191  1.00 18.76 ? 54  LEU A CB  1 
ATOM   430  C CG  . LEU A 1 53  ? -1.264  -1.479  11.199  1.00 20.43 ? 54  LEU A CG  1 
ATOM   431  C CD1 . LEU A 1 53  ? -0.772  -0.866  9.889   1.00 16.76 ? 54  LEU A CD1 1 
ATOM   432  C CD2 . LEU A 1 53  ? -2.676  -0.930  11.420  1.00 15.49 ? 54  LEU A CD2 1 
ATOM   433  N N   . LYS A 1 54  ? -2.794  -5.762  12.130  1.00 16.87 ? 55  LYS A N   1 
ATOM   434  C CA  . LYS A 1 54  ? -2.919  -7.212  11.958  1.00 23.39 ? 55  LYS A CA  1 
ATOM   435  C C   . LYS A 1 54  ? -3.498  -7.460  10.600  1.00 23.75 ? 55  LYS A C   1 
ATOM   436  O O   . LYS A 1 54  ? -4.409  -6.745  10.170  1.00 20.92 ? 55  LYS A O   1 
ATOM   437  C CB  . LYS A 1 54  ? -3.895  -7.811  12.962  1.00 30.31 ? 55  LYS A CB  1 
ATOM   438  C CG  . LYS A 1 54  ? -3.438  -7.676  14.399  1.00 27.51 ? 55  LYS A CG  1 
ATOM   439  C CD  . LYS A 1 54  ? -2.569  -8.840  14.858  1.00 34.25 ? 55  LYS A CD  1 
ATOM   440  C CE  . LYS A 1 54  ? -2.305  -8.809  16.359  1.00 60.00 ? 55  LYS A CE  1 
ATOM   441  N NZ  . LYS A 1 54  ? -1.853  -7.493  16.828  1.00 56.84 ? 55  LYS A NZ  1 
ATOM   442  N N   . LYS A 1 55  ? -2.979  -8.447  9.952   1.00 26.51 ? 56  LYS A N   1 
ATOM   443  C CA  . LYS A 1 55  ? -3.445  -8.776  8.624   1.00 24.35 ? 56  LYS A CA  1 
ATOM   444  C C   . LYS A 1 55  ? -4.939  -8.999  8.610   1.00 26.78 ? 56  LYS A C   1 
ATOM   445  O O   . LYS A 1 55  ? -5.565  -8.861  7.571   1.00 25.21 ? 56  LYS A O   1 
ATOM   446  C CB  . LYS A 1 55  ? -2.803  -10.062 8.136   1.00 33.08 ? 56  LYS A CB  1 
ATOM   447  C CG  . LYS A 1 55  ? -1.481  -9.828  7.425   1.00 24.80 ? 56  LYS A CG  1 
ATOM   448  C CD  . LYS A 1 55  ? -0.491  -10.953 7.678   1.00 32.92 ? 56  LYS A CD  1 
ATOM   449  C CE  . LYS A 1 55  ? -1.051  -12.328 7.326   1.00 43.58 ? 56  LYS A CE  1 
ATOM   450  N NZ  . LYS A 1 55  ? -0.029  -13.379 7.374   1.00 29.42 ? 56  LYS A NZ  1 
ATOM   451  N N   . SER A 1 56  ? -5.520  -9.437  9.725   1.00 20.57 ? 57  SER A N   1 
ATOM   452  C CA  . SER A 1 56  ? -6.965  -9.744  9.724   1.00 22.21 ? 57  SER A CA  1 
ATOM   453  C C   . SER A 1 56  ? -7.932  -8.610  9.485   1.00 37.56 ? 57  SER A C   1 
ATOM   454  O O   . SER A 1 56  ? -9.079  -8.853  9.104   1.00 40.51 ? 57  SER A O   1 
ATOM   455  C CB  . SER A 1 56  ? -7.399  -10.388 11.024  1.00 18.86 ? 57  SER A CB  1 
ATOM   456  O OG  . SER A 1 56  ? -6.665  -9.867  12.092  1.00 48.20 ? 57  SER A OG  1 
ATOM   457  N N   . ASN A 1 57  ? -7.513  -7.383  9.782   1.00 24.88 ? 58  ASN A N   1 
ATOM   458  C CA  . ASN A 1 57  ? -8.395  -6.230  9.681   1.00 19.39 ? 58  ASN A CA  1 
ATOM   459  C C   . ASN A 1 57  ? -8.182  -5.494  8.386   1.00 29.66 ? 58  ASN A C   1 
ATOM   460  O O   . ASN A 1 57  ? -7.687  -4.363  8.345   1.00 25.37 ? 58  ASN A O   1 
ATOM   461  C CB  . ASN A 1 57  ? -8.208  -5.358  10.916  1.00 24.19 ? 58  ASN A CB  1 
ATOM   462  C CG  . ASN A 1 57  ? -8.103  -6.204  12.164  1.00 27.14 ? 58  ASN A CG  1 
ATOM   463  O OD1 . ASN A 1 57  ? -9.036  -6.913  12.471  1.00 34.07 ? 58  ASN A OD1 1 
ATOM   464  N ND2 . ASN A 1 57  ? -6.934  -6.211  12.825  1.00 20.00 ? 58  ASN A ND2 1 
ATOM   465  N N   . ALA A 1 58  ? -8.594  -6.153  7.305   1.00 22.71 ? 59  ALA A N   1 
ATOM   466  C CA  . ALA A 1 58  ? -8.350  -5.610  5.983   1.00 23.11 ? 59  ALA A CA  1 
ATOM   467  C C   . ALA A 1 58  ? -8.954  -4.218  5.851   1.00 22.22 ? 59  ALA A C   1 
ATOM   468  O O   . ALA A 1 58  ? -8.332  -3.254  5.452   1.00 25.35 ? 59  ALA A O   1 
ATOM   469  C CB  . ALA A 1 58  ? -8.882  -6.570  4.913   1.00 20.36 ? 59  ALA A CB  1 
ATOM   470  N N   . HIS A 1 59  ? -10.192 -4.122  6.223   1.00 22.07 ? 60  HIS A N   1 
ATOM   471  C CA  . HIS A 1 59  ? -10.860 -2.873  6.071   1.00 27.29 ? 60  HIS A CA  1 
ATOM   472  C C   . HIS A 1 59  ? -10.163 -1.727  6.772   1.00 23.21 ? 60  HIS A C   1 
ATOM   473  O O   . HIS A 1 59  ? -9.962  -0.624  6.216   1.00 18.33 ? 60  HIS A O   1 
ATOM   474  C CB  . HIS A 1 59  ? -12.320 -2.940  6.558   1.00 22.00 ? 60  HIS A CB  1 
ATOM   475  C CG  . HIS A 1 59  ? -13.129 -1.776  6.061   1.00 22.18 ? 60  HIS A CG  1 
ATOM   476  N ND1 . HIS A 1 59  ? -13.869 -1.828  4.890   1.00 23.54 ? 60  HIS A ND1 1 
ATOM   477  C CD2 . HIS A 1 59  ? -13.224 -0.511  6.514   1.00 27.81 ? 60  HIS A CD2 1 
ATOM   478  C CE1 . HIS A 1 59  ? -14.421 -0.651  4.673   1.00 26.36 ? 60  HIS A CE1 1 
ATOM   479  N NE2 . HIS A 1 59  ? -14.045 0.170   5.634   1.00 30.48 ? 60  HIS A NE2 1 
ATOM   480  N N   . TYR A 1 60  ? -9.860  -1.996  8.024   1.00 23.52 ? 61  TYR A N   1 
ATOM   481  C CA  . TYR A 1 60  ? -9.256  -0.985  8.864   1.00 23.86 ? 61  TYR A CA  1 
ATOM   482  C C   . TYR A 1 60  ? -7.914  -0.575  8.267   1.00 15.54 ? 61  TYR A C   1 
ATOM   483  O O   . TYR A 1 60  ? -7.544  0.595   8.148   1.00 20.03 ? 61  TYR A O   1 
ATOM   484  C CB  . TYR A 1 60  ? -9.048  -1.597  10.245  1.00 18.47 ? 61  TYR A CB  1 
ATOM   485  C CG  . TYR A 1 60  ? -8.371  -0.655  11.153  1.00 19.74 ? 61  TYR A CG  1 
ATOM   486  C CD1 . TYR A 1 60  ? -6.989  -0.620  11.194  1.00 21.16 ? 61  TYR A CD1 1 
ATOM   487  C CD2 . TYR A 1 60  ? -9.087  0.260   11.917  1.00 23.22 ? 61  TYR A CD2 1 
ATOM   488  C CE1 . TYR A 1 60  ? -6.325  0.249   12.028  1.00 17.62 ? 61  TYR A CE1 1 
ATOM   489  C CE2 . TYR A 1 60  ? -8.438  1.158   12.753  1.00 30.81 ? 61  TYR A CE2 1 
ATOM   490  C CZ  . TYR A 1 60  ? -7.043  1.132   12.817  1.00 41.42 ? 61  TYR A CZ  1 
ATOM   491  O OH  . TYR A 1 60  ? -6.322  1.964   13.644  1.00 47.03 ? 61  TYR A OH  1 
ATOM   492  N N   . ASN A 1 61  ? -7.166  -1.582  7.943   1.00 17.02 ? 62  ASN A N   1 
ATOM   493  C CA  . ASN A 1 61  ? -5.819  -1.348  7.405   1.00 20.66 ? 62  ASN A CA  1 
ATOM   494  C C   . ASN A 1 61  ? -5.909  -0.542  6.143   1.00 16.71 ? 62  ASN A C   1 
ATOM   495  O O   . ASN A 1 61  ? -5.192  0.428   5.970   1.00 16.71 ? 62  ASN A O   1 
ATOM   496  C CB  . ASN A 1 61  ? -5.135  -2.694  7.109   1.00 22.08 ? 62  ASN A CB  1 
ATOM   497  C CG  . ASN A 1 61  ? -4.802  -3.463  8.365   1.00 15.67 ? 62  ASN A CG  1 
ATOM   498  O OD1 . ASN A 1 61  ? -4.852  -2.948  9.518   1.00 18.51 ? 62  ASN A OD1 1 
ATOM   499  N ND2 . ASN A 1 61  ? -4.467  -4.731  8.159   1.00 15.88 ? 62  ASN A ND2 1 
ATOM   500  N N   . LEU A 1 62  ? -6.801  -0.935  5.237   1.00 19.92 ? 63  LEU A N   1 
ATOM   501  C CA  . LEU A 1 62  ? -6.920  -0.195  3.986   1.00 20.23 ? 63  LEU A CA  1 
ATOM   502  C C   . LEU A 1 62  ? -7.407  1.242   4.172   1.00 20.93 ? 63  LEU A C   1 
ATOM   503  O O   . LEU A 1 62  ? -6.908  2.146   3.524   1.00 19.75 ? 63  LEU A O   1 
ATOM   504  C CB  . LEU A 1 62  ? -7.812  -0.941  2.968   1.00 25.13 ? 63  LEU A CB  1 
ATOM   505  C CG  . LEU A 1 62  ? -7.330  -2.335  2.513   1.00 22.05 ? 63  LEU A CG  1 
ATOM   506  C CD1 . LEU A 1 62  ? -8.564  -3.096  2.048   1.00 19.35 ? 63  LEU A CD1 1 
ATOM   507  C CD2 . LEU A 1 62  ? -6.341  -2.132  1.379   1.00 16.49 ? 63  LEU A CD2 1 
ATOM   508  N N   . GLN A 1 63  ? -8.442  1.425   5.007   1.00 17.07 ? 64  GLN A N   1 
ATOM   509  C CA  . GLN A 1 63  ? -8.983  2.763   5.261   1.00 15.92 ? 64  GLN A CA  1 
ATOM   510  C C   . GLN A 1 63  ? -7.888  3.641   5.884   1.00 9.54  ? 64  GLN A C   1 
ATOM   511  O O   . GLN A 1 63  ? -7.733  4.821   5.556   1.00 21.41 ? 64  GLN A O   1 
ATOM   512  C CB  . GLN A 1 63  ? -10.182 2.643   6.230   1.00 14.62 ? 64  GLN A CB  1 
ATOM   513  C CG  . GLN A 1 63  ? -11.018 3.942   6.351   1.00 26.46 ? 64  GLN A CG  1 
ATOM   514  C CD  . GLN A 1 63  ? -12.353 3.714   7.023   0.00 45.88 ? 64  GLN A CD  1 
ATOM   515  O OE1 . GLN A 1 63  ? -12.573 2.688   7.676   0.00 41.58 ? 64  GLN A OE1 1 
ATOM   516  N NE2 . GLN A 1 63  ? -13.268 4.663   6.850   0.00 38.21 ? 64  GLN A NE2 1 
ATOM   517  N N   . ASN A 1 64  ? -7.131  3.013   6.788   1.00 11.99 ? 65  ASN A N   1 
ATOM   518  C CA  . ASN A 1 64  ? -6.071  3.677   7.488   1.00 18.32 ? 65  ASN A CA  1 
ATOM   519  C C   . ASN A 1 64  ? -5.081  4.273   6.515   1.00 26.48 ? 65  ASN A C   1 
ATOM   520  O O   . ASN A 1 64  ? -4.720  5.467   6.587   1.00 25.71 ? 65  ASN A O   1 
ATOM   521  C CB  . ASN A 1 64  ? -5.255  2.717   8.369   1.00 15.40 ? 65  ASN A CB  1 
ATOM   522  C CG  . ASN A 1 64  ? -4.387  3.511   9.350   1.00 45.74 ? 65  ASN A CG  1 
ATOM   523  O OD1 . ASN A 1 64  ? -4.919  4.380   10.041  1.00 24.84 ? 65  ASN A OD1 1 
ATOM   524  N ND2 . ASN A 1 64  ? -3.065  3.289   9.370   1.00 20.26 ? 65  ASN A ND2 1 
ATOM   525  N N   . ALA A 1 65  ? -4.562  3.418   5.650   1.00 18.65 ? 66  ALA A N   1 
ATOM   526  C CA  . ALA A 1 65  ? -3.559  3.890   4.716   1.00 21.27 ? 66  ALA A CA  1 
ATOM   527  C C   . ALA A 1 65  ? -4.194  4.895   3.801   1.00 15.04 ? 66  ALA A C   1 
ATOM   528  O O   . ALA A 1 65  ? -3.641  5.938   3.513   1.00 16.55 ? 66  ALA A O   1 
ATOM   529  C CB  . ALA A 1 65  ? -2.977  2.731   3.902   1.00 24.01 ? 66  ALA A CB  1 
ATOM   530  N N   . PHE A 1 66  ? -5.376  4.577   3.297   1.00 16.59 ? 67  PHE A N   1 
ATOM   531  C CA  . PHE A 1 66  ? -5.972  5.494   2.326   1.00 15.26 ? 67  PHE A CA  1 
ATOM   532  C C   . PHE A 1 66  ? -6.240  6.880   2.946   1.00 25.62 ? 67  PHE A C   1 
ATOM   533  O O   . PHE A 1 66  ? -5.987  7.907   2.312   1.00 18.59 ? 67  PHE A O   1 
ATOM   534  C CB  . PHE A 1 66  ? -7.266  4.922   1.766   1.00 16.82 ? 67  PHE A CB  1 
ATOM   535  C CG  . PHE A 1 66  ? -7.081  3.648   1.012   1.00 20.43 ? 67  PHE A CG  1 
ATOM   536  C CD1 . PHE A 1 66  ? -5.805  3.188   0.669   1.00 32.33 ? 67  PHE A CD1 1 
ATOM   537  C CD2 . PHE A 1 66  ? -8.189  2.865   0.688   1.00 25.28 ? 67  PHE A CD2 1 
ATOM   538  C CE1 . PHE A 1 66  ? -5.629  1.966   0.009   1.00 26.77 ? 67  PHE A CE1 1 
ATOM   539  C CE2 . PHE A 1 66  ? -8.033  1.651   0.010   1.00 24.96 ? 67  PHE A CE2 1 
ATOM   540  C CZ  . PHE A 1 66  ? -6.754  1.220   -0.346  1.00 22.98 ? 67  PHE A CZ  1 
ATOM   541  N N   . ASN A 1 67  ? -6.807  6.880   4.158   1.00 15.11 ? 68  ASN A N   1 
ATOM   542  C CA  . ASN A 1 67  ? -7.173  8.125   4.803   1.00 17.56 ? 68  ASN A CA  1 
ATOM   543  C C   . ASN A 1 67  ? -5.950  8.973   5.144   1.00 12.42 ? 68  ASN A C   1 
ATOM   544  O O   . ASN A 1 67  ? -5.903  10.159  4.856   1.00 16.39 ? 68  ASN A O   1 
ATOM   545  C CB  . ASN A 1 67  ? -8.008  7.784   6.029   1.00 21.47 ? 68  ASN A CB  1 
ATOM   546  C CG  . ASN A 1 67  ? -9.451  7.486   5.673   1.00 32.20 ? 68  ASN A CG  1 
ATOM   547  O OD1 . ASN A 1 67  ? -9.836  7.638   4.537   1.00 25.48 ? 68  ASN A OD1 1 
ATOM   548  N ND2 . ASN A 1 67  ? -10.256 7.066   6.638   1.00 42.74 ? 68  ASN A ND2 1 
ATOM   549  N N   . LEU A 1 68  ? -4.901  8.314   5.608   1.00 18.00 ? 69  LEU A N   1 
ATOM   550  C CA  . LEU A 1 68  ? -3.647  9.005   5.961   1.00 16.65 ? 69  LEU A CA  1 
ATOM   551  C C   . LEU A 1 68  ? -2.974  9.511   4.716   1.00 21.54 ? 69  LEU A C   1 
ATOM   552  O O   . LEU A 1 68  ? -2.551  10.687  4.625   1.00 22.51 ? 69  LEU A O   1 
ATOM   553  C CB  . LEU A 1 68  ? -2.715  8.039   6.655   1.00 21.50 ? 69  LEU A CB  1 
ATOM   554  C CG  . LEU A 1 68  ? -3.141  7.546   8.045   1.00 39.21 ? 69  LEU A CG  1 
ATOM   555  C CD1 . LEU A 1 68  ? -2.399  6.212   8.389   1.00 46.55 ? 69  LEU A CD1 1 
ATOM   556  C CD2 . LEU A 1 68  ? -2.926  8.651   9.122   1.00 33.40 ? 69  LEU A CD2 1 
ATOM   557  N N   . ALA A 1 69  ? -2.920  8.666   3.694   1.00 20.67 ? 70  ALA A N   1 
ATOM   558  C CA  . ALA A 1 69  ? -2.302  9.157   2.474   1.00 18.14 ? 70  ALA A CA  1 
ATOM   559  C C   . ALA A 1 69  ? -3.041  10.353  1.961   1.00 21.36 ? 70  ALA A C   1 
ATOM   560  O O   . ALA A 1 69  ? -2.439  11.336  1.562   1.00 20.95 ? 70  ALA A O   1 
ATOM   561  C CB  . ALA A 1 69  ? -2.162  8.048   1.388   1.00 18.78 ? 70  ALA A CB  1 
ATOM   562  N N   . GLU A 1 70  ? -4.373  10.309  2.016   1.00 19.98 ? 71  GLU A N   1 
ATOM   563  C CA  . GLU A 1 70  ? -5.088  11.457  1.531   1.00 18.25 ? 71  GLU A CA  1 
ATOM   564  C C   . GLU A 1 70  ? -4.859  12.676  2.401   1.00 22.02 ? 71  GLU A C   1 
ATOM   565  O O   . GLU A 1 70  ? -4.582  13.771  1.920   1.00 24.50 ? 71  GLU A O   1 
ATOM   566  C CB  . GLU A 1 70  ? -6.598  11.226  1.539   1.00 16.25 ? 71  GLU A CB  1 
ATOM   567  C CG  . GLU A 1 70  ? -7.283  12.295  0.695   1.00 14.52 ? 71  GLU A CG  1 
ATOM   568  C CD  . GLU A 1 70  ? -8.785  12.131  0.651   1.00 59.46 ? 71  GLU A CD  1 
ATOM   569  O OE1 . GLU A 1 70  ? -9.370  12.076  1.792   1.00 33.71 ? 71  GLU A OE1 1 
ATOM   570  O OE2 . GLU A 1 70  ? -9.379  12.041  -0.446  1.00 60.00 ? 71  GLU A OE2 1 
ATOM   571  N N   . GLN A 1 71  ? -5.063  12.475  3.679   1.00 21.06 ? 72  GLN A N   1 
ATOM   572  C CA  . GLN A 1 71  ? -5.009  13.560  4.619   1.00 23.68 ? 72  GLN A CA  1 
ATOM   573  C C   . GLN A 1 71  ? -3.648  14.237  4.759   1.00 26.75 ? 72  GLN A C   1 
ATOM   574  O O   . GLN A 1 71  ? -3.574  15.453  4.732   1.00 25.89 ? 72  GLN A O   1 
ATOM   575  C CB  . GLN A 1 71  ? -5.537  13.093  5.974   1.00 26.60 ? 72  GLN A CB  1 
ATOM   576  C CG  . GLN A 1 71  ? -7.081  13.259  6.145   1.00 60.00 ? 72  GLN A CG  1 
ATOM   577  C CD  . GLN A 1 71  ? -7.592  14.661  5.772   1.00 60.00 ? 72  GLN A CD  1 
ATOM   578  O OE1 . GLN A 1 71  ? -7.167  15.696  6.343   1.00 60.00 ? 72  GLN A OE1 1 
ATOM   579  N NE2 . GLN A 1 71  ? -8.498  14.709  4.799   1.00 60.00 ? 72  GLN A NE2 1 
ATOM   580  N N   . HIS A 1 72  ? -2.591  13.445  4.891   1.00 21.81 ? 73  HIS A N   1 
ATOM   581  C CA  . HIS A 1 72  ? -1.219  13.954  5.131   1.00 24.37 ? 73  HIS A CA  1 
ATOM   582  C C   . HIS A 1 72  ? -0.271  14.036  3.958   1.00 29.70 ? 73  HIS A C   1 
ATOM   583  O O   . HIS A 1 72  ? 0.758   14.706  4.026   1.00 22.53 ? 73  HIS A O   1 
ATOM   584  C CB  . HIS A 1 72  ? -0.566  13.121  6.277   1.00 26.32 ? 73  HIS A CB  1 
ATOM   585  C CG  . HIS A 1 72  ? -1.340  13.171  7.559   1.00 34.35 ? 73  HIS A CG  1 
ATOM   586  N ND1 . HIS A 1 72  ? -2.311  12.230  7.881   1.00 32.42 ? 73  HIS A ND1 1 
ATOM   587  C CD2 . HIS A 1 72  ? -1.362  14.103  8.552   1.00 33.14 ? 73  HIS A CD2 1 
ATOM   588  C CE1 . HIS A 1 72  ? -2.859  12.557  9.038   1.00 26.47 ? 73  HIS A CE1 1 
ATOM   589  N NE2 . HIS A 1 72  ? -2.325  13.698  9.456   1.00 34.10 ? 73  HIS A NE2 1 
ATOM   590  N N   . LEU A 1 73  ? -0.566  13.284  2.909   1.00 20.76 ? 74  LEU A N   1 
ATOM   591  C CA  . LEU A 1 73  ? 0.284   13.312  1.736   1.00 15.75 ? 74  LEU A CA  1 
ATOM   592  C C   . LEU A 1 73  ? -0.415  13.877  0.489   1.00 17.42 ? 74  LEU A C   1 
ATOM   593  O O   . LEU A 1 73  ? 0.181   13.924  -0.570  1.00 24.27 ? 74  LEU A O   1 
ATOM   594  C CB  . LEU A 1 73  ? 0.753   11.903  1.487   1.00 14.97 ? 74  LEU A CB  1 
ATOM   595  C CG  . LEU A 1 73  ? 1.075   11.142  2.751   1.00 16.18 ? 74  LEU A CG  1 
ATOM   596  C CD1 . LEU A 1 73  ? 1.541   9.757   2.320   1.00 17.74 ? 74  LEU A CD1 1 
ATOM   597  C CD2 . LEU A 1 73  ? 2.218   11.846  3.459   1.00 23.01 ? 74  LEU A CD2 1 
ATOM   598  N N   . GLY A 1 74  ? -1.678  14.309  0.637   1.00 20.32 ? 75  GLY A N   1 
ATOM   599  C CA  . GLY A 1 74  ? -2.506  14.857  -0.456  1.00 21.89 ? 75  GLY A CA  1 
ATOM   600  C C   . GLY A 1 74  ? -2.690  13.832  -1.602  1.00 30.84 ? 75  GLY A C   1 
ATOM   601  O O   . GLY A 1 74  ? -2.981  14.175  -2.760  1.00 23.40 ? 75  GLY A O   1 
ATOM   602  N N   . LEU A 1 75  ? -2.495  12.556  -1.289  1.00 23.34 ? 76  LEU A N   1 
ATOM   603  C CA  . LEU A 1 75  ? -2.625  11.518  -2.317  1.00 25.58 ? 76  LEU A CA  1 
ATOM   604  C C   . LEU A 1 75  ? -4.084  11.063  -2.419  1.00 27.40 ? 76  LEU A C   1 
ATOM   605  O O   . LEU A 1 75  ? -4.625  10.439  -1.498  1.00 25.18 ? 76  LEU A O   1 
ATOM   606  C CB  . LEU A 1 75  ? -1.726  10.312  -1.983  1.00 21.33 ? 76  LEU A CB  1 
ATOM   607  C CG  . LEU A 1 75  ? -0.239  10.587  -2.031  1.00 17.50 ? 76  LEU A CG  1 
ATOM   608  C CD1 . LEU A 1 75  ? 0.520   9.284   -1.816  1.00 20.25 ? 76  LEU A CD1 1 
ATOM   609  C CD2 . LEU A 1 75  ? 0.113   11.176  -3.341  1.00 28.31 ? 76  LEU A CD2 1 
ATOM   610  N N   . THR A 1 76  ? -4.725  11.419  -3.515  1.00 23.84 ? 77  THR A N   1 
ATOM   611  C CA  . THR A 1 76  ? -6.090  11.060  -3.661  1.00 24.00 ? 77  THR A CA  1 
ATOM   612  C C   . THR A 1 76  ? -6.425  9.591   -3.411  1.00 25.35 ? 77  THR A C   1 
ATOM   613  O O   . THR A 1 76  ? -5.654  8.672   -3.771  1.00 26.82 ? 77  THR A O   1 
ATOM   614  C CB  . THR A 1 76  ? -6.776  11.732  -4.857  1.00 26.25 ? 77  THR A CB  1 
ATOM   615  O OG1 . THR A 1 76  ? -7.638  10.837  -5.513  1.00 45.20 ? 77  THR A OG1 1 
ATOM   616  C CG2 . THR A 1 76  ? -5.796  12.278  -5.795  1.00 19.25 ? 77  THR A CG2 1 
ATOM   617  N N   . LYS A 1 77  ? -7.555  9.399   -2.726  1.00 21.90 ? 78  LYS A N   1 
ATOM   618  C CA  . LYS A 1 77  ? -8.070  8.087   -2.341  1.00 23.48 ? 78  LYS A CA  1 
ATOM   619  C C   . LYS A 1 77  ? -8.670  7.447   -3.579  1.00 28.23 ? 78  LYS A C   1 
ATOM   620  O O   . LYS A 1 77  ? -9.855  7.382   -3.703  1.00 22.44 ? 78  LYS A O   1 
ATOM   621  C CB  . LYS A 1 77  ? -9.185  8.218   -1.283  1.00 20.63 ? 78  LYS A CB  1 
ATOM   622  C CG  . LYS A 1 77  ? -8.786  8.216   0.196   1.00 27.75 ? 78  LYS A CG  1 
ATOM   623  C CD  . LYS A 1 77  ? -9.955  7.850   1.129   0.00 28.95 ? 78  LYS A CD  1 
ATOM   624  C CE  . LYS A 1 77  ? -10.840 9.038   1.544   1.00 26.55 ? 78  LYS A CE  1 
ATOM   625  N NZ  . LYS A 1 77  ? -11.722 8.725   2.685   0.00 34.66 ? 78  LYS A NZ  1 
ATOM   626  N N   . LEU A 1 78  ? -7.852  6.960   -4.491  1.00 20.92 ? 79  LEU A N   1 
ATOM   627  C CA  . LEU A 1 78  ? -8.380  6.333   -5.675  1.00 22.72 ? 79  LEU A CA  1 
ATOM   628  C C   . LEU A 1 78  ? -9.090  4.997   -5.419  1.00 32.79 ? 79  LEU A C   1 
ATOM   629  O O   . LEU A 1 78  ? -9.985  4.596   -6.177  1.00 28.49 ? 79  LEU A O   1 
ATOM   630  C CB  . LEU A 1 78  ? -7.270  6.088   -6.742  1.00 20.12 ? 79  LEU A CB  1 
ATOM   631  C CG  . LEU A 1 78  ? -6.373  7.246   -7.168  1.00 20.98 ? 79  LEU A CG  1 
ATOM   632  C CD1 . LEU A 1 78  ? -5.358  6.806   -8.248  1.00 16.49 ? 79  LEU A CD1 1 
ATOM   633  C CD2 . LEU A 1 78  ? -7.135  8.413   -7.782  1.00 22.78 ? 79  LEU A CD2 1 
ATOM   634  N N   . LEU A 1 79  ? -8.713  4.305   -4.368  1.00 16.64 ? 80  LEU A N   1 
ATOM   635  C CA  . LEU A 1 79  ? -9.319  2.994   -4.074  1.00 13.90 ? 80  LEU A CA  1 
ATOM   636  C C   . LEU A 1 79  ? -10.247 3.041   -2.870  1.00 28.64 ? 80  LEU A C   1 
ATOM   637  O O   . LEU A 1 79  ? -10.127 3.926   -2.015  1.00 29.09 ? 80  LEU A O   1 
ATOM   638  C CB  . LEU A 1 79  ? -8.257  1.969   -3.748  1.00 13.71 ? 80  LEU A CB  1 
ATOM   639  C CG  . LEU A 1 79  ? -7.041  2.069   -4.645  1.00 16.75 ? 80  LEU A CG  1 
ATOM   640  C CD1 . LEU A 1 79  ? -6.022  0.979   -4.338  1.00 11.17 ? 80  LEU A CD1 1 
ATOM   641  C CD2 . LEU A 1 79  ? -7.383  1.938   -6.129  1.00 22.17 ? 80  LEU A CD2 1 
ATOM   642  N N   . ASP A 1 80  ? -11.123 2.050   -2.870  1.00 27.12 ? 81  ASP A N   1 
ATOM   643  C CA  . ASP A 1 80  ? -12.127 1.834   -1.818  1.00 23.16 ? 81  ASP A CA  1 
ATOM   644  C C   . ASP A 1 80  ? -11.790 0.553   -1.050  1.00 23.61 ? 81  ASP A C   1 
ATOM   645  O O   . ASP A 1 80  ? -11.642 -0.504  -1.654  1.00 23.95 ? 81  ASP A O   1 
ATOM   646  C CB  . ASP A 1 80  ? -13.505 1.677   -2.455  1.00 24.33 ? 81  ASP A CB  1 
ATOM   647  C CG  . ASP A 1 80  ? -14.621 1.525   -1.427  1.00 33.72 ? 81  ASP A CG  1 
ATOM   648  O OD1 . ASP A 1 80  ? -14.394 0.922   -0.313  1.00 50.24 ? 81  ASP A OD1 1 
ATOM   649  O OD2 . ASP A 1 80  ? -15.789 2.006   -1.678  1.00 32.90 ? 81  ASP A OD2 1 
ATOM   650  N N   . PRO A 1 81  ? -11.759 0.606   0.286   1.00 22.40 ? 82  PRO A N   1 
ATOM   651  C CA  . PRO A 1 81  ? -11.386 -0.576  1.056   1.00 24.13 ? 82  PRO A CA  1 
ATOM   652  C C   . PRO A 1 81  ? -12.198 -1.797  0.759   1.00 35.44 ? 82  PRO A C   1 
ATOM   653  O O   . PRO A 1 81  ? -11.663 -2.889  0.528   1.00 36.49 ? 82  PRO A O   1 
ATOM   654  C CB  . PRO A 1 81  ? -11.535 -0.158  2.523   1.00 22.15 ? 82  PRO A CB  1 
ATOM   655  C CG  . PRO A 1 81  ? -11.686 1.334   2.529   1.00 26.94 ? 82  PRO A CG  1 
ATOM   656  C CD  . PRO A 1 81  ? -12.252 1.683   1.180   1.00 25.39 ? 82  PRO A CD  1 
ATOM   657  N N   . GLU A 1 82  ? -13.498 -1.623  0.798   1.00 27.38 ? 83  GLU A N   1 
ATOM   658  C CA  . GLU A 1 82  ? -14.343 -2.721  0.491   1.00 24.64 ? 83  GLU A CA  1 
ATOM   659  C C   . GLU A 1 82  ? -14.016 -3.328  -0.911  1.00 30.61 ? 83  GLU A C   1 
ATOM   660  O O   . GLU A 1 82  ? -14.074 -4.542  -1.140  1.00 36.37 ? 83  GLU A O   1 
ATOM   661  C CB  . GLU A 1 82  ? -15.793 -2.279  0.579   1.00 27.13 ? 83  GLU A CB  1 
ATOM   662  C CG  . GLU A 1 82  ? -16.754 -3.460  0.523   1.00 60.00 ? 83  GLU A CG  1 
ATOM   663  C CD  . GLU A 1 82  ? -18.192 -3.058  0.700   1.00 60.00 ? 83  GLU A CD  1 
ATOM   664  O OE1 . GLU A 1 82  ? -18.488 -1.840  0.447   1.00 60.00 ? 83  GLU A OE1 1 
ATOM   665  O OE2 . GLU A 1 82  ? -19.017 -3.895  1.068   1.00 60.00 ? 83  GLU A OE2 1 
ATOM   666  N N   . ASP A 1 83  ? -13.689 -2.505  -1.865  1.00 21.53 ? 84  ASP A N   1 
ATOM   667  C CA  . ASP A 1 83  ? -13.389 -3.045  -3.172  1.00 24.54 ? 84  ASP A CA  1 
ATOM   668  C C   . ASP A 1 83  ? -12.069 -3.741  -3.184  1.00 31.10 ? 84  ASP A C   1 
ATOM   669  O O   . ASP A 1 83  ? -11.822 -4.641  -3.952  1.00 30.66 ? 84  ASP A O   1 
ATOM   670  C CB  . ASP A 1 83  ? -13.470 -1.948  -4.248  1.00 29.80 ? 84  ASP A CB  1 
ATOM   671  C CG  . ASP A 1 83  ? -14.902 -1.452  -4.428  1.00 46.95 ? 84  ASP A CG  1 
ATOM   672  O OD1 . ASP A 1 83  ? -15.840 -2.115  -3.966  1.00 42.09 ? 84  ASP A OD1 1 
ATOM   673  O OD2 . ASP A 1 83  ? -15.082 -0.344  -5.022  1.00 47.66 ? 84  ASP A OD2 1 
ATOM   674  N N   . ILE A 1 84  ? -11.197 -3.338  -2.295  1.00 28.42 ? 85  ILE A N   1 
ATOM   675  C CA  . ILE A 1 84  ? -9.869  -3.920  -2.306  1.00 27.12 ? 85  ILE A CA  1 
ATOM   676  C C   . ILE A 1 84  ? -9.702  -5.185  -1.520  1.00 28.43 ? 85  ILE A C   1 
ATOM   677  O O   . ILE A 1 84  ? -8.763  -5.954  -1.738  1.00 19.31 ? 85  ILE A O   1 
ATOM   678  C CB  . ILE A 1 84  ? -8.855  -2.882  -1.790  1.00 26.22 ? 85  ILE A CB  1 
ATOM   679  C CG1 . ILE A 1 84  ? -9.089  -1.574  -2.547  1.00 32.41 ? 85  ILE A CG1 1 
ATOM   680  C CG2 . ILE A 1 84  ? -7.415  -3.374  -1.991  1.00 27.73 ? 85  ILE A CG2 1 
ATOM   681  C CD1 . ILE A 1 84  ? -8.650  -1.584  -4.003  1.00 29.34 ? 85  ILE A CD1 1 
ATOM   682  N N   . SER A 1 85  ? -10.588 -5.345  -0.554  1.00 17.00 ? 86  SER A N   1 
ATOM   683  C CA  . SER A 1 85  ? -10.484 -6.419  0.396   1.00 24.25 ? 86  SER A CA  1 
ATOM   684  C C   . SER A 1 85  ? -11.108 -7.681  -0.068  1.00 22.57 ? 86  SER A C   1 
ATOM   685  O O   . SER A 1 85  ? -11.164 -8.635  0.645   1.00 26.96 ? 86  SER A O   1 
ATOM   686  C CB  . SER A 1 85  ? -11.024 -5.973  1.744   1.00 23.68 ? 86  SER A CB  1 
ATOM   687  O OG  . SER A 1 85  ? -12.383 -5.644  1.630   1.00 30.14 ? 86  SER A OG  1 
ATOM   688  N N   . VAL A 1 86  ? -11.468 -7.712  -1.320  1.00 23.97 ? 87  VAL A N   1 
ATOM   689  C CA  . VAL A 1 86  ? -12.043 -8.907  -1.861  1.00 25.73 ? 87  VAL A CA  1 
ATOM   690  C C   . VAL A 1 86  ? -10.932 -9.892  -2.118  1.00 38.58 ? 87  VAL A C   1 
ATOM   691  O O   . VAL A 1 86  ? -9.768  -9.567  -1.946  1.00 25.49 ? 87  VAL A O   1 
ATOM   692  C CB  . VAL A 1 86  ? -12.754 -8.608  -3.183  1.00 26.57 ? 87  VAL A CB  1 
ATOM   693  C CG1 . VAL A 1 86  ? -13.755 -7.475  -2.947  1.00 28.12 ? 87  VAL A CG1 1 
ATOM   694  C CG2 . VAL A 1 86  ? -11.742 -8.294  -4.338  1.00 17.90 ? 87  VAL A CG2 1 
ATOM   695  N N   . ASP A 1 87  ? -11.320 -11.105 -2.519  1.00 35.46 ? 88  ASP A N   1 
ATOM   696  C CA  . ASP A 1 87  ? -10.399 -12.201 -2.854  1.00 38.17 ? 88  ASP A CA  1 
ATOM   697  C C   . ASP A 1 87  ? -9.370  -11.847 -3.972  1.00 21.69 ? 88  ASP A C   1 
ATOM   698  O O   . ASP A 1 87  ? -8.161  -12.050 -3.820  1.00 29.85 ? 88  ASP A O   1 
ATOM   699  C CB  . ASP A 1 87  ? -11.236 -13.406 -3.322  1.00 43.55 ? 88  ASP A CB  1 
ATOM   700  C CG  . ASP A 1 87  ? -11.789 -14.240 -2.170  1.00 53.50 ? 88  ASP A CG  1 
ATOM   701  O OD1 . ASP A 1 87  ? -11.634 -13.896 -0.988  1.00 33.87 ? 88  ASP A OD1 1 
ATOM   702  O OD2 . ASP A 1 87  ? -12.408 -15.310 -2.507  1.00 60.00 ? 88  ASP A OD2 1 
ATOM   703  N N   . HIS A 1 88  ? -9.891  -11.290 -5.053  1.00 18.41 ? 89  HIS A N   1 
ATOM   704  C CA  . HIS A 1 88  ? -9.108  -10.928 -6.216  1.00 20.81 ? 89  HIS A CA  1 
ATOM   705  C C   . HIS A 1 88  ? -9.413  -9.534  -6.631  1.00 23.79 ? 89  HIS A C   1 
ATOM   706  O O   . HIS A 1 88  ? -10.245 -9.316  -7.485  1.00 27.11 ? 89  HIS A O   1 
ATOM   707  C CB  . HIS A 1 88  ? -9.402  -11.898 -7.384  1.00 20.19 ? 89  HIS A CB  1 
ATOM   708  C CG  . HIS A 1 88  ? -9.256  -13.338 -6.995  1.00 25.74 ? 89  HIS A CG  1 
ATOM   709  N ND1 . HIS A 1 88  ? -8.090  -13.835 -6.463  1.00 37.31 ? 89  HIS A ND1 1 
ATOM   710  C CD2 . HIS A 1 88  ? -10.133 -14.368 -7.017  1.00 35.21 ? 89  HIS A CD2 1 
ATOM   711  C CE1 . HIS A 1 88  ? -8.250  -15.127 -6.194  1.00 38.99 ? 89  HIS A CE1 1 
ATOM   712  N NE2 . HIS A 1 88  ? -9.469  -15.477 -6.545  1.00 39.54 ? 89  HIS A NE2 1 
ATOM   713  N N   . PRO A 1 89  ? -8.679  -8.598  -6.023  1.00 23.54 ? 90  PRO A N   1 
ATOM   714  C CA  . PRO A 1 89  ? -8.832  -7.188  -6.289  1.00 19.80 ? 90  PRO A CA  1 
ATOM   715  C C   . PRO A 1 89  ? -8.282  -6.926  -7.639  1.00 27.52 ? 90  PRO A C   1 
ATOM   716  O O   . PRO A 1 89  ? -7.518  -7.755  -8.165  1.00 35.36 ? 90  PRO A O   1 
ATOM   717  C CB  . PRO A 1 89  ? -7.965  -6.490  -5.229  1.00 20.30 ? 90  PRO A CB  1 
ATOM   718  C CG  . PRO A 1 89  ? -7.069  -7.556  -4.715  1.00 21.59 ? 90  PRO A CG  1 
ATOM   719  C CD  . PRO A 1 89  ? -7.769  -8.870  -4.901  1.00 19.04 ? 90  PRO A CD  1 
ATOM   720  N N   . ASP A 1 90  ? -8.719  -5.798  -8.205  1.00 19.84 ? 91  ASP A N   1 
ATOM   721  C CA  . ASP A 1 90  ? -8.356  -5.378  -9.548  1.00 22.85 ? 91  ASP A CA  1 
ATOM   722  C C   . ASP A 1 90  ? -6.911  -4.873  -9.615  1.00 28.28 ? 91  ASP A C   1 
ATOM   723  O O   . ASP A 1 90  ? -6.571  -3.885  -9.018  1.00 27.80 ? 91  ASP A O   1 
ATOM   724  C CB  . ASP A 1 90  ? -9.331  -4.284  -10.003 1.00 25.72 ? 91  ASP A CB  1 
ATOM   725  C CG  . ASP A 1 90  ? -9.014  -3.777  -11.386 1.00 36.06 ? 91  ASP A CG  1 
ATOM   726  O OD1 . ASP A 1 90  ? -9.092  -4.584  -12.373 1.00 44.04 ? 91  ASP A OD1 1 
ATOM   727  O OD2 . ASP A 1 90  ? -8.684  -2.619  -11.512 1.00 39.58 ? 91  ASP A OD2 1 
ATOM   728  N N   . GLU A 1 91  ? -6.077  -5.549  -10.370 1.00 25.35 ? 92  GLU A N   1 
ATOM   729  C CA  . GLU A 1 91  ? -4.674  -5.177  -10.469 1.00 23.08 ? 92  GLU A CA  1 
ATOM   730  C C   . GLU A 1 91  ? -4.388  -3.803  -10.980 1.00 25.86 ? 92  GLU A C   1 
ATOM   731  O O   . GLU A 1 91  ? -3.559  -3.065  -10.422 1.00 22.07 ? 92  GLU A O   1 
ATOM   732  C CB  . GLU A 1 91  ? -3.910  -6.154  -11.339 1.00 23.02 ? 92  GLU A CB  1 
ATOM   733  C CG  . GLU A 1 91  ? -2.451  -6.106  -11.037 1.00 20.66 ? 92  GLU A CG  1 
ATOM   734  C CD  . GLU A 1 91  ? -1.702  -6.782  -12.102 1.00 39.69 ? 92  GLU A CD  1 
ATOM   735  O OE1 . GLU A 1 91  ? -1.947  -6.503  -13.278 1.00 33.48 ? 92  GLU A OE1 1 
ATOM   736  O OE2 . GLU A 1 91  ? -0.869  -7.655  -11.707 1.00 42.24 ? 92  GLU A OE2 1 
ATOM   737  N N   . LYS A 1 92  ? -5.029  -3.475  -12.079 1.00 20.24 ? 93  LYS A N   1 
ATOM   738  C CA  . LYS A 1 92  ? -4.813  -2.183  -12.674 1.00 22.52 ? 93  LYS A CA  1 
ATOM   739  C C   . LYS A 1 92  ? -5.039  -1.031  -11.691 1.00 28.45 ? 93  LYS A C   1 
ATOM   740  O O   . LYS A 1 92  ? -4.243  -0.039  -11.686 1.00 24.45 ? 93  LYS A O   1 
ATOM   741  C CB  . LYS A 1 92  ? -5.680  -2.014  -13.918 1.00 23.93 ? 93  LYS A CB  1 
ATOM   742  C CG  . LYS A 1 92  ? -5.512  -0.656  -14.554 1.00 33.44 ? 93  LYS A CG  1 
ATOM   743  C CD  . LYS A 1 92  ? -4.518  -0.656  -15.691 1.00 35.80 ? 93  LYS A CD  1 
ATOM   744  C CE  . LYS A 1 92  ? -5.033  0.199   -16.854 1.00 41.37 ? 93  LYS A CE  1 
ATOM   745  N NZ  . LYS A 1 92  ? -4.180  0.088   -18.054 0.00 51.25 ? 93  LYS A NZ  1 
ATOM   746  N N   . SER A 1 93  ? -6.153  -1.139  -10.926 1.00 22.57 ? 94  SER A N   1 
ATOM   747  C CA  . SER A 1 93  ? -6.567  -0.168  -9.896  1.00 28.12 ? 94  SER A CA  1 
ATOM   748  C C   . SER A 1 93  ? -5.454  0.035   -8.919  1.00 28.57 ? 94  SER A C   1 
ATOM   749  O O   . SER A 1 93  ? -5.034  1.152   -8.667  1.00 22.37 ? 94  SER A O   1 
ATOM   750  C CB  . SER A 1 93  ? -7.703  -0.707  -9.059  1.00 39.20 ? 94  SER A CB  1 
ATOM   751  O OG  . SER A 1 93  ? -8.904  -0.626  -9.785  1.00 60.00 ? 94  SER A OG  1 
ATOM   752  N N   . ILE A 1 94  ? -4.970  -1.083  -8.398  1.00 22.67 ? 95  ILE A N   1 
ATOM   753  C CA  . ILE A 1 94  ? -3.928  -1.071  -7.379  1.00 24.16 ? 95  ILE A CA  1 
ATOM   754  C C   . ILE A 1 94  ? -2.673  -0.481  -7.950  1.00 28.16 ? 95  ILE A C   1 
ATOM   755  O O   . ILE A 1 94  ? -2.018  0.388   -7.361  1.00 22.20 ? 95  ILE A O   1 
ATOM   756  C CB  . ILE A 1 94  ? -3.746  -2.480  -6.769  1.00 24.68 ? 95  ILE A CB  1 
ATOM   757  C CG1 . ILE A 1 94  ? -5.035  -2.869  -6.037  1.00 23.07 ? 95  ILE A CG1 1 
ATOM   758  C CG2 . ILE A 1 94  ? -2.451  -2.642  -5.944  1.00 15.43 ? 95  ILE A CG2 1 
ATOM   759  C CD1 . ILE A 1 94  ? -5.171  -4.366  -5.759  1.00 13.66 ? 95  ILE A CD1 1 
ATOM   760  N N   . ILE A 1 95  ? -2.311  -0.940  -9.117  1.00 11.89 ? 96  ILE A N   1 
ATOM   761  C CA  . ILE A 1 95  ? -1.085  -0.402  -9.655  1.00 19.53 ? 96  ILE A CA  1 
ATOM   762  C C   . ILE A 1 95  ? -1.214  1.135   -9.816  1.00 30.05 ? 96  ILE A C   1 
ATOM   763  O O   . ILE A 1 95  ? -0.288  1.927   -9.501  1.00 26.23 ? 96  ILE A O   1 
ATOM   764  C CB  . ILE A 1 95  ? -0.742  -1.054  -11.017 1.00 24.69 ? 96  ILE A CB  1 
ATOM   765  C CG1 . ILE A 1 95  ? -0.356  -2.533  -10.848 1.00 27.29 ? 96  ILE A CG1 1 
ATOM   766  C CG2 . ILE A 1 95  ? 0.354   -0.273  -11.729 1.00 20.97 ? 96  ILE A CG2 1 
ATOM   767  C CD1 . ILE A 1 95  ? 0.053   -3.299  -12.171 1.00 14.16 ? 96  ILE A CD1 1 
ATOM   768  N N   . THR A 1 96  ? -2.340  1.583   -10.338 1.00 20.41 ? 97  THR A N   1 
ATOM   769  C CA  . THR A 1 96  ? -2.473  3.027   -10.531 1.00 17.69 ? 97  THR A CA  1 
ATOM   770  C C   . THR A 1 96  ? -2.259  3.750   -9.226  1.00 29.51 ? 97  THR A C   1 
ATOM   771  O O   . THR A 1 96  ? -1.641  4.801   -9.203  1.00 29.57 ? 97  THR A O   1 
ATOM   772  C CB  . THR A 1 96  ? -3.838  3.382   -11.044 1.00 19.40 ? 97  THR A CB  1 
ATOM   773  O OG1 . THR A 1 96  ? -4.011  2.772   -12.293 1.00 23.52 ? 97  THR A OG1 1 
ATOM   774  C CG2 . THR A 1 96  ? -4.038  4.880   -11.169 1.00 18.34 ? 97  THR A CG2 1 
ATOM   775  N N   . TYR A 1 97  ? -2.823  3.210   -8.145  1.00 20.73 ? 98  TYR A N   1 
ATOM   776  C CA  . TYR A 1 97  ? -2.733  3.884   -6.856  1.00 21.52 ? 98  TYR A CA  1 
ATOM   777  C C   . TYR A 1 97  ? -1.309  3.775   -6.306  1.00 25.76 ? 98  TYR A C   1 
ATOM   778  O O   . TYR A 1 97  ? -0.735  4.760   -5.895  1.00 26.25 ? 98  TYR A O   1 
ATOM   779  C CB  . TYR A 1 97  ? -3.774  3.333   -5.883  1.00 17.26 ? 98  TYR A CB  1 
ATOM   780  C CG  . TYR A 1 97  ? -3.825  4.025   -4.522  1.00 21.85 ? 98  TYR A CG  1 
ATOM   781  C CD1 . TYR A 1 97  ? -4.339  5.316   -4.369  1.00 25.57 ? 98  TYR A CD1 1 
ATOM   782  C CD2 . TYR A 1 97  ? -3.426  3.335   -3.374  1.00 27.75 ? 98  TYR A CD2 1 
ATOM   783  C CE1 . TYR A 1 97  ? -4.463  5.892   -3.102  1.00 28.15 ? 98  TYR A CE1 1 
ATOM   784  C CE2 . TYR A 1 97  ? -3.515  3.900   -2.102  1.00 23.69 ? 98  TYR A CE2 1 
ATOM   785  C CZ  . TYR A 1 97  ? -4.022  5.188   -1.973  1.00 26.79 ? 98  TYR A CZ  1 
ATOM   786  O OH  . TYR A 1 97  ? -4.141  5.711   -0.701  1.00 21.57 ? 98  TYR A OH  1 
ATOM   787  N N   . VAL A 1 98  ? -0.753  2.573   -6.337  1.00 14.72 ? 99  VAL A N   1 
ATOM   788  C CA  . VAL A 1 98  ? 0.584   2.341   -5.935  1.00 19.17 ? 99  VAL A CA  1 
ATOM   789  C C   . VAL A 1 98  ? 1.556   3.249   -6.681  1.00 28.14 ? 99  VAL A C   1 
ATOM   790  O O   . VAL A 1 98  ? 2.523   3.744   -6.106  1.00 22.04 ? 99  VAL A O   1 
ATOM   791  C CB  . VAL A 1 98  ? 0.962   0.911   -6.172  1.00 21.83 ? 99  VAL A CB  1 
ATOM   792  C CG1 . VAL A 1 98  ? 2.435   0.733   -5.788  1.00 21.44 ? 99  VAL A CG1 1 
ATOM   793  C CG2 . VAL A 1 98  ? 0.083   0.043   -5.253  1.00 17.09 ? 99  VAL A CG2 1 
ATOM   794  N N   . VAL A 1 99  ? 1.294   3.536   -7.951  1.00 24.85 ? 100 VAL A N   1 
ATOM   795  C CA  . VAL A 1 99  ? 2.184   4.420   -8.718  1.00 18.74 ? 100 VAL A CA  1 
ATOM   796  C C   . VAL A 1 99  ? 2.181   5.824   -8.098  1.00 30.04 ? 100 VAL A C   1 
ATOM   797  O O   . VAL A 1 99  ? 3.222   6.518   -8.015  1.00 23.66 ? 100 VAL A O   1 
ATOM   798  C CB  . VAL A 1 99  ? 1.716   4.484   -10.176 1.00 21.51 ? 100 VAL A CB  1 
ATOM   799  C CG1 . VAL A 1 99  ? 2.458   5.538   -10.998 1.00 20.00 ? 100 VAL A CG1 1 
ATOM   800  C CG2 . VAL A 1 99  ? 1.902   3.164   -10.926 1.00 20.00 ? 100 VAL A CG2 1 
ATOM   801  N N   . THR A 1 100 ? 1.038   6.290   -7.641  1.00 20.78 ? 101 THR A N   1 
ATOM   802  C CA  . THR A 1 100 ? 0.899   7.628   -7.083  1.00 21.18 ? 101 THR A CA  1 
ATOM   803  C C   . THR A 1 100 ? 1.723   7.677   -5.824  1.00 25.28 ? 101 THR A C   1 
ATOM   804  O O   . THR A 1 100 ? 2.338   8.682   -5.492  1.00 27.69 ? 101 THR A O   1 
ATOM   805  C CB  . THR A 1 100 ? -0.566  7.815   -6.839  1.00 28.58 ? 101 THR A CB  1 
ATOM   806  O OG1 . THR A 1 100 ? -1.023  9.051   -7.305  1.00 51.71 ? 101 THR A OG1 1 
ATOM   807  C CG2 . THR A 1 100 ? -0.877  7.529   -5.415  1.00 11.98 ? 101 THR A CG2 1 
ATOM   808  N N   . TYR A 1 101 ? 1.884   6.542   -5.189  1.00 19.45 ? 102 TYR A N   1 
ATOM   809  C CA  . TYR A 1 101 ? 2.719   6.555   -3.998  1.00 19.79 ? 102 TYR A CA  1 
ATOM   810  C C   . TYR A 1 101 ? 4.186   6.598   -4.399  1.00 28.06 ? 102 TYR A C   1 
ATOM   811  O O   . TYR A 1 101 ? 5.024   7.186   -3.718  1.00 23.94 ? 102 TYR A O   1 
ATOM   812  C CB  . TYR A 1 101 ? 2.530   5.299   -3.142  1.00 21.50 ? 102 TYR A CB  1 
ATOM   813  C CG  . TYR A 1 101 ? 1.429   5.280   -2.071  1.00 14.36 ? 102 TYR A CG  1 
ATOM   814  C CD1 . TYR A 1 101 ? 0.186   5.850   -2.297  1.00 20.51 ? 102 TYR A CD1 1 
ATOM   815  C CD2 . TYR A 1 101 ? 1.566   4.430   -0.978  1.00 16.67 ? 102 TYR A CD2 1 
ATOM   816  C CE1 . TYR A 1 101 ? -0.850  5.690   -1.375  1.00 24.22 ? 102 TYR A CE1 1 
ATOM   817  C CE2 . TYR A 1 101 ? 0.552   4.254   -0.038  1.00 19.71 ? 102 TYR A CE2 1 
ATOM   818  C CZ  . TYR A 1 101 ? -0.641  4.929   -0.225  1.00 24.02 ? 102 TYR A CZ  1 
ATOM   819  O OH  . TYR A 1 101 ? -1.636  4.751   0.659   1.00 18.68 ? 102 TYR A OH  1 
ATOM   820  N N   . TYR A 1 102 ? 4.504   5.862   -5.452  1.00 31.07 ? 103 TYR A N   1 
ATOM   821  C CA  . TYR A 1 102 ? 5.863   5.767   -5.949  1.00 25.90 ? 103 TYR A CA  1 
ATOM   822  C C   . TYR A 1 102 ? 6.315   7.164   -6.369  1.00 26.40 ? 103 TYR A C   1 
ATOM   823  O O   . TYR A 1 102 ? 7.375   7.629   -5.984  1.00 21.29 ? 103 TYR A O   1 
ATOM   824  C CB  . TYR A 1 102 ? 5.960   4.832   -7.174  1.00 23.97 ? 103 TYR A CB  1 
ATOM   825  C CG  . TYR A 1 102 ? 7.350   4.861   -7.843  1.00 34.43 ? 103 TYR A CG  1 
ATOM   826  C CD1 . TYR A 1 102 ? 8.499   4.581   -7.116  1.00 44.84 ? 103 TYR A CD1 1 
ATOM   827  C CD2 . TYR A 1 102 ? 7.513   5.213   -9.184  1.00 41.79 ? 103 TYR A CD2 1 
ATOM   828  C CE1 . TYR A 1 102 ? 9.763   4.605   -7.716  1.00 50.17 ? 103 TYR A CE1 1 
ATOM   829  C CE2 . TYR A 1 102 ? 8.767   5.230   -9.801  1.00 48.87 ? 103 TYR A CE2 1 
ATOM   830  C CZ  . TYR A 1 102 ? 9.909   4.921   -9.063  1.00 55.39 ? 103 TYR A CZ  1 
ATOM   831  O OH  . TYR A 1 102 ? 11.179  4.938   -9.642  1.00 60.00 ? 103 TYR A OH  1 
ATOM   832  N N   . HIS A 1 103 ? 5.526   7.835   -7.169  1.00 13.96 ? 104 HIS A N   1 
ATOM   833  C CA  . HIS A 1 103 ? 5.930   9.162   -7.533  1.00 18.24 ? 104 HIS A CA  1 
ATOM   834  C C   . HIS A 1 103 ? 6.150   10.075  -6.326  1.00 37.15 ? 104 HIS A C   1 
ATOM   835  O O   . HIS A 1 103 ? 7.170   10.768  -6.188  1.00 28.20 ? 104 HIS A O   1 
ATOM   836  C CB  . HIS A 1 103 ? 4.908   9.749   -8.405  1.00 15.98 ? 104 HIS A CB  1 
ATOM   837  C CG  . HIS A 1 103 ? 4.943   9.151   -9.747  1.00 27.30 ? 104 HIS A CG  1 
ATOM   838  N ND1 . HIS A 1 103 ? 6.121   8.709   -10.290 1.00 34.52 ? 104 HIS A ND1 1 
ATOM   839  C CD2 . HIS A 1 103 ? 3.971   8.852   -10.631 1.00 28.77 ? 104 HIS A CD2 1 
ATOM   840  C CE1 . HIS A 1 103 ? 5.866   8.128   -11.447 1.00 30.91 ? 104 HIS A CE1 1 
ATOM   841  N NE2 . HIS A 1 103 ? 4.579   8.211   -11.685 1.00 25.47 ? 104 HIS A NE2 1 
ATOM   842  N N   . TYR A 1 104 ? 5.140   10.108  -5.478  1.00 32.21 ? 105 TYR A N   1 
ATOM   843  C CA  . TYR A 1 104 ? 5.177   10.935  -4.312  1.00 29.95 ? 105 TYR A CA  1 
ATOM   844  C C   . TYR A 1 104 ? 6.438   10.750  -3.463  1.00 26.48 ? 105 TYR A C   1 
ATOM   845  O O   . TYR A 1 104 ? 7.173   11.691  -3.208  1.00 22.07 ? 105 TYR A O   1 
ATOM   846  C CB  . TYR A 1 104 ? 3.905   10.773  -3.481  1.00 28.11 ? 105 TYR A CB  1 
ATOM   847  C CG  . TYR A 1 104 ? 3.919   11.638  -2.221  1.00 21.56 ? 105 TYR A CG  1 
ATOM   848  C CD1 . TYR A 1 104 ? 3.475   12.963  -2.260  1.00 26.04 ? 105 TYR A CD1 1 
ATOM   849  C CD2 . TYR A 1 104 ? 4.412   11.141  -1.022  1.00 16.62 ? 105 TYR A CD2 1 
ATOM   850  C CE1 . TYR A 1 104 ? 3.460   13.769  -1.112  1.00 30.55 ? 105 TYR A CE1 1 
ATOM   851  C CE2 . TYR A 1 104 ? 4.439   11.936  0.138   1.00 20.65 ? 105 TYR A CE2 1 
ATOM   852  C CZ  . TYR A 1 104 ? 3.945   13.247  0.090   1.00 26.37 ? 105 TYR A CZ  1 
ATOM   853  O OH  . TYR A 1 104 ? 3.978   14.044  1.201   1.00 29.83 ? 105 TYR A OH  1 
ATOM   854  N N   . PHE A 1 105 ? 6.681   9.548   -3.003  1.00 14.63 ? 106 PHE A N   1 
ATOM   855  C CA  . PHE A 1 105 ? 7.838   9.330   -2.161  1.00 21.22 ? 106 PHE A CA  1 
ATOM   856  C C   . PHE A 1 105 ? 9.159   9.440   -2.903  1.00 35.94 ? 106 PHE A C   1 
ATOM   857  O O   . PHE A 1 105 ? 10.204  9.664   -2.272  1.00 25.71 ? 106 PHE A O   1 
ATOM   858  C CB  . PHE A 1 105 ? 7.780   7.993   -1.449  1.00 22.96 ? 106 PHE A CB  1 
ATOM   859  C CG  . PHE A 1 105 ? 6.602   7.833   -0.491  1.00 31.70 ? 106 PHE A CG  1 
ATOM   860  C CD1 . PHE A 1 105 ? 6.438   8.710   0.583   1.00 20.05 ? 106 PHE A CD1 1 
ATOM   861  C CD2 . PHE A 1 105 ? 5.689   6.786   -0.661  1.00 22.83 ? 106 PHE A CD2 1 
ATOM   862  C CE1 . PHE A 1 105 ? 5.376   8.565   1.458   1.00 21.04 ? 106 PHE A CE1 1 
ATOM   863  C CE2 . PHE A 1 105 ? 4.639   6.612   0.239   1.00 23.81 ? 106 PHE A CE2 1 
ATOM   864  C CZ  . PHE A 1 105 ? 4.498   7.496   1.309   1.00 25.44 ? 106 PHE A CZ  1 
ATOM   865  N N   . SER A 1 106 ? 9.094   9.290   -4.239  1.00 37.05 ? 107 SER A N   1 
ATOM   866  C CA  . SER A 1 106 ? 10.274  9.317   -5.102  1.00 42.62 ? 107 SER A CA  1 
ATOM   867  C C   . SER A 1 106 ? 10.674  10.698  -5.488  1.00 54.08 ? 107 SER A C   1 
ATOM   868  O O   . SER A 1 106 ? 11.836  11.002  -5.800  1.00 48.31 ? 107 SER A O   1 
ATOM   869  C CB  . SER A 1 106 ? 10.034  8.510   -6.363  1.00 45.50 ? 107 SER A CB  1 
ATOM   870  O OG  . SER A 1 106 ? 10.589  7.238   -6.139  1.00 34.65 ? 107 SER A OG  1 
ATOM   871  N N   . LYS A 1 107 ? 9.677   11.549  -5.504  1.00 50.82 ? 108 LYS A N   1 
ATOM   872  C CA  . LYS A 1 107 ? 9.941   12.907  -5.870  1.00 54.05 ? 108 LYS A CA  1 
ATOM   873  C C   . LYS A 1 107 ? 9.939   13.505  -4.504  1.00 59.02 ? 108 LYS A C   1 
ATOM   874  O O   . LYS A 1 107 ? 9.683   12.816  -3.505  1.00 54.39 ? 108 LYS A O   1 
ATOM   875  C CB  . LYS A 1 107 ? 8.763   13.416  -6.743  1.00 60.00 ? 108 LYS A CB  1 
ATOM   876  C CG  . LYS A 1 107 ? 8.417   12.467  -7.893  1.00 60.00 ? 108 LYS A CG  1 
ATOM   877  C CD  . LYS A 1 107 ? 8.825   13.014  -9.262  1.00 41.04 ? 108 LYS A CD  1 
ATOM   878  C CE  . LYS A 1 107 ? 8.315   12.158  -10.424 0.00 50.29 ? 108 LYS A CE  1 
ATOM   879  N NZ  . LYS A 1 107 ? 7.358   12.869  -11.284 0.00 59.90 ? 108 LYS A NZ  1 
ATOM   880  N N   . MET A 1 108 ? 10.182  14.727  -4.385  1.00 60.00 ? 109 MET A N   1 
ATOM   881  C CA  . MET A 1 108 ? 10.226  15.270  -3.060  1.00 60.00 ? 109 MET A CA  1 
ATOM   882  C C   . MET A 1 108 ? 11.367  14.663  -2.281  1.00 59.44 ? 109 MET A C   1 
ATOM   883  O O   . MET A 1 108 ? 11.141  13.745  -1.509  1.00 60.00 ? 109 MET A O   1 
ATOM   884  C CB  . MET A 1 108 ? 8.964   14.990  -2.258  1.00 60.00 ? 109 MET A CB  1 
ATOM   885  C CG  . MET A 1 108 ? 9.163   15.349  -0.780  1.00 60.00 ? 109 MET A CG  1 
ATOM   886  S SD  . MET A 1 108 ? 7.718   15.091  0.214   1.00 60.00 ? 109 MET A SD  1 
ATOM   887  C CE  . MET A 1 108 ? 6.447   16.244  -0.251  1.00 55.56 ? 109 MET A CE  1 
HETATM 888  O O   . HOH B 2 .   ? -1.888  -3.567  1.219   1.00 15.88 ? 110 HOH A O   1 
HETATM 889  O O   . HOH B 2 .   ? -3.581  8.685   -5.561  1.00 19.46 ? 111 HOH A O   1 
HETATM 890  O O   . HOH B 2 .   ? 0.324   -9.047  4.114   1.00 17.90 ? 112 HOH A O   1 
HETATM 891  O O   . HOH B 2 .   ? -5.096  8.031   -0.563  1.00 19.96 ? 113 HOH A O   1 
HETATM 892  O O   . HOH B 2 .   ? 14.829  -1.382  2.633   1.00 21.24 ? 114 HOH A O   1 
HETATM 893  O O   . HOH B 2 .   ? -1.164  -5.985  2.173   1.00 21.00 ? 115 HOH A O   1 
HETATM 894  O O   . HOH B 2 .   ? -0.321  -8.881  -9.837  1.00 23.46 ? 116 HOH A O   1 
HETATM 895  O O   . HOH B 2 .   ? -0.971  6.805   -11.089 1.00 23.62 ? 117 HOH A O   1 
HETATM 896  O O   . HOH B 2 .   ? 2.010   10.948  -6.612  1.00 22.93 ? 118 HOH A O   1 
HETATM 897  O O   . HOH B 2 .   ? 1.503   -8.250  2.173   1.00 22.55 ? 119 HOH A O   1 
HETATM 898  O O   . HOH B 2 .   ? -4.965  -4.130  11.941  1.00 26.65 ? 120 HOH A O   1 
HETATM 899  O O   . HOH B 2 .   ? -2.776  -8.924  1.376   1.00 22.20 ? 121 HOH A O   1 
HETATM 900  O O   . HOH B 2 .   ? -7.444  4.786   -1.867  1.00 25.17 ? 122 HOH A O   1 
HETATM 901  O O   . HOH B 2 .   ? 2.750   -14.324 10.129  1.00 26.18 ? 123 HOH A O   1 
HETATM 902  O O   . HOH B 2 .   ? 13.105  -4.241  -11.975 1.00 28.10 ? 124 HOH A O   1 
HETATM 903  O O   . HOH B 2 .   ? -1.870  5.031   11.800  1.00 31.04 ? 125 HOH A O   1 
HETATM 904  O O   . HOH B 2 .   ? 10.886  -3.662  -21.596 1.00 27.44 ? 126 HOH A O   1 
HETATM 905  O O   . HOH B 2 .   ? -3.553  -11.592 4.343   1.00 29.23 ? 127 HOH A O   1 
HETATM 906  O O   . HOH B 2 .   ? -6.955  -7.839  15.248  1.00 30.15 ? 128 HOH A O   1 
HETATM 907  O O   . HOH B 2 .   ? 1.253   15.487  8.250   1.00 28.63 ? 129 HOH A O   1 
HETATM 908  O O   . HOH B 2 .   ? 10.364  -7.464  -10.166 1.00 29.35 ? 130 HOH A O   1 
HETATM 909  O O   . HOH B 2 .   ? 5.275   -3.162  -17.783 1.00 26.82 ? 131 HOH A O   1 
HETATM 910  O O   . HOH B 2 .   ? 3.181   16.486  1.124   1.00 31.29 ? 132 HOH A O   1 
HETATM 911  O O   . HOH B 2 .   ? 5.342   13.462  3.550   1.00 29.18 ? 133 HOH A O   1 
HETATM 912  O O   . HOH B 2 .   ? 9.106   10.020  12.818  1.00 29.85 ? 134 HOH A O   1 
HETATM 913  O O   . HOH B 2 .   ? 10.899  -8.684  -7.790  1.00 29.32 ? 135 HOH A O   1 
HETATM 914  O O   . HOH B 2 .   ? 12.654  -0.531  -8.908  1.00 33.67 ? 136 HOH A O   1 
HETATM 915  O O   . HOH B 2 .   ? -12.567 -11.208 -5.808  1.00 35.19 ? 137 HOH A O   1 
HETATM 916  O O   . HOH B 2 .   ? 1.997   -4.988  12.318  1.00 32.52 ? 138 HOH A O   1 
HETATM 917  O O   . HOH B 2 .   ? 5.145   -13.947 9.190   1.00 34.00 ? 139 HOH A O   1 
HETATM 918  O O   . HOH B 2 .   ? 8.097   1.269   -12.521 1.00 33.05 ? 140 HOH A O   1 
HETATM 919  O O   . HOH B 2 .   ? -8.465  3.589   15.585  1.00 29.70 ? 141 HOH A O   1 
HETATM 920  O O   . HOH B 2 .   ? -6.391  -11.949 -7.713  1.00 31.61 ? 142 HOH A O   1 
HETATM 921  O O   . HOH B 2 .   ? -11.894 -6.321  7.415   1.00 29.30 ? 143 HOH A O   1 
HETATM 922  O O   . HOH B 2 .   ? -0.752  -9.687  10.887  1.00 29.76 ? 144 HOH A O   1 
HETATM 923  O O   . HOH B 2 .   ? -3.718  10.491  -7.052  1.00 32.79 ? 145 HOH A O   1 
HETATM 924  O O   . HOH B 2 .   ? 10.024  3.961   8.833   1.00 36.56 ? 146 HOH A O   1 
HETATM 925  O O   . HOH B 2 .   ? 5.808   4.532   13.960  1.00 32.49 ? 147 HOH A O   1 
HETATM 926  O O   . HOH B 2 .   ? 14.285  -1.850  -10.925 1.00 29.93 ? 148 HOH A O   1 
HETATM 927  O O   . HOH B 2 .   ? 9.090   1.894   -9.915  1.00 36.85 ? 149 HOH A O   1 
HETATM 928  O O   . HOH B 2 .   ? 10.909  -7.237  0.600   1.00 34.44 ? 150 HOH A O   1 
HETATM 929  O O   . HOH B 2 .   ? -4.663  -6.435  17.386  1.00 34.57 ? 151 HOH A O   1 
HETATM 930  O O   . HOH B 2 .   ? -4.482  5.999   12.926  1.00 40.29 ? 152 HOH A O   1 
HETATM 931  O O   . HOH B 2 .   ? 5.949   -11.686 10.152  1.00 39.66 ? 153 HOH A O   1 
HETATM 932  O O   . HOH B 2 .   ? -10.613 -4.384  -6.637  1.00 44.17 ? 154 HOH A O   1 
HETATM 933  O O   . HOH B 2 .   ? 8.390   -7.809  4.600   1.00 41.39 ? 155 HOH A O   1 
HETATM 934  O O   . HOH B 2 .   ? -14.312 -11.890 -2.367  1.00 40.74 ? 156 HOH A O   1 
HETATM 935  O O   . HOH B 2 .   ? -10.391 5.131   3.139   1.00 38.77 ? 157 HOH A O   1 
HETATM 936  O O   . HOH B 2 .   ? 4.812   -7.580  -11.872 1.00 35.14 ? 158 HOH A O   1 
HETATM 937  O O   . HOH B 2 .   ? 8.501   -6.736  2.209   1.00 32.97 ? 159 HOH A O   1 
HETATM 938  O O   . HOH B 2 .   ? 8.427   11.027  10.438  1.00 40.96 ? 160 HOH A O   1 
HETATM 939  O O   . HOH B 2 .   ? 6.049   -3.772  14.086  1.00 32.55 ? 161 HOH A O   1 
HETATM 940  O O   . HOH B 2 .   ? 3.565   13.043  -6.307  1.00 36.02 ? 162 HOH A O   1 
HETATM 941  O O   . HOH B 2 .   ? 9.236   -11.351 -7.131  1.00 45.73 ? 163 HOH A O   1 
HETATM 942  O O   . HOH B 2 .   ? -4.104  -11.332 11.371  1.00 42.63 ? 164 HOH A O   1 
HETATM 943  O O   . HOH B 2 .   ? 12.612  -6.600  -11.394 1.00 37.25 ? 165 HOH A O   1 
HETATM 944  O O   . HOH B 2 .   ? -6.443  7.601   9.518   1.00 42.06 ? 166 HOH A O   1 
HETATM 945  O O   . HOH B 2 .   ? 2.342   -0.876  -15.538 1.00 54.96 ? 167 HOH A O   1 
HETATM 946  O O   . HOH B 2 .   ? 13.208  4.208   -8.786  1.00 39.15 ? 168 HOH A O   1 
HETATM 947  O O   . HOH B 2 .   ? 8.113   8.778   14.448  1.00 45.12 ? 169 HOH A O   1 
HETATM 948  O O   . HOH B 2 .   ? 10.329  -10.348 -11.936 1.00 46.31 ? 170 HOH A O   1 
HETATM 949  O O   . HOH B 2 .   ? -9.022  2.483   9.399   1.00 50.99 ? 171 HOH A O   1 
HETATM 950  O O   . HOH B 2 .   ? -11.502 11.246  5.816   1.00 41.58 ? 172 HOH A O   1 
HETATM 951  O O   . HOH B 2 .   ? 12.659  -1.734  4.405   1.00 41.95 ? 173 HOH A O   1 
HETATM 952  O O   . HOH B 2 .   ? -9.165  -13.964 10.363  1.00 52.08 ? 174 HOH A O   1 
HETATM 953  O O   . HOH B 2 .   ? 0.759   -11.301 3.364   1.00 42.33 ? 175 HOH A O   1 
HETATM 954  O O   . HOH B 2 .   ? 11.018  14.163  -8.080  1.00 41.68 ? 176 HOH A O   1 
HETATM 955  O O   . HOH B 2 .   ? -5.133  -11.488 2.149   1.00 39.13 ? 177 HOH A O   1 
HETATM 956  O O   . HOH B 2 .   ? 10.013  -3.237  10.465  1.00 52.45 ? 178 HOH A O   1 
HETATM 957  O O   . HOH B 2 .   ? 8.237   -8.973  -0.507  1.00 54.49 ? 179 HOH A O   1 
HETATM 958  O O   . HOH B 2 .   ? 11.765  1.938   -10.202 1.00 42.07 ? 180 HOH A O   1 
HETATM 959  O O   . HOH B 2 .   ? 1.033   15.804  -2.683  1.00 45.73 ? 181 HOH A O   1 
HETATM 960  O O   . HOH B 2 .   ? 10.819  6.199   -3.062  1.00 44.93 ? 182 HOH A O   1 
HETATM 961  O O   . HOH B 2 .   ? 2.440   -13.136 6.548   1.00 46.11 ? 183 HOH A O   1 
HETATM 962  O O   . HOH B 2 .   ? -18.339 -1.867  -2.677  1.00 55.15 ? 184 HOH A O   1 
HETATM 963  O O   . HOH B 2 .   ? -17.004 -5.057  -3.945  1.00 45.79 ? 185 HOH A O   1 
HETATM 964  O O   . HOH B 2 .   ? 12.919  -2.289  -20.754 1.00 55.22 ? 186 HOH A O   1 
HETATM 965  O O   . HOH B 2 .   ? -17.010 -4.143  3.856   1.00 57.82 ? 187 HOH A O   1 
HETATM 966  O O   . HOH B 2 .   ? -5.313  -12.494 6.111   1.00 43.74 ? 188 HOH A O   1 
HETATM 967  O O   . HOH B 2 .   ? -3.669  10.290  -11.630 1.00 60.00 ? 189 HOH A O   1 
HETATM 968  O O   . HOH B 2 .   ? 1.555   9.805   -9.722  1.00 58.67 ? 190 HOH A O   1 
HETATM 969  O O   . HOH B 2 .   ? -4.347  17.739  -0.268  1.00 60.00 ? 191 HOH A O   1 
HETATM 970  O O   . HOH B 2 .   ? 3.512   7.048   14.725  1.00 51.54 ? 192 HOH A O   1 
HETATM 971  O O   . HOH B 2 .   ? -0.453  -11.915 11.522  1.00 49.83 ? 193 HOH A O   1 
HETATM 972  O O   . HOH B 2 .   ? -11.235 11.570  -4.296  1.00 60.00 ? 194 HOH A O   1 
HETATM 973  O O   . HOH B 2 .   ? -5.518  8.335   11.982  1.00 60.00 ? 195 HOH A O   1 
HETATM 974  O O   . HOH B 2 .   ? -6.364  -5.402  -13.901 1.00 44.34 ? 196 HOH A O   1 
HETATM 975  O O   . HOH B 2 .   ? -14.907 -6.235  0.433   1.00 53.72 ? 197 HOH A O   1 
HETATM 976  O O   . HOH B 2 .   ? -13.351 -6.334  4.795   1.00 59.00 ? 198 HOH A O   1 
HETATM 977  O O   . HOH B 2 .   ? 13.184  16.424  -3.138  1.00 51.49 ? 199 HOH A O   1 
HETATM 978  O O   . HOH B 2 .   ? -11.771 -17.288 -0.028  1.00 50.31 ? 200 HOH A O   1 
HETATM 979  O O   . HOH B 2 .   ? 0.254   -6.185  16.364  1.00 50.12 ? 201 HOH A O   1 
HETATM 980  O O   . HOH B 2 .   ? 0.238   -8.523  12.598  1.00 49.66 ? 202 HOH A O   1 
HETATM 981  O O   . HOH B 2 .   ? -0.677  -14.041 4.827   1.00 60.00 ? 203 HOH A O   1 
HETATM 982  O O   . HOH B 2 .   ? 12.342  -4.238  -14.577 1.00 50.29 ? 204 HOH A O   1 
HETATM 983  O O   . HOH B 2 .   ? 11.275  16.688  -5.863  1.00 60.00 ? 205 HOH A O   1 
HETATM 984  O O   . HOH B 2 .   ? -7.016  -10.063 -9.146  1.00 47.98 ? 206 HOH A O   1 
HETATM 985  O O   . HOH B 2 .   ? 4.639   -10.761 -9.903  1.00 53.10 ? 207 HOH A O   1 
HETATM 986  O O   . HOH B 2 .   ? -7.602  4.272   11.001  1.00 42.63 ? 208 HOH A O   1 
HETATM 987  O O   . HOH B 2 .   ? 14.095  9.337   -5.487  1.00 54.19 ? 209 HOH A O   1 
HETATM 988  O O   . HOH B 2 .   ? 1.527   -14.876 1.065   1.00 50.64 ? 210 HOH A O   1 
HETATM 989  O O   . HOH B 2 .   ? 3.177   0.807   -14.238 1.00 43.33 ? 211 HOH A O   1 
HETATM 990  O O   . HOH B 2 .   ? 6.053   2.629   -12.715 1.00 51.67 ? 212 HOH A O   1 
HETATM 991  O O   . HOH B 2 .   ? 8.914   13.362  9.207   1.00 54.52 ? 213 HOH A O   1 
HETATM 992  O O   . HOH B 2 .   ? -7.941  18.738  6.801   1.00 50.61 ? 214 HOH A O   1 
HETATM 993  O O   . HOH B 2 .   ? -9.384  3.932   -10.192 1.00 51.48 ? 215 HOH A O   1 
HETATM 994  O O   . HOH B 2 .   ? -14.359 -15.231 0.954   1.00 58.45 ? 216 HOH A O   1 
HETATM 995  O O   . HOH B 2 .   ? -1.137  -8.031  -16.374 1.00 54.75 ? 217 HOH A O   1 
HETATM 996  O O   . HOH B 2 .   ? 10.027  5.328   -13.544 1.00 53.04 ? 218 HOH A O   1 
HETATM 997  O O   . HOH B 2 .   ? -0.799  -1.426  -15.440 1.00 43.92 ? 219 HOH A O   1 
HETATM 998  O O   . HOH B 2 .   ? -0.297  5.191   -13.775 1.00 52.36 ? 220 HOH A O   1 
HETATM 999  O O   . HOH B 2 .   ? -11.392 -7.724  10.516  1.00 55.30 ? 221 HOH A O   1 
HETATM 1000 O O   . HOH B 2 .   ? 1.363   -13.544 -2.056  1.00 60.00 ? 222 HOH A O   1 
HETATM 1001 O O   . HOH B 2 .   ? -3.444  2.292   14.564  1.00 56.18 ? 223 HOH A O   1 
HETATM 1002 O O   . HOH B 2 .   ? -10.570 -8.554  7.225   1.00 54.85 ? 224 HOH A O   1 
HETATM 1003 O O   . HOH B 2 .   ? -13.631 -10.877 1.283   1.00 60.00 ? 225 HOH A O   1 
HETATM 1004 O O   . HOH B 2 .   ? -12.571 9.741   -7.635  1.00 60.00 ? 226 HOH A O   1 
HETATM 1005 O O   . HOH B 2 .   ? -1.899  17.818  1.828   1.00 60.00 ? 227 HOH A O   1 
HETATM 1006 O O   . HOH B 2 .   ? -9.215  -6.180  15.835  1.00 60.00 ? 228 HOH A O   1 
HETATM 1007 O O   . HOH B 2 .   ? -15.041 -5.025  -5.682  1.00 50.85 ? 229 HOH A O   1 
HETATM 1008 O O   . HOH B 2 .   ? -16.956 -2.562  6.843   1.00 57.35 ? 230 HOH A O   1 
HETATM 1009 O O   . HOH B 2 .   ? 6.601   -11.684 5.445   1.00 60.00 ? 231 HOH A O   1 
HETATM 1010 O O   . HOH B 2 .   ? 3.352   -6.623  11.434  1.00 60.00 ? 232 HOH A O   1 
HETATM 1011 O O   . HOH B 2 .   ? -3.589  19.588  4.017   1.00 60.00 ? 233 HOH A O   1 
HETATM 1012 O O   . HOH B 2 .   ? -11.428 6.553   10.201  1.00 57.89 ? 234 HOH A O   1 
HETATM 1013 O O   . HOH B 2 .   ? 5.086   -12.616 7.285   1.00 59.38 ? 235 HOH A O   1 
HETATM 1014 O O   . HOH B 2 .   ? 10.925  10.410  1.483   1.00 60.00 ? 236 HOH A O   1 
HETATM 1015 O O   . HOH B 2 .   ? 10.215  3.861   13.433  1.00 60.00 ? 237 HOH A O   1 
HETATM 1016 O O   . HOH B 2 .   ? -7.857  -10.332 6.023   1.00 60.00 ? 238 HOH A O   1 
HETATM 1017 O O   . HOH B 2 .   ? -6.995  3.013   -9.325  1.00 51.32 ? 239 HOH A O   1 
# 
